data_7Y7R
#
_entry.id   7Y7R
#
_cell.length_a   101.366
_cell.length_b   122.165
_cell.length_c   114.921
_cell.angle_alpha   90.000
_cell.angle_beta   109.290
_cell.angle_gamma   90.000
#
_symmetry.space_group_name_H-M   'P 1 21 1'
#
loop_
_entity.id
_entity.type
_entity.pdbx_description
1 polymer 'RNA-dependent RNA polymerase'
2 polymer "DNA (5'-D(*GP*AP*AP*CP*TP*AP*CP*CP*GP*TP*CP*GP*GP*A)-3')"
3 polymer "RNA (5'-R(*UP*CP*CP*GP*AP*CP*G)-3')"
4 non-polymer DI(HYDROXYETHYL)ETHER
5 non-polymer 'CALCIUM ION'
6 non-polymer 'MAGNESIUM ION'
7 non-polymer "GUANOSINE-5'-TRIPHOSPHATE"
8 non-polymer GLYCEROL
9 water water
#
loop_
_entity_poly.entity_id
_entity_poly.type
_entity_poly.pdbx_seq_one_letter_code
_entity_poly.pdbx_strand_id
1 'polypeptide(L)'
;ARSEESARSQVQVHAPVVAARLRNIWPKFPKWLHEAPLAVAWEVTRLFMHCKVDLEDESLGLKYDPSWSTARDVTDIWKT
LYRLDAFRGKPFPEKPPNDVFVTAMTGNFESKGSAVVLSAVLDYNPDNSPTAPLYLVKLKPLMFEQGCRLTRRFGPDRFF
EILIPSPTSTSPSVPPVVSKQPGAVEEVIQWLTMGQHSLVGRQWRAFFAKDAGYRKPLREFQLRAEDPKPIIKERVHFFA
ETGITFRPDVFKTRSVVPAEEPVEQRTEFKVSQMLDWLLQLDNNTWQPHLKLFSRIQLGLSKTYAIMTLEPHQIRHHKTD
LLSPSGTGEVMNDGVGRMSRSVAKRIRDVLGLGDVPSAVQGRFGSAKGMWVIDVDDTGDEDWIETYPSQRKWECDFVDKH
QRTLEVRSVASELKSAGLNLQLLPVLEDRARDKVKMRQAIGDRLINDLQRQFSEQKHALNRPVEFRQWVYESYSSRATRV
SHGRVPFLAGLPDSQEETLNFLMNSGFDPKKQKYLQDIAWDLQKRKCDTLKSKLNIRVGRSAYIYMIADFWGVLEENEVH
VGFSSKFRDEEESFTLLSDCDVLVARSPAHFPSDIQRVRAVFKPELHSLKDVIIFSTKGDVPLAKKLSGGDYDGDMAWVC
WDPEIVDGFVNAEMPLEPDLSRYLKKDKTTFKQLMASHGTGSAAKEQTTYDMIQKSFHFALQPNFLGMCTNYKERLCYIN
NSVSNKPAIILSSLVGNLVDQSKQGIVFNEASWAQLRRELLGGALSLPDPMYKSDSWLGRGEPTHIIDYLKFSIARPAID
KELEAFHNAMKAAKDTEDGAHFWDPDLASYYTFFKEISDKSRSSALLFTTLKNRIGEVEKEYGRLVKNKEMRDSKDPYPV
RVNQVYEKWCAITPEAMDKSGANYDSKVIRLLELSFLADREMNTWALLRASTAFKLYYHKSPKFVWQMAGRQLAYIKAQM
TSRPGEGAPALMTAFMYAGLMPDKKFTKQYVARLEGDGSEYPDPEVYEVLGDDDFDGIGFTGNGDY
;
A,B
2 'polydeoxyribonucleotide' (DG)(DA)(DA)(DC)(DT)(DA)(DC)(DC)(DG)(DT)(DC)(DG)(DG)(DA) C,E,H
3 'polyribonucleotide' UCCGACG D,F,G
#
# COMPACT_ATOMS: atom_id res chain seq x y z
N ALA A 15 -49.28 -31.69 -22.52
CA ALA A 15 -49.97 -31.08 -21.39
C ALA A 15 -50.52 -29.71 -21.74
N PRO A 16 -51.67 -29.68 -22.41
CA PRO A 16 -52.24 -28.39 -22.86
C PRO A 16 -52.75 -27.52 -21.73
N VAL A 17 -52.84 -28.03 -20.50
CA VAL A 17 -53.20 -27.18 -19.37
C VAL A 17 -52.03 -26.24 -19.02
N VAL A 18 -50.79 -26.75 -19.11
CA VAL A 18 -49.63 -25.88 -18.95
C VAL A 18 -49.58 -24.86 -20.08
N ALA A 19 -49.81 -25.31 -21.32
CA ALA A 19 -49.74 -24.41 -22.46
C ALA A 19 -50.67 -23.22 -22.33
N ALA A 20 -51.80 -23.40 -21.65
CA ALA A 20 -52.73 -22.28 -21.44
C ALA A 20 -52.11 -21.21 -20.55
N ARG A 21 -51.41 -21.61 -19.49
CA ARG A 21 -50.77 -20.69 -18.57
C ARG A 21 -49.44 -20.15 -19.09
N LEU A 22 -49.14 -20.34 -20.37
CA LEU A 22 -47.88 -19.95 -20.97
C LEU A 22 -48.13 -19.09 -22.20
N ARG A 23 -49.16 -18.24 -22.15
CA ARG A 23 -49.55 -17.44 -23.29
C ARG A 23 -49.48 -15.94 -23.03
N ASN A 24 -49.49 -15.50 -21.79
CA ASN A 24 -49.39 -14.10 -21.44
C ASN A 24 -48.47 -13.93 -20.24
N ILE A 25 -47.23 -14.38 -20.39
CA ILE A 25 -46.22 -14.26 -19.35
C ILE A 25 -45.52 -12.90 -19.40
N TRP A 26 -45.21 -12.43 -20.57
CA TRP A 26 -44.45 -11.20 -20.67
C TRP A 26 -45.38 -9.99 -20.60
N PRO A 27 -44.88 -8.86 -20.07
CA PRO A 27 -45.69 -7.64 -20.05
C PRO A 27 -45.98 -7.16 -21.47
N LYS A 28 -47.21 -6.69 -21.68
CA LYS A 28 -47.63 -6.21 -22.98
C LYS A 28 -47.01 -4.84 -23.28
N PHE A 29 -46.67 -4.61 -24.55
CA PHE A 29 -46.09 -3.34 -24.99
C PHE A 29 -47.19 -2.48 -25.60
N PRO A 30 -47.68 -1.46 -24.90
CA PRO A 30 -48.80 -0.67 -25.43
C PRO A 30 -48.39 0.25 -26.57
N LYS A 31 -49.38 0.61 -27.39
CA LYS A 31 -49.13 1.44 -28.58
C LYS A 31 -48.64 2.84 -28.22
N TRP A 32 -48.98 3.31 -27.03
CA TRP A 32 -48.58 4.70 -26.64
C TRP A 32 -47.08 4.77 -26.35
N LEU A 33 -46.41 3.63 -26.16
CA LEU A 33 -44.97 3.62 -25.79
C LEU A 33 -44.11 3.21 -26.99
N HIS A 34 -44.68 3.06 -28.17
CA HIS A 34 -43.91 2.60 -29.36
C HIS A 34 -42.80 3.59 -29.70
N GLU A 35 -43.07 4.89 -29.56
CA GLU A 35 -42.08 5.95 -29.88
C GLU A 35 -40.90 5.88 -28.92
N ALA A 36 -41.12 5.31 -27.74
CA ALA A 36 -40.07 5.38 -26.69
C ALA A 36 -38.77 4.69 -27.06
N PRO A 37 -37.63 5.28 -26.67
CA PRO A 37 -36.35 4.62 -26.84
C PRO A 37 -36.44 3.39 -25.93
N LEU A 38 -35.65 2.36 -26.19
CA LEU A 38 -35.80 1.08 -25.44
C LEU A 38 -35.64 1.32 -23.94
N ALA A 39 -34.69 2.15 -23.54
CA ALA A 39 -34.47 2.40 -22.11
C ALA A 39 -35.74 2.98 -21.51
N VAL A 40 -36.43 3.82 -22.27
CA VAL A 40 -37.70 4.32 -21.74
C VAL A 40 -38.69 3.18 -21.58
N ALA A 41 -38.92 2.43 -22.67
CA ALA A 41 -39.87 1.31 -22.60
C ALA A 41 -39.54 0.40 -21.43
N TRP A 42 -38.25 0.15 -21.20
CA TRP A 42 -37.86 -0.76 -20.13
C TRP A 42 -38.22 -0.19 -18.76
N GLU A 43 -37.77 1.04 -18.47
CA GLU A 43 -37.95 1.57 -17.13
C GLU A 43 -39.38 2.04 -16.88
N VAL A 44 -40.10 2.47 -17.92
CA VAL A 44 -41.52 2.77 -17.75
C VAL A 44 -42.29 1.49 -17.45
N THR A 45 -42.04 0.44 -18.24
CA THR A 45 -42.69 -0.84 -18.00
C THR A 45 -42.43 -1.34 -16.57
N ARG A 46 -41.21 -1.14 -16.07
CA ARG A 46 -40.88 -1.60 -14.72
C ARG A 46 -41.77 -0.95 -13.67
N LEU A 47 -42.05 0.35 -13.81
CA LEU A 47 -42.91 1.02 -12.84
C LEU A 47 -44.32 0.46 -12.89
N PHE A 48 -44.92 0.38 -14.08
CA PHE A 48 -46.26 -0.18 -14.21
C PHE A 48 -46.34 -1.54 -13.53
N MET A 49 -45.34 -2.38 -13.76
CA MET A 49 -45.34 -3.70 -13.15
C MET A 49 -45.22 -3.61 -11.63
N HIS A 50 -44.37 -2.71 -11.15
CA HIS A 50 -44.13 -2.61 -9.71
C HIS A 50 -45.33 -2.00 -8.98
N CYS A 51 -45.99 -1.02 -9.61
CA CYS A 51 -47.12 -0.33 -9.00
C CYS A 51 -48.46 -0.99 -9.32
N LYS A 52 -48.45 -2.10 -10.06
CA LYS A 52 -49.66 -2.89 -10.30
C LYS A 52 -50.61 -2.17 -11.24
N VAL A 53 -50.10 -1.34 -12.13
CA VAL A 53 -50.93 -0.62 -13.09
C VAL A 53 -50.86 -1.34 -14.44
N ASP A 54 -52.03 -1.54 -15.05
CA ASP A 54 -52.09 -2.18 -16.35
C ASP A 54 -51.60 -1.24 -17.45
N LEU A 55 -50.63 -1.70 -18.23
CA LEU A 55 -50.05 -0.84 -19.25
C LEU A 55 -51.04 -0.50 -20.35
N GLU A 56 -52.10 -1.29 -20.51
CA GLU A 56 -53.14 -0.96 -21.47
C GLU A 56 -54.40 -0.44 -20.80
N ASP A 57 -54.30 0.01 -19.56
CA ASP A 57 -55.45 0.60 -18.87
C ASP A 57 -55.90 1.88 -19.57
N GLU A 58 -57.16 1.90 -20.03
CA GLU A 58 -57.71 3.03 -20.77
C GLU A 58 -58.21 4.16 -19.88
N SER A 59 -58.47 3.88 -18.60
CA SER A 59 -58.98 4.88 -17.68
C SER A 59 -57.97 5.99 -17.36
N LEU A 60 -56.69 5.78 -17.65
CA LEU A 60 -55.66 6.73 -17.24
C LEU A 60 -55.32 7.75 -18.32
N GLY A 61 -55.77 7.55 -19.56
CA GLY A 61 -55.47 8.48 -20.64
C GLY A 61 -53.98 8.61 -20.88
N LEU A 62 -53.29 7.49 -20.94
CA LEU A 62 -51.83 7.50 -21.06
C LEU A 62 -51.40 7.94 -22.46
N LYS A 63 -50.41 8.84 -22.51
CA LYS A 63 -49.78 9.27 -23.75
C LYS A 63 -48.28 9.45 -23.52
N TYR A 64 -47.51 9.33 -24.60
CA TYR A 64 -46.06 9.48 -24.48
C TYR A 64 -45.70 10.92 -24.12
N ASP A 65 -44.82 11.08 -23.13
CA ASP A 65 -44.34 12.43 -22.77
C ASP A 65 -43.07 12.69 -23.59
N PRO A 66 -43.02 13.74 -24.41
CA PRO A 66 -41.84 13.99 -25.26
C PRO A 66 -40.59 14.23 -24.40
N SER A 67 -40.77 14.64 -23.15
CA SER A 67 -39.65 14.88 -22.21
C SER A 67 -38.86 13.60 -21.97
N TRP A 68 -39.52 12.45 -22.01
CA TRP A 68 -38.87 11.14 -21.72
C TRP A 68 -37.73 10.87 -22.70
N SER A 69 -37.85 11.31 -23.95
CA SER A 69 -36.83 11.06 -24.99
C SER A 69 -35.51 11.75 -24.65
N THR A 70 -35.54 12.72 -23.74
CA THR A 70 -34.32 13.50 -23.40
C THR A 70 -33.95 13.31 -21.93
N ALA A 71 -34.68 12.48 -21.19
CA ALA A 71 -34.41 12.28 -19.77
C ALA A 71 -32.99 11.77 -19.54
N ARG A 72 -32.35 12.31 -18.50
CA ARG A 72 -31.03 11.86 -18.07
C ARG A 72 -31.08 11.24 -16.69
N ASP A 73 -32.27 11.19 -16.09
CA ASP A 73 -32.48 10.54 -14.81
C ASP A 73 -33.81 9.82 -14.88
N VAL A 74 -33.83 8.56 -14.45
CA VAL A 74 -35.06 7.79 -14.52
C VAL A 74 -36.12 8.41 -13.62
N THR A 75 -35.70 9.04 -12.51
CA THR A 75 -36.67 9.69 -11.63
C THR A 75 -37.50 10.72 -12.37
N ASP A 76 -36.89 11.39 -13.36
CA ASP A 76 -37.62 12.39 -14.13
C ASP A 76 -38.80 11.77 -14.86
N ILE A 77 -38.63 10.55 -15.36
CA ILE A 77 -39.72 9.89 -16.07
C ILE A 77 -40.79 9.43 -15.11
N TRP A 78 -40.39 8.78 -14.02
CA TRP A 78 -41.34 8.23 -13.07
C TRP A 78 -42.14 9.33 -12.38
N LYS A 79 -41.52 10.48 -12.14
CA LYS A 79 -42.24 11.63 -11.53
C LYS A 79 -43.48 11.97 -12.36
N THR A 80 -43.36 11.94 -13.68
CA THR A 80 -44.51 12.27 -14.56
C THR A 80 -45.65 11.28 -14.33
N LEU A 81 -45.34 9.99 -14.19
CA LEU A 81 -46.36 8.95 -13.92
C LEU A 81 -46.97 9.13 -12.54
N TYR A 82 -46.16 9.50 -11.54
CA TYR A 82 -46.65 9.63 -10.15
C TYR A 82 -47.61 10.80 -10.03
N ARG A 83 -47.61 11.72 -11.00
CA ARG A 83 -48.61 12.82 -10.99
C ARG A 83 -49.99 12.17 -11.10
N LEU A 84 -50.11 11.11 -11.90
CA LEU A 84 -51.39 10.36 -11.98
C LEU A 84 -51.63 9.70 -10.62
N ASP A 85 -52.88 9.68 -10.16
CA ASP A 85 -53.22 9.16 -8.82
C ASP A 85 -52.97 7.65 -8.74
N ALA A 86 -53.09 6.95 -9.85
CA ALA A 86 -52.93 5.48 -9.85
C ALA A 86 -51.56 5.09 -9.32
N PHE A 87 -50.52 5.85 -9.67
CA PHE A 87 -49.15 5.46 -9.27
C PHE A 87 -48.81 5.99 -7.87
N ARG A 88 -49.66 6.82 -7.28
CA ARG A 88 -49.26 7.43 -6.00
C ARG A 88 -49.48 6.40 -4.88
N LYS A 90 -47.43 3.94 -3.83
CA LYS A 90 -46.52 2.88 -3.33
C LYS A 90 -45.09 3.35 -3.60
N PRO A 91 -44.08 2.95 -2.80
CA PRO A 91 -42.73 3.43 -3.00
C PRO A 91 -42.21 3.00 -4.38
N PHE A 92 -41.44 3.86 -5.05
CA PHE A 92 -40.96 3.56 -6.41
C PHE A 92 -39.98 2.39 -6.37
N PRO A 93 -39.87 1.61 -7.46
CA PRO A 93 -38.94 0.48 -7.52
C PRO A 93 -37.49 0.94 -7.58
N GLU A 94 -36.55 0.03 -7.35
CA GLU A 94 -35.12 0.41 -7.34
C GLU A 94 -34.82 1.05 -8.68
N LYS A 95 -34.05 2.13 -8.65
CA LYS A 95 -33.84 2.90 -9.89
C LYS A 95 -32.52 2.58 -10.56
N PRO A 96 -32.41 2.57 -11.92
CA PRO A 96 -31.11 2.44 -12.57
C PRO A 96 -30.21 3.61 -12.19
N PRO A 97 -28.92 3.37 -11.96
CA PRO A 97 -27.99 4.50 -11.80
C PRO A 97 -28.05 5.42 -13.01
N ASN A 98 -27.72 6.70 -12.79
CA ASN A 98 -27.89 7.70 -13.85
C ASN A 98 -26.91 7.53 -14.99
N ASP A 99 -25.65 7.15 -14.70
CA ASP A 99 -24.69 6.94 -15.78
C ASP A 99 -25.11 5.76 -16.66
N VAL A 100 -25.68 4.71 -16.07
CA VAL A 100 -26.23 3.61 -16.85
C VAL A 100 -27.34 4.12 -17.78
N PHE A 101 -28.30 4.86 -17.21
CA PHE A 101 -29.43 5.31 -17.99
C PHE A 101 -28.98 6.21 -19.14
N VAL A 102 -28.11 7.18 -18.86
CA VAL A 102 -27.61 8.02 -19.93
C VAL A 102 -26.93 7.16 -20.99
N THR A 103 -26.15 6.16 -20.56
CA THR A 103 -25.50 5.29 -21.54
C THR A 103 -26.56 4.55 -22.36
N ALA A 104 -27.66 4.14 -21.74
CA ALA A 104 -28.72 3.47 -22.50
C ALA A 104 -29.42 4.42 -23.46
N MET A 105 -29.54 5.71 -23.09
CA MET A 105 -30.28 6.68 -23.90
C MET A 105 -29.43 7.26 -25.03
N THR A 106 -28.17 7.59 -24.77
CA THR A 106 -27.33 8.28 -25.74
C THR A 106 -26.04 7.54 -26.06
N GLY A 107 -25.68 6.52 -25.31
CA GLY A 107 -24.43 5.80 -25.49
C GLY A 107 -24.51 4.48 -26.23
N ASN A 108 -25.65 4.17 -26.86
CA ASN A 108 -25.81 2.92 -27.60
C ASN A 108 -25.51 1.69 -26.75
N PHE A 109 -25.79 1.77 -25.45
CA PHE A 109 -25.73 0.64 -24.51
C PHE A 109 -24.31 0.18 -24.17
N GLU A 110 -23.28 0.98 -24.51
CA GLU A 110 -21.90 0.62 -24.21
C GLU A 110 -21.13 1.85 -23.74
N SER A 111 -20.29 1.65 -22.72
CA SER A 111 -19.45 2.71 -22.17
C SER A 111 -18.17 2.08 -21.64
N LYS A 112 -17.04 2.36 -22.28
CA LYS A 112 -15.74 1.97 -21.74
C LYS A 112 -15.63 0.46 -21.51
N GLY A 113 -16.08 -0.33 -22.49
CA GLY A 113 -16.10 -1.77 -22.34
C GLY A 113 -17.26 -2.34 -21.53
N SER A 114 -18.06 -1.52 -20.86
CA SER A 114 -19.22 -2.00 -20.14
C SER A 114 -20.44 -2.02 -21.04
N ALA A 115 -21.30 -3.03 -20.83
CA ALA A 115 -22.55 -3.16 -21.56
C ALA A 115 -23.72 -2.94 -20.61
N VAL A 116 -24.76 -2.27 -21.10
CA VAL A 116 -26.03 -2.20 -20.39
C VAL A 116 -26.76 -3.52 -20.58
N VAL A 117 -27.25 -4.09 -19.48
CA VAL A 117 -27.78 -5.44 -19.47
C VAL A 117 -29.29 -5.40 -19.24
N LEU A 118 -30.02 -6.21 -20.01
CA LEU A 118 -31.45 -6.41 -19.84
C LEU A 118 -31.68 -7.78 -19.21
N SER A 119 -32.18 -7.80 -17.98
CA SER A 119 -32.34 -9.07 -17.27
C SER A 119 -33.67 -9.09 -16.52
N ALA A 120 -34.21 -10.30 -16.37
CA ALA A 120 -35.45 -10.52 -15.64
C ALA A 120 -35.29 -11.75 -14.75
N VAL A 121 -36.11 -11.78 -13.70
CA VAL A 121 -36.23 -12.94 -12.83
C VAL A 121 -37.66 -13.44 -12.89
N LEU A 122 -37.83 -14.74 -13.07
CA LEU A 122 -39.15 -15.37 -13.12
C LEU A 122 -39.30 -16.31 -11.93
N ASP A 123 -40.50 -16.29 -11.34
CA ASP A 123 -40.88 -17.23 -10.31
C ASP A 123 -42.27 -17.77 -10.62
N TYR A 124 -42.55 -18.96 -10.10
CA TYR A 124 -43.87 -19.56 -10.28
C TYR A 124 -44.94 -18.66 -9.66
N ASN A 125 -46.01 -18.42 -10.41
CA ASN A 125 -47.15 -17.67 -9.90
C ASN A 125 -47.82 -18.41 -8.74
N PRO A 126 -47.93 -17.82 -7.54
CA PRO A 126 -48.67 -18.50 -6.46
C PRO A 126 -50.12 -18.71 -6.81
N ASP A 127 -50.68 -17.87 -7.68
CA ASP A 127 -52.03 -18.07 -8.21
C ASP A 127 -52.05 -19.34 -9.07
N ASN A 128 -52.99 -20.22 -8.78
CA ASN A 128 -53.13 -21.46 -9.53
C ASN A 128 -54.37 -21.46 -10.42
N SER A 129 -54.83 -20.29 -10.82
CA SER A 129 -55.95 -20.21 -11.74
C SER A 129 -55.63 -20.94 -13.05
N PRO A 130 -56.57 -21.66 -13.65
CA PRO A 130 -56.30 -22.29 -14.96
C PRO A 130 -55.95 -21.30 -16.06
N THR A 131 -56.30 -20.03 -15.90
CA THR A 131 -56.04 -19.03 -16.93
C THR A 131 -54.95 -18.03 -16.52
N ALA A 132 -54.34 -18.21 -15.36
CA ALA A 132 -53.34 -17.32 -14.82
C ALA A 132 -51.98 -17.59 -15.45
N PRO A 133 -51.12 -16.57 -15.52
CA PRO A 133 -49.75 -16.78 -16.01
C PRO A 133 -48.98 -17.73 -15.13
N LEU A 134 -48.33 -18.72 -15.76
CA LEU A 134 -47.56 -19.70 -15.02
C LEU A 134 -46.48 -19.04 -14.18
N TYR A 135 -45.79 -18.06 -14.74
CA TYR A 135 -44.70 -17.34 -14.10
C TYR A 135 -45.07 -15.88 -13.88
N LEU A 136 -44.55 -15.31 -12.80
CA LEU A 136 -44.53 -13.86 -12.60
C LEU A 136 -43.17 -13.34 -13.01
N VAL A 137 -43.16 -12.19 -13.69
CA VAL A 137 -41.94 -11.58 -14.22
C VAL A 137 -41.58 -10.34 -13.40
N LYS A 138 -40.29 -10.17 -13.13
CA LYS A 138 -39.78 -8.92 -12.59
C LYS A 138 -38.62 -8.45 -13.46
N LEU A 139 -38.85 -7.45 -14.31
CA LEU A 139 -37.74 -6.84 -15.03
C LEU A 139 -36.76 -6.20 -14.05
N LYS A 140 -35.48 -6.51 -14.22
CA LYS A 140 -34.52 -5.86 -13.34
C LYS A 140 -34.13 -4.50 -13.90
N PRO A 141 -33.67 -3.58 -13.03
CA PRO A 141 -33.24 -2.26 -13.52
C PRO A 141 -32.04 -2.38 -14.42
N LEU A 142 -31.99 -1.52 -15.44
CA LEU A 142 -30.80 -1.44 -16.27
C LEU A 142 -29.56 -1.37 -15.38
N MET A 143 -28.51 -2.05 -15.82
CA MET A 143 -27.27 -2.13 -15.05
C MET A 143 -26.09 -2.23 -16.00
N PHE A 144 -24.90 -2.00 -15.46
CA PHE A 144 -23.64 -2.20 -16.17
C PHE A 144 -23.11 -3.59 -15.85
N GLU A 145 -22.66 -4.30 -16.87
CA GLU A 145 -21.81 -5.47 -16.71
C GLU A 145 -20.75 -5.40 -17.79
N GLN A 146 -19.62 -6.04 -17.55
CA GLN A 146 -18.59 -6.11 -18.57
C GLN A 146 -19.12 -6.73 -19.85
N GLY A 147 -18.69 -6.20 -21.00
CA GLY A 147 -19.13 -6.73 -22.27
C GLY A 147 -18.52 -8.08 -22.59
N CYS A 148 -18.96 -8.62 -23.72
CA CYS A 148 -18.48 -9.90 -24.24
C CYS A 148 -18.42 -9.80 -25.76
N ARG A 149 -17.77 -10.79 -26.38
CA ARG A 149 -17.64 -10.77 -27.83
C ARG A 149 -18.98 -10.61 -28.53
N LEU A 150 -20.02 -11.29 -28.05
CA LEU A 150 -21.29 -11.25 -28.75
C LEU A 150 -21.97 -9.88 -28.63
N THR A 151 -21.85 -9.24 -27.47
CA THR A 151 -22.47 -7.92 -27.33
C THR A 151 -21.65 -6.86 -28.07
N ARG A 152 -20.33 -7.02 -28.16
CA ARG A 152 -19.50 -6.11 -28.95
C ARG A 152 -19.79 -6.26 -30.44
N ARG A 153 -20.03 -7.49 -30.91
CA ARG A 153 -20.26 -7.66 -32.33
C ARG A 153 -21.67 -7.25 -32.76
N PHE A 154 -22.66 -7.36 -31.87
CA PHE A 154 -24.04 -7.13 -32.29
C PHE A 154 -24.79 -6.09 -31.46
N GLY A 155 -24.21 -5.62 -30.36
CA GLY A 155 -24.81 -4.55 -29.60
C GLY A 155 -25.55 -5.07 -28.39
N PRO A 156 -25.21 -4.54 -27.21
CA PRO A 156 -25.78 -5.10 -25.97
C PRO A 156 -27.30 -5.07 -25.94
N ASP A 157 -27.92 -4.17 -26.70
CA ASP A 157 -29.36 -3.99 -26.69
C ASP A 157 -30.09 -5.16 -27.31
N ARG A 158 -29.38 -6.07 -27.99
CA ARG A 158 -30.00 -7.22 -28.65
C ARG A 158 -29.92 -8.49 -27.82
N PHE A 159 -29.67 -8.38 -26.52
CA PHE A 159 -29.52 -9.54 -25.66
C PHE A 159 -30.34 -9.36 -24.39
N PHE A 160 -30.98 -10.45 -23.96
CA PHE A 160 -31.88 -10.46 -22.82
C PHE A 160 -31.67 -11.77 -22.09
N GLU A 161 -31.48 -11.72 -20.77
CA GLU A 161 -31.20 -12.91 -20.00
C GLU A 161 -32.16 -13.00 -18.82
N ILE A 162 -32.70 -14.20 -18.58
CA ILE A 162 -33.66 -14.40 -17.51
C ILE A 162 -33.14 -15.49 -16.60
N LEU A 163 -33.60 -15.46 -15.36
CA LEU A 163 -33.55 -16.60 -14.47
C LEU A 163 -34.95 -17.19 -14.42
N ILE A 164 -35.04 -18.50 -14.64
CA ILE A 164 -36.34 -19.18 -14.72
C ILE A 164 -36.26 -20.48 -13.96
N PRO A 165 -37.31 -20.86 -13.22
CA PRO A 165 -37.29 -22.16 -12.54
C PRO A 165 -37.12 -23.30 -13.53
N SER A 166 -36.27 -24.24 -13.18
CA SER A 166 -36.09 -25.41 -14.04
C SER A 166 -37.34 -26.26 -14.03
N PRO A 167 -37.98 -26.50 -15.18
CA PRO A 167 -39.22 -27.30 -15.18
C PRO A 167 -39.04 -28.72 -14.69
N THR A 168 -37.81 -29.23 -14.61
CA THR A 168 -37.56 -30.56 -14.06
C THR A 168 -37.27 -30.55 -12.57
N SER A 169 -37.64 -29.48 -11.88
CA SER A 169 -37.45 -29.42 -10.43
C SER A 169 -38.38 -30.43 -9.76
N THR A 170 -37.85 -31.11 -8.76
CA THR A 170 -38.65 -31.98 -7.92
C THR A 170 -39.01 -31.38 -6.56
N SER A 171 -38.77 -30.09 -6.35
CA SER A 171 -39.03 -29.51 -5.04
C SER A 171 -40.53 -29.56 -4.71
N PRO A 172 -40.91 -29.73 -3.42
CA PRO A 172 -42.35 -29.70 -3.09
C PRO A 172 -43.07 -28.43 -3.57
N SER A 173 -42.36 -27.30 -3.71
CA SER A 173 -42.94 -26.00 -4.04
C SER A 173 -43.45 -25.86 -5.47
N VAL A 174 -43.21 -26.86 -6.31
CA VAL A 174 -43.61 -26.76 -7.72
C VAL A 174 -45.13 -26.88 -7.81
N PRO A 175 -45.79 -26.00 -8.53
CA PRO A 175 -47.22 -26.11 -8.68
C PRO A 175 -47.60 -27.42 -9.36
N PRO A 176 -48.89 -27.80 -9.29
CA PRO A 176 -49.29 -29.09 -9.85
C PRO A 176 -49.40 -29.23 -11.37
N VAL A 177 -49.81 -28.14 -11.99
CA VAL A 177 -50.04 -28.04 -13.42
C VAL A 177 -48.79 -28.47 -14.18
N VAL A 178 -47.62 -28.39 -13.53
CA VAL A 178 -46.37 -28.89 -14.08
C VAL A 178 -45.95 -30.19 -13.40
N SER A 179 -46.00 -30.23 -12.07
CA SER A 179 -45.54 -31.42 -11.35
C SER A 179 -46.39 -32.65 -11.63
N LYS A 180 -47.69 -32.47 -11.86
CA LYS A 180 -48.60 -33.58 -12.12
C LYS A 180 -48.85 -33.85 -13.59
N GLN A 181 -48.32 -33.01 -14.49
CA GLN A 181 -48.52 -33.19 -15.92
C GLN A 181 -47.26 -33.75 -16.55
N GLY A 183 -46.34 -34.04 -19.70
CA GLY A 183 -45.90 -33.20 -20.82
C GLY A 183 -45.59 -31.76 -20.48
N ALA A 184 -45.48 -31.40 -19.19
CA ALA A 184 -45.19 -30.01 -18.85
C ALA A 184 -43.76 -29.63 -19.20
N VAL A 185 -42.80 -30.52 -18.91
CA VAL A 185 -41.41 -30.19 -19.22
C VAL A 185 -41.23 -29.96 -20.71
N GLU A 186 -41.86 -30.80 -21.53
CA GLU A 186 -41.74 -30.60 -22.98
C GLU A 186 -42.41 -29.31 -23.43
N GLU A 187 -43.50 -28.92 -22.77
CA GLU A 187 -44.23 -27.74 -23.18
C GLU A 187 -43.50 -26.46 -22.78
N VAL A 188 -42.89 -26.44 -21.59
CA VAL A 188 -42.10 -25.29 -21.17
C VAL A 188 -40.89 -25.12 -22.08
N ILE A 189 -40.13 -26.20 -22.30
CA ILE A 189 -38.98 -26.11 -23.19
C ILE A 189 -39.41 -25.59 -24.54
N GLN A 190 -40.53 -26.09 -25.06
CA GLN A 190 -41.02 -25.62 -26.35
C GLN A 190 -41.39 -24.15 -26.30
N TRP A 191 -41.98 -23.71 -25.19
CA TRP A 191 -42.26 -22.29 -25.02
C TRP A 191 -40.97 -21.47 -25.15
N LEU A 192 -39.90 -21.92 -24.48
CA LEU A 192 -38.63 -21.18 -24.49
C LEU A 192 -38.02 -21.11 -25.88
N THR A 193 -38.00 -22.23 -26.61
CA THR A 193 -37.19 -22.37 -27.82
C THR A 193 -37.98 -22.40 -29.12
N MET A 194 -39.30 -22.59 -29.08
CA MET A 194 -40.04 -22.83 -30.31
C MET A 194 -40.11 -21.57 -31.18
N GLY A 195 -40.41 -20.42 -30.58
CA GLY A 195 -40.57 -19.18 -31.32
C GLY A 195 -40.15 -17.92 -30.59
N GLN A 196 -40.48 -16.77 -31.15
CA GLN A 196 -40.07 -15.49 -30.58
C GLN A 196 -40.97 -15.08 -29.41
N HIS A 197 -40.37 -14.41 -28.43
CA HIS A 197 -41.06 -13.81 -27.31
C HIS A 197 -41.04 -12.29 -27.46
N SER A 198 -42.22 -11.66 -27.39
CA SER A 198 -42.33 -10.22 -27.54
C SER A 198 -42.10 -9.52 -26.21
N LEU A 199 -41.25 -8.49 -26.23
CA LEU A 199 -40.91 -7.76 -25.01
C LEU A 199 -40.30 -6.43 -25.42
N VAL A 200 -40.78 -5.34 -24.79
CA VAL A 200 -40.34 -3.97 -25.05
C VAL A 200 -40.08 -3.74 -26.53
N GLY A 201 -41.08 -4.04 -27.36
CA GLY A 201 -40.98 -3.73 -28.77
C GLY A 201 -40.11 -4.65 -29.58
N ARG A 202 -39.55 -5.70 -28.99
CA ARG A 202 -38.58 -6.56 -29.67
C ARG A 202 -39.01 -8.02 -29.60
N GLN A 203 -38.65 -8.77 -30.64
CA GLN A 203 -38.88 -10.20 -30.71
C GLN A 203 -37.61 -10.93 -30.26
N TRP A 204 -37.70 -11.67 -29.16
CA TRP A 204 -36.55 -12.34 -28.57
C TRP A 204 -36.60 -13.83 -28.86
N ARG A 205 -35.47 -14.41 -29.27
CA ARG A 205 -35.38 -15.85 -29.53
C ARG A 205 -34.28 -16.45 -28.66
N ALA A 206 -34.62 -17.51 -27.93
CA ALA A 206 -33.63 -18.16 -27.08
C ALA A 206 -32.51 -18.77 -27.91
N PHE A 207 -31.30 -18.77 -27.35
CA PHE A 207 -30.19 -19.39 -28.04
C PHE A 207 -29.18 -20.03 -27.09
N PHE A 208 -29.32 -19.82 -25.79
CA PHE A 208 -28.39 -20.49 -24.88
C PHE A 208 -29.02 -20.64 -23.51
N ALA A 209 -28.54 -21.64 -22.76
CA ALA A 209 -29.07 -21.89 -21.43
C ALA A 209 -28.00 -22.54 -20.58
N LYS A 210 -27.91 -22.14 -19.31
CA LYS A 210 -26.98 -22.81 -18.40
C LYS A 210 -27.57 -22.79 -17.00
N ASP A 211 -27.10 -23.74 -16.18
CA ASP A 211 -27.58 -23.86 -14.80
C ASP A 211 -27.18 -22.63 -13.98
N ALA A 212 -28.16 -22.02 -13.32
CA ALA A 212 -27.91 -20.89 -12.43
C ALA A 212 -28.06 -21.28 -10.95
N GLY A 213 -28.10 -22.58 -10.64
CA GLY A 213 -28.09 -23.05 -9.28
C GLY A 213 -29.39 -22.80 -8.53
N TYR A 214 -29.35 -23.04 -7.22
CA TYR A 214 -30.56 -22.90 -6.38
C TYR A 214 -30.76 -21.42 -6.01
N ARG A 215 -31.94 -20.90 -6.30
CA ARG A 215 -32.22 -19.46 -6.02
C ARG A 215 -33.49 -19.35 -5.18
N LYS A 216 -33.48 -18.45 -4.21
CA LYS A 216 -34.69 -18.20 -3.39
C LYS A 216 -35.70 -17.46 -4.26
N PRO A 217 -36.99 -17.81 -4.21
CA PRO A 217 -38.02 -17.07 -4.92
C PRO A 217 -38.12 -15.64 -4.37
N LEU A 218 -38.40 -14.66 -5.23
CA LEU A 218 -38.45 -13.25 -4.79
C LEU A 218 -39.58 -13.05 -3.77
N ARG A 219 -39.31 -12.26 -2.73
CA ARG A 219 -40.32 -11.99 -1.67
C ARG A 219 -41.53 -11.26 -2.26
N GLU A 220 -41.30 -10.38 -3.23
CA GLU A 220 -42.42 -9.58 -3.79
C GLU A 220 -43.48 -10.51 -4.35
N PHE A 221 -43.06 -11.58 -5.02
CA PHE A 221 -44.04 -12.50 -5.65
C PHE A 221 -44.67 -13.40 -4.57
N LYS A 229 -38.55 -21.01 -0.18
CA LYS A 229 -38.09 -22.35 -0.57
C LYS A 229 -37.26 -22.31 -1.85
N PRO A 230 -35.96 -22.57 -1.72
CA PRO A 230 -35.09 -22.49 -2.90
C PRO A 230 -35.49 -23.48 -3.98
N ILE A 231 -35.35 -23.05 -5.25
CA ILE A 231 -35.60 -23.88 -6.42
C ILE A 231 -34.43 -23.73 -7.39
N ILE A 232 -34.15 -24.79 -8.14
CA ILE A 232 -33.14 -24.71 -9.17
C ILE A 232 -33.66 -23.83 -10.31
N LYS A 233 -32.87 -22.82 -10.67
CA LYS A 233 -33.22 -21.91 -11.75
C LYS A 233 -32.20 -22.06 -12.87
N GLU A 234 -32.66 -21.81 -14.09
CA GLU A 234 -31.80 -21.81 -15.26
C GLU A 234 -31.64 -20.39 -15.75
N ARG A 235 -30.44 -20.08 -16.23
CA ARG A 235 -30.19 -18.84 -16.95
C ARG A 235 -30.37 -19.09 -18.44
N VAL A 236 -31.25 -18.31 -19.07
CA VAL A 236 -31.57 -18.45 -20.48
C VAL A 236 -31.32 -17.13 -21.16
N HIS A 237 -30.64 -17.18 -22.31
CA HIS A 237 -30.24 -16.00 -23.06
C HIS A 237 -31.03 -15.92 -24.36
N PHE A 238 -31.61 -14.76 -24.62
CA PHE A 238 -32.35 -14.49 -25.84
C PHE A 238 -31.61 -13.45 -26.66
N PHE A 239 -31.69 -13.61 -27.99
CA PHE A 239 -31.21 -12.63 -28.95
C PHE A 239 -32.40 -11.95 -29.59
N ALA A 240 -32.34 -10.62 -29.73
CA ALA A 240 -33.42 -9.86 -30.38
C ALA A 240 -33.26 -9.98 -31.89
N GLU A 241 -34.11 -10.81 -32.51
CA GLU A 241 -34.00 -11.05 -33.95
C GLU A 241 -34.64 -9.96 -34.77
N THR A 242 -35.60 -9.25 -34.19
CA THR A 242 -36.27 -8.16 -34.89
C THR A 242 -37.07 -7.37 -33.87
N GLY A 243 -37.79 -6.36 -34.35
CA GLY A 243 -38.52 -5.45 -33.50
C GLY A 243 -39.15 -4.36 -34.33
N ILE A 244 -39.96 -3.53 -33.66
CA ILE A 244 -40.74 -2.51 -34.36
C ILE A 244 -39.82 -1.59 -35.15
N THR A 245 -38.74 -1.14 -34.52
CA THR A 245 -37.79 -0.21 -35.10
C THR A 245 -36.73 -0.91 -35.97
N PHE A 246 -36.79 -2.24 -36.10
CA PHE A 246 -35.78 -2.94 -36.88
C PHE A 246 -36.07 -2.79 -38.37
N ARG A 247 -35.01 -2.96 -39.17
CA ARG A 247 -35.08 -2.80 -40.61
C ARG A 247 -34.76 -4.12 -41.30
N PRO A 248 -35.54 -4.54 -42.30
CA PRO A 248 -35.18 -5.72 -43.07
C PRO A 248 -33.88 -5.50 -43.82
N ASP A 249 -33.18 -6.61 -44.10
CA ASP A 249 -31.92 -6.54 -44.85
C ASP A 249 -32.17 -6.37 -46.35
N GLU A 261 -24.02 0.51 -36.16
CA GLU A 261 -25.45 0.82 -36.12
C GLU A 261 -25.88 1.43 -34.78
N PRO A 262 -26.92 2.25 -34.80
CA PRO A 262 -27.52 2.71 -33.56
C PRO A 262 -28.52 1.67 -33.02
N VAL A 263 -28.72 1.73 -31.71
CA VAL A 263 -29.58 0.73 -31.06
C VAL A 263 -30.97 0.75 -31.67
N GLU A 264 -31.45 1.93 -32.10
CA GLU A 264 -32.82 2.02 -32.59
C GLU A 264 -32.93 1.55 -34.04
N GLN A 265 -32.00 1.95 -34.90
CA GLN A 265 -32.01 1.51 -36.30
C GLN A 265 -31.13 0.26 -36.42
N ARG A 266 -31.74 -0.90 -36.18
CA ARG A 266 -31.04 -2.18 -36.26
C ARG A 266 -31.64 -3.03 -37.38
N THR A 267 -30.82 -3.91 -37.92
CA THR A 267 -31.23 -4.77 -39.03
C THR A 267 -31.65 -6.13 -38.49
N GLU A 268 -32.70 -6.70 -39.08
CA GLU A 268 -33.16 -8.02 -38.71
C GLU A 268 -32.01 -9.01 -38.81
N PHE A 269 -31.98 -9.97 -37.87
CA PHE A 269 -30.94 -10.99 -37.86
C PHE A 269 -31.44 -12.17 -37.03
N LYS A 270 -31.28 -13.38 -37.56
CA LYS A 270 -31.79 -14.58 -36.91
C LYS A 270 -30.75 -15.16 -35.96
N VAL A 271 -31.25 -15.81 -34.90
CA VAL A 271 -30.35 -16.49 -33.99
C VAL A 271 -29.46 -17.48 -34.74
N SER A 272 -30.06 -18.24 -35.66
CA SER A 272 -29.29 -19.19 -36.47
C SER A 272 -28.10 -18.51 -37.14
N GLN A 273 -28.28 -17.27 -37.62
CA GLN A 273 -27.18 -16.55 -38.27
C GLN A 273 -26.15 -16.09 -37.25
N MET A 274 -26.62 -15.60 -36.10
CA MET A 274 -25.68 -15.13 -35.10
C MET A 274 -24.79 -16.27 -34.61
N LEU A 275 -25.35 -17.47 -34.48
CA LEU A 275 -24.54 -18.60 -34.06
C LEU A 275 -23.57 -19.02 -35.15
N ASP A 276 -24.02 -19.02 -36.41
CA ASP A 276 -23.12 -19.33 -37.50
C ASP A 276 -21.95 -18.35 -37.54
N TRP A 277 -22.20 -17.08 -37.25
CA TRP A 277 -21.10 -16.12 -37.20
C TRP A 277 -20.09 -16.50 -36.12
N LEU A 278 -20.59 -16.99 -34.99
CA LEU A 278 -19.71 -17.26 -33.86
C LEU A 278 -18.93 -18.55 -34.10
N LEU A 279 -19.62 -19.60 -34.54
CA LEU A 279 -19.07 -20.94 -34.58
C LEU A 279 -18.64 -21.41 -35.96
N GLN A 280 -19.00 -20.67 -37.02
N GLN A 280 -18.99 -20.67 -37.02
CA GLN A 280 -18.70 -21.07 -38.40
CA GLN A 280 -18.70 -21.08 -38.39
C GLN A 280 -19.08 -22.54 -38.63
C GLN A 280 -19.08 -22.55 -38.60
N LEU A 281 -20.40 -22.78 -38.56
CA LEU A 281 -20.92 -24.13 -38.48
C LEU A 281 -20.51 -25.00 -39.67
N ASP A 282 -20.43 -24.43 -40.88
CA ASP A 282 -20.06 -25.21 -42.05
C ASP A 282 -18.81 -26.04 -41.80
N ASN A 283 -17.86 -25.48 -41.04
CA ASN A 283 -16.57 -26.13 -40.81
C ASN A 283 -16.54 -26.93 -39.52
N ASN A 284 -17.69 -27.10 -38.86
CA ASN A 284 -17.73 -27.79 -37.58
C ASN A 284 -18.86 -28.80 -37.48
N THR A 285 -19.40 -29.30 -38.60
CA THR A 285 -20.47 -30.28 -38.52
C THR A 285 -20.00 -31.60 -37.91
N TRP A 286 -18.69 -31.85 -37.92
CA TRP A 286 -18.13 -33.05 -37.31
C TRP A 286 -18.23 -33.04 -35.79
N GLN A 287 -18.54 -31.89 -35.15
CA GLN A 287 -18.52 -31.82 -33.69
C GLN A 287 -19.82 -32.39 -33.12
N PRO A 288 -19.77 -33.12 -32.00
CA PRO A 288 -21.01 -33.44 -31.29
C PRO A 288 -21.81 -32.17 -31.03
N HIS A 289 -23.10 -32.21 -31.35
CA HIS A 289 -23.81 -30.94 -31.32
C HIS A 289 -23.93 -30.41 -29.89
N LEU A 290 -23.98 -31.28 -28.88
CA LEU A 290 -24.06 -30.76 -27.52
C LEU A 290 -22.76 -30.04 -27.15
N LYS A 291 -21.60 -30.57 -27.57
CA LYS A 291 -20.35 -29.88 -27.30
C LYS A 291 -20.29 -28.53 -28.03
N LEU A 292 -20.69 -28.52 -29.31
CA LEU A 292 -20.78 -27.28 -30.07
C LEU A 292 -21.64 -26.25 -29.36
N PHE A 293 -22.80 -26.68 -28.86
CA PHE A 293 -23.67 -25.78 -28.12
C PHE A 293 -22.94 -25.19 -26.92
N SER A 294 -22.16 -26.02 -26.21
CA SER A 294 -21.52 -25.49 -25.01
C SER A 294 -20.45 -24.45 -25.32
N ARG A 295 -19.88 -24.44 -26.54
CA ARG A 295 -18.91 -23.40 -26.87
C ARG A 295 -19.56 -22.03 -27.05
N ILE A 296 -20.88 -21.93 -27.08
CA ILE A 296 -21.51 -20.60 -27.16
C ILE A 296 -21.09 -19.76 -25.98
N GLN A 297 -20.75 -20.39 -24.86
CA GLN A 297 -20.31 -19.64 -23.69
C GLN A 297 -19.11 -18.77 -24.00
N LEU A 298 -18.27 -19.17 -24.96
CA LEU A 298 -17.09 -18.38 -25.30
C LEU A 298 -17.47 -17.02 -25.85
N GLY A 299 -18.53 -16.95 -26.66
CA GLY A 299 -19.02 -15.67 -27.13
C GLY A 299 -19.63 -14.82 -26.04
N LEU A 300 -20.08 -15.43 -24.95
CA LEU A 300 -20.68 -14.68 -23.85
C LEU A 300 -19.70 -14.41 -22.72
N SER A 301 -18.48 -14.93 -22.81
CA SER A 301 -17.53 -14.75 -21.72
C SER A 301 -17.25 -13.27 -21.53
N LYS A 302 -17.34 -12.80 -20.29
CA LYS A 302 -17.13 -11.40 -19.98
C LYS A 302 -15.64 -11.11 -20.05
N THR A 303 -15.24 -10.19 -20.94
CA THR A 303 -13.82 -10.00 -21.27
C THR A 303 -13.59 -8.54 -21.62
N TYR A 304 -12.32 -8.13 -21.52
CA TYR A 304 -11.90 -6.82 -22.01
C TYR A 304 -11.23 -7.01 -23.36
N ALA A 305 -11.74 -6.33 -24.39
CA ALA A 305 -11.12 -6.34 -25.70
C ALA A 305 -9.82 -5.53 -25.65
N ILE A 306 -8.70 -6.18 -25.96
CA ILE A 306 -7.41 -5.50 -25.90
C ILE A 306 -7.07 -4.90 -27.26
N MET A 307 -6.91 -5.75 -28.27
CA MET A 307 -6.38 -5.29 -29.54
C MET A 307 -6.79 -6.29 -30.60
N THR A 308 -6.64 -5.87 -31.85
CA THR A 308 -6.96 -6.70 -33.00
C THR A 308 -5.68 -6.95 -33.75
N LEU A 309 -5.26 -8.21 -33.81
CA LEU A 309 -4.05 -8.58 -34.52
C LEU A 309 -4.37 -8.82 -35.99
N GLU A 310 -3.36 -8.58 -36.86
CA GLU A 310 -3.52 -8.83 -38.28
C GLU A 310 -3.26 -10.29 -38.59
N PRO A 311 -3.85 -10.81 -39.67
CA PRO A 311 -3.59 -12.21 -40.02
C PRO A 311 -2.14 -12.63 -39.99
N HIS A 312 -1.22 -11.77 -40.45
CA HIS A 312 0.18 -12.16 -40.50
C HIS A 312 0.87 -12.12 -39.15
N GLN A 313 0.19 -11.62 -38.12
CA GLN A 313 0.71 -11.64 -36.75
C GLN A 313 0.23 -12.84 -35.95
N ILE A 314 -0.44 -13.82 -36.57
CA ILE A 314 -1.05 -14.92 -35.83
C ILE A 314 -0.44 -16.23 -36.29
N ARG A 315 0.17 -16.95 -35.36
CA ARG A 315 0.83 -18.22 -35.67
C ARG A 315 -0.06 -19.35 -35.17
N HIS A 316 -0.83 -19.96 -36.07
CA HIS A 316 -1.64 -21.13 -35.74
C HIS A 316 -0.75 -22.37 -35.84
N HIS A 317 -0.41 -22.96 -34.69
CA HIS A 317 0.29 -24.23 -34.67
C HIS A 317 -0.67 -25.37 -35.03
N LYS A 318 -0.15 -26.36 -35.73
CA LYS A 318 -0.95 -27.53 -36.07
C LYS A 318 -0.79 -28.65 -35.06
N THR A 319 0.22 -28.58 -34.21
CA THR A 319 0.43 -29.64 -33.23
C THR A 319 0.72 -29.01 -31.88
N ASP A 320 0.26 -29.67 -30.82
CA ASP A 320 0.62 -29.24 -29.48
C ASP A 320 2.02 -29.72 -29.16
N LEU A 321 2.62 -29.14 -28.12
CA LEU A 321 3.80 -29.76 -27.54
C LEU A 321 3.42 -31.13 -27.01
N LEU A 322 4.14 -32.17 -27.45
CA LEU A 322 3.85 -33.54 -27.05
C LEU A 322 4.93 -34.09 -26.13
N SER A 323 4.54 -35.09 -25.32
CA SER A 323 5.47 -35.75 -24.43
C SER A 323 6.74 -36.16 -25.17
N PRO A 324 7.93 -35.90 -24.62
CA PRO A 324 9.15 -36.36 -25.29
C PRO A 324 9.31 -37.86 -25.25
N SER A 325 8.57 -38.55 -24.38
CA SER A 325 8.64 -39.99 -24.27
C SER A 325 7.69 -40.71 -25.23
N GLY A 326 7.10 -39.98 -26.18
CA GLY A 326 6.29 -40.60 -27.21
C GLY A 326 4.90 -41.05 -26.79
N THR A 327 4.49 -40.80 -25.54
CA THR A 327 3.15 -41.19 -25.11
C THR A 327 2.03 -40.52 -25.90
N GLY A 328 2.36 -39.57 -26.78
CA GLY A 328 1.34 -38.77 -27.43
C GLY A 328 0.68 -37.72 -26.55
N GLU A 329 0.98 -37.71 -25.26
CA GLU A 329 0.31 -36.82 -24.32
C GLU A 329 0.64 -35.36 -24.62
N VAL A 330 -0.37 -34.50 -24.50
CA VAL A 330 -0.19 -33.08 -24.76
C VAL A 330 0.32 -32.38 -23.49
N MET A 331 1.42 -31.65 -23.64
CA MET A 331 2.10 -31.07 -22.49
C MET A 331 1.87 -29.58 -22.29
N ASN A 332 1.17 -28.90 -23.20
CA ASN A 332 0.86 -27.48 -23.03
C ASN A 332 -0.62 -27.23 -23.27
N ASP A 333 -1.46 -28.18 -22.86
CA ASP A 333 -2.89 -28.12 -23.08
C ASP A 333 -3.47 -26.78 -22.65
N GLY A 334 -3.86 -25.94 -23.61
CA GLY A 334 -4.54 -24.68 -23.35
C GLY A 334 -3.68 -23.43 -23.23
N VAL A 335 -2.35 -23.53 -23.33
CA VAL A 335 -1.50 -22.36 -23.15
C VAL A 335 -0.63 -22.14 -24.39
N GLY A 336 -0.49 -20.87 -24.79
CA GLY A 336 0.43 -20.46 -25.84
C GLY A 336 1.16 -19.19 -25.48
N ARG A 337 2.08 -18.80 -26.37
CA ARG A 337 2.91 -17.62 -26.19
C ARG A 337 2.34 -16.42 -26.95
N MET A 338 2.54 -15.24 -26.38
CA MET A 338 2.28 -13.97 -27.02
C MET A 338 3.57 -13.14 -27.01
N SER A 339 3.66 -12.17 -27.91
CA SER A 339 4.82 -11.31 -27.96
C SER A 339 4.85 -10.36 -26.78
N ARG A 340 6.06 -9.86 -26.49
CA ARG A 340 6.21 -8.91 -25.39
C ARG A 340 5.47 -7.62 -25.67
N SER A 341 5.32 -7.24 -26.94
CA SER A 341 4.57 -6.02 -27.24
C SER A 341 3.08 -6.23 -26.99
N VAL A 342 2.58 -7.44 -27.20
CA VAL A 342 1.17 -7.73 -26.92
C VAL A 342 0.90 -7.59 -25.44
N ALA A 343 1.77 -8.19 -24.62
CA ALA A 343 1.69 -7.99 -23.17
C ALA A 343 1.69 -6.51 -22.81
N LYS A 344 2.53 -5.70 -23.47
CA LYS A 344 2.58 -4.28 -23.12
C LYS A 344 1.25 -3.61 -23.42
N ARG A 345 0.67 -3.94 -24.58
CA ARG A 345 -0.64 -3.38 -24.91
C ARG A 345 -1.68 -3.76 -23.86
N ILE A 346 -1.65 -5.00 -23.37
CA ILE A 346 -2.60 -5.39 -22.33
C ILE A 346 -2.45 -4.46 -21.13
N ARG A 347 -1.22 -4.30 -20.64
CA ARG A 347 -0.98 -3.39 -19.53
C ARG A 347 -1.54 -2.00 -19.82
N ASP A 348 -1.31 -1.50 -21.04
CA ASP A 348 -1.76 -0.16 -21.40
C ASP A 348 -3.28 -0.08 -21.39
N VAL A 349 -3.93 -0.99 -22.12
CA VAL A 349 -5.37 -0.94 -22.25
C VAL A 349 -6.05 -1.07 -20.88
N LEU A 350 -5.55 -1.95 -20.02
CA LEU A 350 -6.19 -2.19 -18.73
C LEU A 350 -5.65 -1.30 -17.61
N GLY A 351 -4.60 -0.53 -17.86
CA GLY A 351 -4.09 0.35 -16.82
C GLY A 351 -3.37 -0.36 -15.70
N LEU A 352 -2.61 -1.39 -16.02
CA LEU A 352 -1.94 -2.17 -14.99
C LEU A 352 -0.63 -1.50 -14.58
N GLY A 353 -0.17 -1.84 -13.38
CA GLY A 353 1.09 -1.28 -12.91
C GLY A 353 2.27 -1.73 -13.75
N ASP A 354 2.37 -3.04 -13.96
N ASP A 354 2.41 -3.04 -13.94
CA ASP A 354 3.45 -3.63 -14.72
CA ASP A 354 3.48 -3.56 -14.77
C ASP A 354 2.87 -4.45 -15.87
C ASP A 354 2.88 -4.45 -15.85
N VAL A 355 3.75 -4.96 -16.70
CA VAL A 355 3.33 -5.82 -17.80
C VAL A 355 3.09 -7.23 -17.25
N PRO A 356 1.94 -7.84 -17.50
CA PRO A 356 1.66 -9.15 -16.89
C PRO A 356 2.33 -10.27 -17.66
N SER A 357 2.86 -11.25 -16.93
CA SER A 357 3.53 -12.34 -17.59
C SER A 357 2.54 -13.23 -18.34
N ALA A 358 1.28 -13.24 -17.91
CA ALA A 358 0.32 -14.21 -18.44
C ALA A 358 -1.08 -13.69 -18.22
N VAL A 359 -1.96 -14.00 -19.16
CA VAL A 359 -3.35 -13.58 -19.10
C VAL A 359 -4.23 -14.78 -19.44
N GLN A 360 -5.44 -14.79 -18.88
CA GLN A 360 -6.46 -15.74 -19.31
C GLN A 360 -7.38 -15.03 -20.29
N GLY A 361 -7.59 -15.63 -21.45
CA GLY A 361 -8.32 -14.89 -22.45
C GLY A 361 -9.00 -15.77 -23.47
N ARG A 362 -9.46 -15.10 -24.53
CA ARG A 362 -10.06 -15.74 -25.68
C ARG A 362 -9.58 -15.00 -26.93
N PHE A 363 -9.53 -15.72 -28.03
CA PHE A 363 -9.00 -15.18 -29.27
C PHE A 363 -9.57 -16.06 -30.38
N GLY A 364 -10.55 -15.54 -31.11
CA GLY A 364 -11.27 -16.37 -32.06
C GLY A 364 -11.79 -17.64 -31.39
N SER A 365 -11.48 -18.80 -31.97
CA SER A 365 -11.91 -20.05 -31.37
C SER A 365 -11.03 -20.50 -30.21
N ALA A 366 -9.91 -19.80 -29.94
CA ALA A 366 -8.96 -20.24 -28.91
C ALA A 366 -9.37 -19.73 -27.53
N LYS A 367 -9.25 -20.60 -26.53
CA LYS A 367 -9.51 -20.27 -25.14
C LYS A 367 -8.30 -20.71 -24.35
N GLY A 368 -7.87 -19.91 -23.39
CA GLY A 368 -6.82 -20.46 -22.55
C GLY A 368 -5.94 -19.36 -21.97
N MET A 369 -4.69 -19.73 -21.74
CA MET A 369 -3.69 -18.83 -21.20
C MET A 369 -2.72 -18.42 -22.30
N TRP A 370 -2.20 -17.21 -22.18
CA TRP A 370 -1.10 -16.75 -23.00
C TRP A 370 -0.04 -16.17 -22.09
N VAL A 371 1.20 -16.61 -22.28
CA VAL A 371 2.34 -16.18 -21.48
C VAL A 371 3.32 -15.45 -22.39
N ILE A 372 3.99 -14.42 -21.85
CA ILE A 372 5.02 -13.72 -22.61
C ILE A 372 6.09 -14.69 -23.08
N ASP A 373 6.54 -14.52 -24.31
CA ASP A 373 7.67 -15.29 -24.81
C ASP A 373 8.96 -14.68 -24.26
N VAL A 374 9.61 -15.37 -23.33
CA VAL A 374 10.84 -14.84 -22.75
C VAL A 374 11.95 -14.76 -23.76
N ASP A 375 11.80 -15.42 -24.91
CA ASP A 375 12.80 -15.37 -25.96
C ASP A 375 12.55 -14.25 -26.95
N ASP A 376 11.46 -13.51 -26.81
CA ASP A 376 11.12 -12.45 -27.76
C ASP A 376 11.94 -11.20 -27.47
N THR A 377 12.77 -10.82 -28.45
CA THR A 377 13.58 -9.61 -28.38
C THR A 377 13.18 -8.56 -29.41
N GLY A 378 12.38 -8.92 -30.41
CA GLY A 378 11.82 -7.96 -31.33
C GLY A 378 10.76 -7.09 -30.69
N ASP A 379 10.18 -6.21 -31.50
CA ASP A 379 9.13 -5.30 -31.08
C ASP A 379 7.86 -5.49 -31.89
N GLU A 380 7.71 -6.63 -32.55
CA GLU A 380 6.56 -6.91 -33.41
C GLU A 380 5.46 -7.64 -32.65
N ASP A 381 4.23 -7.17 -32.83
CA ASP A 381 3.05 -7.83 -32.28
C ASP A 381 2.84 -9.21 -32.90
N TRP A 382 2.65 -10.22 -32.06
CA TRP A 382 2.22 -11.54 -32.54
C TRP A 382 1.67 -12.35 -31.38
N ILE A 383 0.82 -13.32 -31.73
CA ILE A 383 0.28 -14.29 -30.79
C ILE A 383 0.23 -15.63 -31.49
N GLU A 384 0.26 -16.70 -30.70
CA GLU A 384 0.18 -18.04 -31.26
C GLU A 384 -1.00 -18.79 -30.62
N THR A 385 -1.61 -19.68 -31.40
CA THR A 385 -2.66 -20.58 -30.91
C THR A 385 -2.24 -22.03 -31.14
N TYR A 386 -2.78 -22.92 -30.32
CA TYR A 386 -2.49 -24.34 -30.44
C TYR A 386 -3.78 -25.11 -30.62
N PRO A 387 -3.72 -26.35 -31.13
CA PRO A 387 -4.96 -27.14 -31.22
C PRO A 387 -5.66 -27.29 -29.88
N SER A 388 -4.92 -27.56 -28.80
CA SER A 388 -5.58 -27.72 -27.51
C SER A 388 -6.36 -26.47 -27.14
N GLN A 389 -5.97 -25.30 -27.66
CA GLN A 389 -6.69 -24.09 -27.31
C GLN A 389 -7.92 -23.85 -28.17
N ARG A 390 -7.88 -24.24 -29.45
CA ARG A 390 -8.93 -23.87 -30.39
C ARG A 390 -10.10 -24.83 -30.25
N LYS A 391 -11.28 -24.29 -29.97
CA LYS A 391 -12.41 -25.15 -29.63
C LYS A 391 -13.33 -25.38 -30.81
N TRP A 392 -13.12 -24.69 -31.92
CA TRP A 392 -13.76 -25.06 -33.16
C TRP A 392 -12.89 -24.57 -34.30
N GLU A 393 -13.19 -25.09 -35.48
CA GLU A 393 -12.51 -24.67 -36.68
C GLU A 393 -12.93 -23.25 -37.05
N CYS A 394 -12.01 -22.29 -36.85
CA CYS A 394 -12.28 -20.87 -37.08
C CYS A 394 -11.33 -20.37 -38.17
N ASP A 395 -11.85 -19.55 -39.10
CA ASP A 395 -10.96 -18.99 -40.12
C ASP A 395 -10.24 -17.73 -39.66
N PHE A 396 -10.72 -17.07 -38.61
CA PHE A 396 -10.07 -15.90 -38.03
C PHE A 396 -10.06 -14.71 -38.99
N VAL A 397 -11.10 -14.55 -39.82
CA VAL A 397 -11.10 -13.49 -40.82
C VAL A 397 -11.64 -12.18 -40.26
N ASP A 398 -12.91 -12.20 -39.81
CA ASP A 398 -13.50 -11.08 -39.10
C ASP A 398 -12.58 -10.56 -38.00
N LYS A 399 -12.58 -9.23 -37.83
CA LYS A 399 -11.72 -8.63 -36.81
C LYS A 399 -12.15 -9.04 -35.40
N HIS A 400 -13.43 -9.27 -35.18
CA HIS A 400 -13.86 -9.73 -33.85
C HIS A 400 -13.37 -11.15 -33.56
N GLN A 401 -13.09 -11.94 -34.59
CA GLN A 401 -12.46 -13.23 -34.41
C GLN A 401 -10.96 -13.13 -34.27
N ARG A 402 -10.42 -11.92 -34.37
CA ARG A 402 -8.98 -11.70 -34.36
C ARG A 402 -8.59 -10.76 -33.22
N THR A 403 -9.50 -10.57 -32.28
CA THR A 403 -9.32 -9.64 -31.18
C THR A 403 -8.98 -10.40 -29.91
N LEU A 404 -7.81 -10.13 -29.34
CA LEU A 404 -7.44 -10.69 -28.06
C LEU A 404 -8.33 -10.08 -26.99
N GLU A 405 -9.05 -10.94 -26.27
CA GLU A 405 -9.98 -10.55 -25.21
C GLU A 405 -9.49 -11.16 -23.90
N VAL A 406 -9.35 -10.34 -22.87
CA VAL A 406 -8.76 -10.78 -21.62
C VAL A 406 -9.85 -10.94 -20.57
N ARG A 407 -9.89 -12.12 -19.94
CA ARG A 407 -10.78 -12.35 -18.82
C ARG A 407 -10.12 -11.93 -17.52
N SER A 408 -8.82 -12.15 -17.40
CA SER A 408 -8.14 -11.95 -16.13
C SER A 408 -6.65 -11.99 -16.40
N VAL A 409 -5.86 -11.43 -15.49
CA VAL A 409 -4.40 -11.44 -15.65
C VAL A 409 -3.77 -12.04 -14.40
N ALA A 410 -2.60 -12.66 -14.57
CA ALA A 410 -1.85 -13.08 -13.39
C ALA A 410 -1.42 -11.84 -12.62
N SER A 411 -1.85 -11.71 -11.39
CA SER A 411 -1.60 -10.51 -10.61
C SER A 411 -1.00 -10.92 -9.27
N GLU A 412 -0.74 -9.92 -8.42
CA GLU A 412 -0.04 -10.18 -7.16
C GLU A 412 -0.80 -11.22 -6.34
N LEU A 413 -0.05 -12.12 -5.70
CA LEU A 413 -0.61 -13.24 -4.97
C LEU A 413 -0.83 -12.90 -3.51
N LYS A 414 -1.69 -13.68 -2.87
CA LYS A 414 -1.99 -13.55 -1.45
C LYS A 414 -1.98 -14.94 -0.82
N SER A 415 -1.70 -14.97 0.48
CA SER A 415 -1.78 -16.20 1.26
C SER A 415 -3.14 -16.88 1.14
N ALA A 416 -3.11 -18.19 0.98
CA ALA A 416 -4.30 -19.00 0.86
C ALA A 416 -4.50 -19.78 2.17
N GLY A 417 -5.35 -20.79 2.15
CA GLY A 417 -5.53 -21.58 3.34
C GLY A 417 -5.99 -22.97 2.94
N LEU A 418 -6.26 -23.79 3.94
CA LEU A 418 -6.75 -25.12 3.64
C LEU A 418 -8.24 -25.08 3.32
N ASN A 419 -8.81 -26.23 2.98
CA ASN A 419 -10.24 -26.35 2.83
C ASN A 419 -10.64 -27.79 3.15
N LEU A 420 -11.94 -28.02 3.32
CA LEU A 420 -12.41 -29.33 3.76
C LEU A 420 -12.00 -30.44 2.79
N GLN A 421 -11.81 -30.13 1.50
CA GLN A 421 -11.48 -31.20 0.56
C GLN A 421 -10.02 -31.62 0.63
N LEU A 422 -9.11 -30.69 0.93
CA LEU A 422 -7.68 -31.03 1.00
C LEU A 422 -7.37 -31.87 2.22
N LEU A 423 -8.03 -31.61 3.35
CA LEU A 423 -7.61 -32.21 4.61
C LEU A 423 -7.62 -33.72 4.58
N PRO A 424 -8.70 -34.40 4.16
CA PRO A 424 -8.66 -35.87 4.12
C PRO A 424 -7.59 -36.40 3.20
N VAL A 425 -7.34 -35.73 2.05
CA VAL A 425 -6.30 -36.20 1.15
C VAL A 425 -4.93 -36.01 1.76
N LEU A 426 -4.70 -34.87 2.42
CA LEU A 426 -3.43 -34.64 3.12
C LEU A 426 -3.23 -35.69 4.21
N GLU A 427 -4.30 -36.06 4.92
CA GLU A 427 -4.15 -37.10 5.94
C GLU A 427 -3.88 -38.45 5.29
N ASP A 428 -4.58 -38.76 4.20
CA ASP A 428 -4.38 -40.05 3.54
C ASP A 428 -2.93 -40.24 3.13
N ARG A 429 -2.28 -39.18 2.65
CA ARG A 429 -0.93 -39.26 2.12
C ARG A 429 0.14 -39.02 3.17
N ALA A 430 -0.26 -38.76 4.41
CA ALA A 430 0.69 -38.37 5.44
C ALA A 430 1.52 -39.57 5.85
N ARG A 431 2.83 -39.36 5.97
CA ARG A 431 3.70 -40.43 6.46
C ARG A 431 3.37 -40.80 7.89
N ASP A 432 2.84 -39.85 8.67
CA ASP A 432 2.50 -40.09 10.07
C ASP A 432 1.18 -39.36 10.32
N LYS A 433 0.07 -40.09 10.21
CA LYS A 433 -1.24 -39.46 10.35
C LYS A 433 -1.38 -38.75 11.69
N VAL A 434 -0.86 -39.34 12.76
CA VAL A 434 -1.02 -38.74 14.08
C VAL A 434 -0.28 -37.42 14.16
N LYS A 435 0.92 -37.38 13.58
CA LYS A 435 1.74 -36.17 13.60
C LYS A 435 1.03 -35.05 12.85
N MET A 436 0.73 -35.28 11.57
CA MET A 436 0.10 -34.23 10.79
C MET A 436 -1.19 -33.76 11.44
N ARG A 437 -1.99 -34.70 11.95
CA ARG A 437 -3.22 -34.30 12.63
C ARG A 437 -2.91 -33.31 13.75
N GLN A 438 -1.99 -33.67 14.64
CA GLN A 438 -1.67 -32.81 15.77
C GLN A 438 -1.10 -31.47 15.32
N ALA A 439 -0.41 -31.44 14.18
CA ALA A 439 0.17 -30.18 13.69
C ALA A 439 -0.90 -29.26 13.14
N ILE A 440 -1.63 -29.72 12.12
CA ILE A 440 -2.72 -28.94 11.53
C ILE A 440 -3.57 -28.30 12.64
N GLY A 441 -3.80 -29.04 13.71
CA GLY A 441 -4.58 -28.49 14.81
C GLY A 441 -3.85 -27.38 15.54
N ASP A 442 -2.60 -27.66 15.94
CA ASP A 442 -1.81 -26.66 16.64
C ASP A 442 -1.59 -25.42 15.78
N ARG A 443 -1.59 -25.59 14.45
CA ARG A 443 -1.54 -24.42 13.57
C ARG A 443 -2.82 -23.59 13.67
N LEU A 444 -3.98 -24.24 13.49
CA LEU A 444 -5.24 -23.55 13.73
C LEU A 444 -5.21 -22.80 15.05
N ILE A 445 -4.64 -23.41 16.09
CA ILE A 445 -4.63 -22.80 17.42
C ILE A 445 -3.78 -21.53 17.43
N ASN A 446 -2.60 -21.59 16.81
CA ASN A 446 -1.70 -20.45 16.85
C ASN A 446 -2.15 -19.36 15.89
N ASP A 447 -2.77 -19.74 14.78
CA ASP A 447 -3.35 -18.76 13.87
C ASP A 447 -4.46 -17.97 14.56
N LEU A 448 -5.29 -18.64 15.36
CA LEU A 448 -6.33 -17.95 16.10
C LEU A 448 -5.73 -17.02 17.16
N GLN A 449 -4.63 -17.44 17.80
CA GLN A 449 -4.03 -16.64 18.86
C GLN A 449 -3.40 -15.36 18.32
N ARG A 450 -2.73 -15.45 17.17
CA ARG A 450 -2.10 -14.26 16.60
C ARG A 450 -3.15 -13.26 16.12
N GLN A 451 -4.23 -13.75 15.50
CA GLN A 451 -5.26 -12.86 15.00
C GLN A 451 -6.09 -12.24 16.12
N PHE A 452 -6.19 -12.92 17.28
CA PHE A 452 -6.84 -12.29 18.43
C PHE A 452 -5.88 -11.35 19.16
N SER A 453 -4.61 -11.70 19.20
CA SER A 453 -3.66 -10.88 19.95
C SER A 453 -3.35 -9.58 19.20
N GLU A 454 -3.38 -9.61 17.88
CA GLU A 454 -3.17 -8.38 17.12
C GLU A 454 -4.34 -7.42 17.28
N GLN A 455 -5.57 -7.95 17.27
CA GLN A 455 -6.71 -7.08 17.47
C GLN A 455 -6.76 -6.53 18.89
N LYS A 456 -6.26 -7.28 19.88
CA LYS A 456 -6.33 -6.79 21.24
C LYS A 456 -5.35 -5.65 21.46
N HIS A 457 -4.15 -5.74 20.87
CA HIS A 457 -3.19 -4.65 20.96
C HIS A 457 -3.69 -3.41 20.22
N ALA A 458 -4.17 -3.60 18.99
CA ALA A 458 -4.69 -2.49 18.20
C ALA A 458 -5.82 -1.76 18.91
N LEU A 459 -6.69 -2.51 19.60
CA LEU A 459 -7.82 -1.91 20.30
C LEU A 459 -7.40 -0.87 21.33
N ASN A 460 -6.14 -0.88 21.77
CA ASN A 460 -5.78 -0.03 22.91
C ASN A 460 -5.62 1.44 22.50
N ARG A 461 -5.32 1.69 21.22
CA ARG A 461 -5.18 3.05 20.72
C ARG A 461 -6.03 3.26 19.47
N PRO A 462 -6.93 4.26 19.47
CA PRO A 462 -7.81 4.48 18.31
C PRO A 462 -7.08 4.56 16.98
N VAL A 463 -5.92 5.19 16.92
CA VAL A 463 -5.20 5.27 15.66
C VAL A 463 -4.83 3.87 15.17
N GLU A 464 -4.54 2.94 16.10
CA GLU A 464 -4.11 1.60 15.70
C GLU A 464 -5.30 0.74 15.30
N PHE A 465 -6.43 0.87 15.98
CA PHE A 465 -7.60 0.10 15.59
C PHE A 465 -8.09 0.50 14.20
N ARG A 466 -8.16 1.81 13.92
CA ARG A 466 -8.55 2.27 12.58
C ARG A 466 -7.68 1.60 11.52
N GLN A 467 -6.35 1.60 11.70
CA GLN A 467 -5.47 0.96 10.74
C GLN A 467 -5.79 -0.52 10.60
N TRP A 468 -6.07 -1.20 11.72
CA TRP A 468 -6.41 -2.62 11.69
C TRP A 468 -7.74 -2.87 10.98
N VAL A 469 -8.74 -2.03 11.24
CA VAL A 469 -10.02 -2.19 10.56
C VAL A 469 -9.87 -1.94 9.06
N TYR A 470 -9.05 -0.96 8.68
CA TYR A 470 -8.82 -0.67 7.27
C TYR A 470 -8.13 -1.82 6.56
N GLU A 471 -7.14 -2.44 7.20
CA GLU A 471 -6.48 -3.61 6.64
C GLU A 471 -7.33 -4.86 6.73
N SER A 472 -8.39 -4.83 7.55
CA SER A 472 -9.27 -5.98 7.71
C SER A 472 -10.13 -6.22 6.47
N TYR A 473 -10.67 -5.16 5.88
CA TYR A 473 -11.60 -5.27 4.77
C TYR A 473 -11.23 -4.26 3.70
N SER A 474 -11.89 -4.38 2.55
CA SER A 474 -11.69 -3.47 1.42
C SER A 474 -13.01 -2.77 1.11
N SER A 475 -13.01 -1.45 1.22
CA SER A 475 -14.18 -0.65 0.84
C SER A 475 -13.91 0.22 -0.37
N ARG A 476 -12.71 0.16 -0.95
CA ARG A 476 -12.37 1.02 -2.08
C ARG A 476 -13.37 0.87 -3.22
N ALA A 477 -13.76 -0.36 -3.54
CA ALA A 477 -14.68 -0.60 -4.64
C ALA A 477 -16.00 0.16 -4.43
N THR A 478 -16.63 -0.05 -3.28
CA THR A 478 -17.90 0.63 -3.00
C THR A 478 -17.73 2.14 -3.01
N ARG A 479 -16.68 2.64 -2.33
CA ARG A 479 -16.43 4.08 -2.31
C ARG A 479 -16.32 4.65 -3.72
N VAL A 480 -15.63 3.93 -4.62
CA VAL A 480 -15.41 4.45 -5.97
C VAL A 480 -16.71 4.46 -6.76
N SER A 481 -17.59 3.48 -6.54
CA SER A 481 -18.83 3.42 -7.30
C SER A 481 -19.84 4.47 -6.83
N HIS A 482 -19.94 4.68 -5.52
CA HIS A 482 -20.92 5.62 -4.98
C HIS A 482 -20.36 7.03 -4.83
N GLY A 483 -19.06 7.23 -5.07
CA GLY A 483 -18.48 8.54 -4.85
C GLY A 483 -18.65 9.04 -3.44
N ARG A 484 -18.63 8.13 -2.47
CA ARG A 484 -18.79 8.46 -1.06
C ARG A 484 -18.88 7.15 -0.28
N VAL A 485 -18.89 7.25 1.05
CA VAL A 485 -19.22 6.10 1.88
C VAL A 485 -20.75 5.99 1.94
N PRO A 486 -21.32 4.89 1.44
CA PRO A 486 -22.78 4.76 1.47
C PRO A 486 -23.27 4.65 2.90
N PHE A 487 -24.38 5.31 3.17
CA PHE A 487 -24.99 5.34 4.50
C PHE A 487 -26.34 4.65 4.48
N LEU A 488 -26.66 3.99 5.59
CA LEU A 488 -28.00 3.49 5.88
C LEU A 488 -28.52 4.23 7.11
N ALA A 489 -29.53 5.08 6.93
CA ALA A 489 -30.01 5.97 7.99
C ALA A 489 -28.84 6.81 8.47
N GLY A 490 -28.49 6.81 9.76
CA GLY A 490 -27.48 7.68 10.30
C GLY A 490 -26.06 7.14 10.41
N LEU A 491 -25.76 6.00 9.81
CA LEU A 491 -24.44 5.41 9.91
C LEU A 491 -24.05 4.79 8.58
N PRO A 492 -22.76 4.61 8.33
CA PRO A 492 -22.35 3.82 7.15
C PRO A 492 -23.01 2.45 7.16
N ASP A 493 -23.14 1.86 5.97
CA ASP A 493 -23.70 0.51 5.86
C ASP A 493 -22.76 -0.53 6.45
N SER A 494 -21.50 -0.47 6.05
CA SER A 494 -20.48 -1.38 6.54
C SER A 494 -20.26 -1.20 8.05
N GLN A 495 -20.04 -2.31 8.74
CA GLN A 495 -19.64 -2.23 10.14
C GLN A 495 -18.20 -1.74 10.28
N GLU A 496 -17.35 -2.05 9.31
CA GLU A 496 -16.00 -1.53 9.33
C GLU A 496 -15.99 -0.02 9.10
N GLU A 497 -16.72 0.45 8.08
CA GLU A 497 -16.80 1.89 7.85
C GLU A 497 -17.36 2.62 9.07
N THR A 498 -18.41 2.05 9.69
CA THR A 498 -18.96 2.68 10.88
C THR A 498 -17.92 2.82 11.99
N LEU A 499 -17.12 1.76 12.21
CA LEU A 499 -16.10 1.82 13.25
C LEU A 499 -15.13 2.99 12.99
N ASN A 500 -14.66 3.13 11.76
CA ASN A 500 -13.72 4.20 11.46
C ASN A 500 -14.42 5.56 11.45
N PHE A 501 -15.63 5.65 10.90
CA PHE A 501 -16.33 6.92 10.89
C PHE A 501 -16.48 7.47 12.29
N LEU A 502 -16.84 6.61 13.25
CA LEU A 502 -17.06 7.08 14.61
C LEU A 502 -15.75 7.34 15.35
N MET A 503 -14.70 6.56 15.09
CA MET A 503 -13.42 6.88 15.70
C MET A 503 -12.82 8.14 15.11
N ASN A 504 -13.04 8.40 13.81
CA ASN A 504 -12.57 9.63 13.19
C ASN A 504 -13.13 10.85 13.90
N SER A 505 -14.31 10.72 14.50
CA SER A 505 -14.90 11.82 15.26
C SER A 505 -14.51 11.83 16.73
N GLY A 506 -13.63 10.93 17.16
CA GLY A 506 -13.08 10.99 18.50
C GLY A 506 -13.56 9.90 19.46
N PHE A 507 -14.44 9.00 19.03
CA PHE A 507 -14.88 7.94 19.92
C PHE A 507 -13.76 6.92 20.12
N ASP A 508 -13.67 6.40 21.33
CA ASP A 508 -12.70 5.37 21.69
C ASP A 508 -13.38 4.02 21.76
N PRO A 509 -12.83 2.97 21.13
CA PRO A 509 -13.46 1.65 21.21
C PRO A 509 -13.23 0.92 22.52
N LYS A 510 -12.37 1.43 23.41
CA LYS A 510 -12.25 0.91 24.75
C LYS A 510 -13.09 1.70 25.75
N LYS A 511 -13.84 2.72 25.30
CA LYS A 511 -14.66 3.54 26.17
C LYS A 511 -16.12 3.61 25.76
N GLN A 512 -16.46 3.23 24.53
CA GLN A 512 -17.83 3.29 24.04
C GLN A 512 -18.25 1.88 23.64
N LYS A 513 -19.28 1.36 24.32
CA LYS A 513 -19.65 -0.03 24.14
C LYS A 513 -20.17 -0.32 22.74
N TYR A 514 -20.89 0.64 22.14
CA TYR A 514 -21.39 0.43 20.79
C TYR A 514 -20.26 0.05 19.84
N LEU A 515 -19.12 0.73 19.96
CA LEU A 515 -17.99 0.39 19.11
C LEU A 515 -17.41 -0.97 19.48
N GLN A 516 -17.30 -1.25 20.78
CA GLN A 516 -16.84 -2.56 21.23
C GLN A 516 -17.76 -3.66 20.69
N ASP A 517 -19.07 -3.47 20.81
CA ASP A 517 -20.02 -4.46 20.34
C ASP A 517 -19.85 -4.74 18.84
N ILE A 518 -19.53 -3.72 18.05
CA ILE A 518 -19.35 -3.93 16.62
C ILE A 518 -18.11 -4.77 16.36
N ALA A 519 -17.02 -4.47 17.07
CA ALA A 519 -15.80 -5.25 16.91
C ALA A 519 -16.00 -6.69 17.35
N TRP A 520 -16.70 -6.87 18.47
CA TRP A 520 -17.09 -8.21 18.92
C TRP A 520 -17.79 -8.97 17.78
N ASP A 521 -18.94 -8.45 17.34
CA ASP A 521 -19.71 -9.15 16.30
C ASP A 521 -18.83 -9.51 15.11
N LEU A 522 -18.01 -8.55 14.66
CA LEU A 522 -17.12 -8.82 13.52
C LEU A 522 -16.26 -10.06 13.75
N GLN A 523 -15.61 -10.14 14.92
CA GLN A 523 -14.75 -11.28 15.20
C GLN A 523 -15.56 -12.58 15.24
N LYS A 524 -16.68 -12.58 15.96
CA LYS A 524 -17.55 -13.75 15.97
C LYS A 524 -17.77 -14.27 14.55
N ARG A 525 -18.19 -13.39 13.65
CA ARG A 525 -18.49 -13.80 12.28
C ARG A 525 -17.31 -14.52 11.65
N LYS A 526 -16.08 -14.01 11.87
CA LYS A 526 -14.91 -14.67 11.33
C LYS A 526 -14.68 -16.03 11.99
N CYS A 527 -14.88 -16.11 13.31
CA CYS A 527 -14.78 -17.38 14.01
C CYS A 527 -15.80 -18.38 13.48
N ASP A 528 -17.04 -17.94 13.29
CA ASP A 528 -18.06 -18.79 12.68
C ASP A 528 -17.61 -19.32 11.33
N THR A 529 -16.97 -18.47 10.52
CA THR A 529 -16.51 -18.92 9.21
C THR A 529 -15.39 -19.96 9.35
N LEU A 530 -14.50 -19.77 10.33
CA LEU A 530 -13.42 -20.74 10.54
C LEU A 530 -13.98 -22.10 10.91
N LYS A 531 -14.94 -22.13 11.84
CA LYS A 531 -15.46 -23.39 12.32
C LYS A 531 -16.42 -24.04 11.33
N SER A 532 -16.96 -23.29 10.38
CA SER A 532 -17.81 -23.89 9.34
C SER A 532 -17.00 -24.34 8.14
N LYS A 533 -16.04 -23.53 7.71
CA LYS A 533 -15.26 -23.82 6.52
C LYS A 533 -13.88 -24.41 6.80
N LEU A 534 -13.39 -24.30 8.03
CA LEU A 534 -12.05 -24.77 8.39
C LEU A 534 -11.00 -24.27 7.39
N ASN A 535 -11.09 -22.98 7.04
CA ASN A 535 -10.16 -22.39 6.08
C ASN A 535 -8.90 -21.92 6.82
N ILE A 536 -8.19 -22.91 7.39
CA ILE A 536 -7.00 -22.63 8.19
C ILE A 536 -5.98 -21.89 7.36
N ARG A 537 -5.57 -20.73 7.83
CA ARG A 537 -4.61 -19.94 7.08
C ARG A 537 -3.27 -20.65 7.07
N VAL A 538 -2.64 -20.68 5.88
CA VAL A 538 -1.27 -21.16 5.73
C VAL A 538 -0.49 -20.06 5.03
N GLY A 539 0.35 -19.36 5.80
CA GLY A 539 1.11 -18.25 5.24
C GLY A 539 1.79 -18.60 3.93
N ARG A 540 2.54 -19.70 3.91
CA ARG A 540 3.29 -20.13 2.72
C ARG A 540 2.40 -20.99 1.82
N SER A 541 1.43 -20.32 1.21
CA SER A 541 0.55 -20.95 0.25
C SER A 541 -0.13 -19.87 -0.57
N ALA A 542 -0.51 -20.21 -1.80
CA ALA A 542 -1.21 -19.27 -2.67
C ALA A 542 -1.90 -20.05 -3.77
N TYR A 543 -2.97 -19.48 -4.31
CA TYR A 543 -3.54 -19.99 -5.55
C TYR A 543 -2.88 -19.26 -6.73
N ILE A 544 -2.39 -20.02 -7.70
CA ILE A 544 -1.53 -19.47 -8.76
C ILE A 544 -1.91 -20.09 -10.10
N TYR A 545 -2.08 -19.25 -11.12
CA TYR A 545 -2.30 -19.73 -12.48
C TYR A 545 -1.18 -20.70 -12.89
N MET A 546 -1.56 -21.81 -13.52
N MET A 546 -1.55 -21.76 -13.58
CA MET A 546 -0.59 -22.78 -13.98
CA MET A 546 -0.62 -22.80 -14.00
C MET A 546 -0.21 -22.48 -15.43
C MET A 546 -0.23 -22.58 -15.46
N ILE A 547 1.07 -22.65 -15.74
CA ILE A 547 1.63 -22.46 -17.08
C ILE A 547 2.61 -23.59 -17.37
N ALA A 548 2.85 -23.83 -18.65
CA ALA A 548 3.77 -24.87 -19.05
C ALA A 548 5.09 -24.26 -19.55
N ASP A 549 6.16 -25.03 -19.44
CA ASP A 549 7.51 -24.57 -19.80
C ASP A 549 7.77 -24.84 -21.28
N PHE A 550 7.52 -23.84 -22.12
CA PHE A 550 7.81 -23.97 -23.55
C PHE A 550 9.28 -24.19 -23.83
N TRP A 551 10.16 -23.79 -22.93
CA TRP A 551 11.58 -23.68 -23.24
C TRP A 551 12.40 -24.85 -22.72
N GLY A 552 11.74 -25.87 -22.17
CA GLY A 552 12.41 -27.11 -21.81
C GLY A 552 13.47 -27.03 -20.74
N VAL A 553 13.44 -26.00 -19.88
CA VAL A 553 14.43 -25.90 -18.82
C VAL A 553 14.05 -26.64 -17.54
N LEU A 554 12.76 -26.88 -17.30
CA LEU A 554 12.36 -27.60 -16.11
C LEU A 554 12.32 -29.09 -16.40
N GLU A 555 13.01 -29.87 -15.56
CA GLU A 555 12.89 -31.31 -15.61
C GLU A 555 11.56 -31.77 -15.02
N GLU A 556 11.14 -32.98 -15.39
CA GLU A 556 9.92 -33.51 -14.83
C GLU A 556 10.01 -33.49 -13.30
N ASN A 557 8.93 -33.06 -12.66
CA ASN A 557 8.84 -32.91 -11.21
C ASN A 557 9.61 -31.70 -10.70
N GLU A 558 10.00 -30.77 -11.56
CA GLU A 558 10.47 -29.46 -11.12
C GLU A 558 9.43 -28.41 -11.49
N VAL A 559 9.24 -27.41 -10.60
CA VAL A 559 8.39 -26.27 -10.91
C VAL A 559 9.16 -24.98 -10.63
N HIS A 560 8.74 -23.91 -11.30
CA HIS A 560 9.35 -22.59 -11.18
C HIS A 560 8.31 -21.62 -10.68
N VAL A 561 8.62 -20.89 -9.59
CA VAL A 561 7.70 -19.89 -9.05
C VAL A 561 8.51 -18.63 -8.72
N GLY A 562 8.26 -17.53 -9.43
CA GLY A 562 8.78 -16.23 -9.06
C GLY A 562 7.64 -15.26 -8.79
N PHE A 563 7.80 -14.46 -7.75
CA PHE A 563 6.76 -13.50 -7.41
C PHE A 563 7.08 -12.16 -8.03
N SER A 564 6.04 -11.31 -8.15
CA SER A 564 6.24 -9.95 -8.66
C SER A 564 6.69 -8.99 -7.57
N SER A 565 6.42 -9.31 -6.31
N SER A 565 6.47 -9.34 -6.30
CA SER A 565 6.94 -8.53 -5.18
CA SER A 565 6.89 -8.53 -5.18
C SER A 565 7.11 -9.44 -3.98
C SER A 565 7.11 -9.45 -3.99
N LYS A 566 7.57 -8.87 -2.88
CA LYS A 566 7.79 -9.64 -1.67
C LYS A 566 6.50 -10.32 -1.21
N PHE A 567 6.54 -11.64 -1.14
CA PHE A 567 5.45 -12.42 -0.55
C PHE A 567 5.80 -12.59 0.93
N ARG A 568 5.03 -11.93 1.80
CA ARG A 568 5.37 -11.88 3.22
C ARG A 568 4.79 -13.06 3.99
N ASP A 569 5.59 -13.61 4.90
CA ASP A 569 5.14 -14.50 5.96
C ASP A 569 5.86 -14.08 7.25
N GLU A 570 5.19 -14.21 8.39
CA GLU A 570 5.68 -13.56 9.61
C GLU A 570 7.19 -13.76 9.81
N GLU A 571 7.67 -15.00 9.70
CA GLU A 571 9.09 -15.26 9.87
C GLU A 571 9.90 -14.86 8.65
N GLU A 572 9.59 -15.46 7.49
CA GLU A 572 10.38 -15.35 6.27
C GLU A 572 9.57 -14.67 5.17
N SER A 573 10.27 -13.96 4.29
CA SER A 573 9.64 -13.39 3.10
C SER A 573 10.33 -13.92 1.85
N PHE A 574 9.60 -13.86 0.73
CA PHE A 574 10.00 -14.55 -0.49
C PHE A 574 9.74 -13.66 -1.70
N THR A 575 10.67 -13.70 -2.66
CA THR A 575 10.41 -13.18 -3.98
C THR A 575 10.40 -14.28 -5.01
N LEU A 576 10.86 -15.48 -4.65
CA LEU A 576 10.85 -16.65 -5.52
C LEU A 576 10.92 -17.89 -4.61
N LEU A 577 10.73 -19.06 -5.20
CA LEU A 577 10.89 -20.30 -4.46
C LEU A 577 12.06 -21.06 -5.08
N SER A 578 12.97 -21.54 -4.24
CA SER A 578 14.14 -22.23 -4.74
C SER A 578 14.54 -23.29 -3.73
N ASP A 579 15.01 -24.44 -4.23
CA ASP A 579 15.57 -25.51 -3.41
C ASP A 579 14.68 -25.85 -2.22
N CYS A 580 13.41 -26.10 -2.48
CA CYS A 580 12.54 -26.66 -1.46
C CYS A 580 11.49 -27.49 -2.17
N ASP A 581 10.77 -28.31 -1.41
CA ASP A 581 9.66 -29.08 -1.96
C ASP A 581 8.38 -28.29 -1.79
N VAL A 582 7.48 -28.42 -2.76
CA VAL A 582 6.17 -27.77 -2.68
C VAL A 582 5.08 -28.80 -2.91
N LEU A 583 3.89 -28.53 -2.37
CA LEU A 583 2.70 -29.27 -2.75
C LEU A 583 1.92 -28.43 -3.76
N VAL A 584 1.40 -29.09 -4.80
CA VAL A 584 0.49 -28.46 -5.74
C VAL A 584 -0.78 -29.28 -5.81
N ALA A 585 -1.90 -28.60 -5.92
CA ALA A 585 -3.17 -29.28 -6.02
C ALA A 585 -4.17 -28.35 -6.69
N ARG A 586 -5.25 -28.94 -7.18
CA ARG A 586 -6.37 -28.19 -7.69
C ARG A 586 -7.61 -28.54 -6.88
N SER A 587 -8.50 -27.57 -6.74
CA SER A 587 -9.87 -27.86 -6.32
C SER A 587 -10.74 -28.11 -7.54
N PRO A 588 -11.59 -29.15 -7.55
CA PRO A 588 -11.86 -30.09 -6.45
C PRO A 588 -10.80 -31.17 -6.35
N ALA A 589 -10.34 -31.48 -5.13
CA ALA A 589 -9.37 -32.55 -4.90
C ALA A 589 -10.10 -33.77 -4.34
N HIS A 590 -9.97 -34.92 -5.03
CA HIS A 590 -10.72 -36.10 -4.60
C HIS A 590 -9.83 -37.34 -4.51
N PHE A 591 -9.08 -37.62 -5.58
CA PHE A 591 -8.19 -38.76 -5.58
C PHE A 591 -7.02 -38.53 -4.62
N PRO A 592 -6.47 -39.59 -4.06
CA PRO A 592 -5.21 -39.45 -3.30
C PRO A 592 -4.11 -38.75 -4.08
N SER A 593 -4.08 -38.91 -5.39
CA SER A 593 -3.02 -38.33 -6.20
C SER A 593 -3.38 -36.93 -6.73
N ASP A 594 -4.46 -36.31 -6.24
CA ASP A 594 -4.85 -34.95 -6.64
C ASP A 594 -4.07 -33.87 -5.91
N ILE A 595 -3.25 -34.25 -4.94
CA ILE A 595 -2.19 -33.40 -4.40
C ILE A 595 -0.87 -34.06 -4.77
N GLN A 596 0.07 -33.28 -5.31
CA GLN A 596 1.37 -33.81 -5.71
C GLN A 596 2.48 -32.98 -5.08
N ARG A 597 3.51 -33.66 -4.60
CA ARG A 597 4.67 -33.02 -4.00
C ARG A 597 5.81 -32.99 -5.01
N VAL A 598 6.32 -31.78 -5.31
CA VAL A 598 7.32 -31.54 -6.35
C VAL A 598 8.39 -30.59 -5.80
N ARG A 599 9.36 -30.31 -6.65
CA ARG A 599 10.56 -29.55 -6.25
C ARG A 599 10.54 -28.18 -6.93
N ALA A 600 10.59 -27.12 -6.12
CA ALA A 600 10.72 -25.78 -6.69
C ALA A 600 12.17 -25.54 -7.09
N VAL A 601 12.39 -25.23 -8.35
CA VAL A 601 13.71 -24.89 -8.89
C VAL A 601 13.58 -23.58 -9.65
N PHE A 602 14.31 -22.56 -9.23
CA PHE A 602 14.22 -21.27 -9.92
C PHE A 602 15.17 -21.26 -11.11
N LYS A 603 14.61 -21.17 -12.31
CA LYS A 603 15.44 -21.11 -13.52
C LYS A 603 15.62 -19.66 -13.92
N PRO A 604 16.85 -19.14 -13.97
CA PRO A 604 17.01 -17.72 -14.34
C PRO A 604 16.45 -17.40 -15.71
N GLU A 605 16.42 -18.37 -16.64
CA GLU A 605 15.81 -18.14 -17.96
C GLU A 605 14.37 -17.65 -17.84
N LEU A 606 13.63 -18.13 -16.84
CA LEU A 606 12.22 -17.83 -16.68
C LEU A 606 11.97 -16.67 -15.71
N HIS A 607 13.03 -16.03 -15.22
CA HIS A 607 12.87 -15.02 -14.16
C HIS A 607 11.86 -13.95 -14.51
N SER A 608 11.64 -13.68 -15.79
CA SER A 608 10.69 -12.62 -16.11
C SER A 608 9.23 -13.05 -16.02
N LEU A 609 8.95 -14.34 -15.84
CA LEU A 609 7.57 -14.83 -15.70
C LEU A 609 7.21 -14.88 -14.23
N LYS A 610 6.38 -13.95 -13.78
CA LYS A 610 6.11 -13.82 -12.35
C LYS A 610 4.63 -13.98 -12.05
N ASP A 611 4.32 -14.44 -10.82
CA ASP A 611 2.93 -14.61 -10.38
C ASP A 611 2.21 -15.71 -11.17
N VAL A 612 2.98 -16.71 -11.59
CA VAL A 612 2.49 -17.92 -12.23
C VAL A 612 3.36 -19.05 -11.70
N ILE A 613 2.87 -20.28 -11.80
CA ILE A 613 3.67 -21.45 -11.51
C ILE A 613 3.86 -22.19 -12.82
N ILE A 614 5.10 -22.52 -13.14
CA ILE A 614 5.44 -23.11 -14.44
C ILE A 614 5.73 -24.57 -14.21
N PHE A 615 5.03 -25.44 -14.93
CA PHE A 615 5.29 -26.88 -14.85
C PHE A 615 6.15 -27.31 -16.01
N SER A 616 6.81 -28.44 -15.83
CA SER A 616 7.67 -29.00 -16.87
C SER A 616 6.86 -29.53 -18.06
N THR A 617 7.46 -29.46 -19.25
CA THR A 617 6.89 -30.14 -20.41
C THR A 617 7.62 -31.44 -20.75
N LYS A 618 8.50 -31.90 -19.86
CA LYS A 618 9.07 -33.23 -19.98
C LYS A 618 8.26 -34.22 -19.16
N GLY A 619 8.58 -35.50 -19.31
CA GLY A 619 7.86 -36.54 -18.60
C GLY A 619 6.76 -37.15 -19.45
N ASP A 620 6.13 -38.19 -18.89
CA ASP A 620 5.13 -38.93 -19.65
C ASP A 620 3.76 -38.25 -19.61
N VAL A 621 3.43 -37.62 -18.48
CA VAL A 621 2.12 -37.01 -18.27
C VAL A 621 2.34 -35.57 -17.79
N PRO A 622 1.66 -34.58 -18.33
CA PRO A 622 1.77 -33.22 -17.77
C PRO A 622 1.33 -33.22 -16.32
N LEU A 623 2.13 -32.59 -15.45
CA LEU A 623 1.76 -32.55 -14.04
C LEU A 623 0.33 -32.01 -13.85
N ALA A 624 -0.06 -31.02 -14.67
CA ALA A 624 -1.41 -30.47 -14.57
C ALA A 624 -2.48 -31.56 -14.64
N LYS A 625 -2.27 -32.57 -15.47
CA LYS A 625 -3.28 -33.62 -15.61
C LYS A 625 -3.46 -34.38 -14.32
N LYS A 626 -2.37 -34.62 -13.60
CA LYS A 626 -2.46 -35.32 -12.32
C LYS A 626 -3.30 -34.55 -11.31
N LEU A 627 -3.46 -33.24 -11.48
CA LEU A 627 -4.18 -32.41 -10.52
C LEU A 627 -5.65 -32.35 -10.93
N SER A 628 -6.36 -33.43 -10.61
CA SER A 628 -7.78 -33.50 -10.89
C SER A 628 -8.07 -33.27 -12.37
N GLY A 629 -7.22 -33.79 -13.25
CA GLY A 629 -7.45 -33.63 -14.67
C GLY A 629 -7.29 -32.22 -15.19
N GLY A 630 -6.40 -31.43 -14.59
CA GLY A 630 -6.27 -30.02 -14.96
C GLY A 630 -5.38 -29.78 -16.16
N ASP A 631 -5.17 -28.50 -16.46
CA ASP A 631 -4.37 -28.14 -17.63
C ASP A 631 -3.98 -26.66 -17.50
N TYR A 632 -3.60 -26.03 -18.61
CA TYR A 632 -3.06 -24.68 -18.54
C TYR A 632 -3.94 -23.66 -19.24
N ASP A 633 -5.26 -23.81 -19.13
CA ASP A 633 -6.18 -22.88 -19.82
C ASP A 633 -6.89 -21.94 -18.86
N GLY A 634 -6.36 -21.73 -17.66
CA GLY A 634 -7.02 -20.86 -16.72
C GLY A 634 -7.10 -21.52 -15.36
N ASP A 635 -6.84 -22.82 -15.32
CA ASP A 635 -6.71 -23.53 -14.06
C ASP A 635 -5.73 -22.80 -13.13
N MET A 636 -6.08 -22.73 -11.85
CA MET A 636 -5.19 -22.26 -10.80
C MET A 636 -4.86 -23.40 -9.87
N ALA A 637 -3.61 -23.48 -9.41
CA ALA A 637 -3.21 -24.51 -8.47
C ALA A 637 -3.07 -23.91 -7.08
N TRP A 638 -3.51 -24.66 -6.08
CA TRP A 638 -3.10 -24.43 -4.70
C TRP A 638 -1.64 -24.81 -4.57
N VAL A 639 -0.79 -23.89 -4.15
CA VAL A 639 0.64 -24.14 -4.06
C VAL A 639 1.04 -23.95 -2.61
N CYS A 640 1.60 -24.98 -2.00
CA CYS A 640 1.99 -24.87 -0.61
C CYS A 640 3.48 -25.16 -0.43
N TRP A 641 4.20 -24.22 0.18
CA TRP A 641 5.61 -24.46 0.51
C TRP A 641 5.87 -24.41 2.01
N ASP A 642 4.83 -24.62 2.82
CA ASP A 642 5.00 -24.74 4.26
C ASP A 642 5.73 -26.04 4.59
N PRO A 643 6.88 -25.99 5.27
CA PRO A 643 7.67 -27.22 5.44
C PRO A 643 6.98 -28.25 6.31
N GLU A 644 6.24 -27.81 7.34
CA GLU A 644 5.57 -28.78 8.19
C GLU A 644 4.50 -29.53 7.41
N ILE A 645 3.83 -28.86 6.47
CA ILE A 645 2.79 -29.48 5.68
C ILE A 645 3.40 -30.31 4.56
N VAL A 646 4.40 -29.77 3.86
CA VAL A 646 5.03 -30.47 2.74
C VAL A 646 5.72 -31.75 3.20
N ASP A 647 6.46 -31.69 4.30
CA ASP A 647 7.48 -32.73 4.52
C ASP A 647 6.87 -34.07 4.90
N GLY A 648 5.69 -34.10 5.50
CA GLY A 648 5.04 -35.37 5.77
C GLY A 648 4.37 -36.05 4.59
N PHE A 649 4.29 -35.40 3.42
CA PHE A 649 3.46 -35.87 2.32
C PHE A 649 4.18 -36.89 1.44
N VAL A 650 3.51 -38.01 1.16
CA VAL A 650 4.04 -39.03 0.28
C VAL A 650 3.15 -39.11 -0.96
N ASN A 651 3.75 -38.93 -2.13
CA ASN A 651 3.01 -38.99 -3.38
C ASN A 651 2.32 -40.35 -3.53
N ALA A 652 1.10 -40.32 -4.07
CA ALA A 652 0.40 -41.51 -4.55
C ALA A 652 0.47 -41.58 -6.07
N GLU A 653 0.37 -42.80 -6.59
CA GLU A 653 0.29 -43.03 -8.02
C GLU A 653 -1.14 -42.74 -8.52
N MET A 654 -1.24 -42.47 -9.81
CA MET A 654 -2.52 -42.10 -10.40
C MET A 654 -3.52 -43.26 -10.25
N PRO A 655 -4.79 -42.98 -10.00
CA PRO A 655 -5.73 -44.03 -9.63
C PRO A 655 -6.07 -44.92 -10.81
N LEU A 656 -6.45 -46.16 -10.53
CA LEU A 656 -6.95 -47.07 -11.55
C LEU A 656 -8.45 -46.86 -11.66
N GLU A 657 -8.87 -46.15 -12.67
CA GLU A 657 -10.27 -45.69 -12.69
C GLU A 657 -11.19 -46.78 -13.22
N PRO A 658 -12.41 -46.89 -12.68
CA PRO A 658 -13.34 -47.91 -13.15
C PRO A 658 -13.99 -47.51 -14.46
N ASP A 659 -14.44 -48.53 -15.18
CA ASP A 659 -15.24 -48.33 -16.38
C ASP A 659 -16.70 -48.11 -15.96
N LEU A 660 -17.22 -46.93 -16.24
CA LEU A 660 -18.57 -46.54 -15.83
C LEU A 660 -19.50 -46.38 -17.02
N SER A 661 -19.13 -46.94 -18.18
CA SER A 661 -19.95 -46.79 -19.37
C SER A 661 -21.35 -47.38 -19.16
N ARG A 662 -21.50 -48.39 -18.30
CA ARG A 662 -22.82 -48.94 -18.07
C ARG A 662 -23.78 -47.89 -17.52
N TYR A 663 -23.26 -46.90 -16.79
CA TYR A 663 -24.07 -45.90 -16.13
C TYR A 663 -24.02 -44.53 -16.80
N LEU A 664 -22.83 -44.11 -17.29
CA LEU A 664 -22.68 -42.80 -17.91
C LEU A 664 -22.69 -42.98 -19.42
N LYS A 665 -23.77 -42.55 -20.07
N LYS A 665 -23.77 -42.56 -20.07
CA LYS A 665 -23.95 -42.71 -21.51
CA LYS A 665 -23.94 -42.72 -21.50
C LYS A 665 -23.78 -41.37 -22.19
C LYS A 665 -23.79 -41.38 -22.20
N LYS A 666 -22.81 -41.29 -23.11
CA LYS A 666 -22.54 -40.06 -23.85
C LYS A 666 -23.35 -40.01 -25.13
N ASP A 667 -24.09 -38.93 -25.33
CA ASP A 667 -24.77 -38.67 -26.60
C ASP A 667 -23.77 -37.98 -27.53
N LYS A 668 -23.27 -38.72 -28.51
CA LYS A 668 -22.21 -38.23 -29.39
C LYS A 668 -22.75 -37.71 -30.72
N THR A 669 -24.06 -37.55 -30.87
CA THR A 669 -24.67 -37.11 -32.14
C THR A 669 -24.02 -35.84 -32.65
N THR A 670 -23.44 -35.92 -33.84
CA THR A 670 -22.80 -34.74 -34.41
C THR A 670 -23.83 -33.80 -35.05
N PHE A 671 -23.37 -32.59 -35.33
CA PHE A 671 -24.18 -31.64 -36.10
C PHE A 671 -24.51 -32.21 -37.48
N LYS A 672 -23.55 -32.87 -38.12
CA LYS A 672 -23.81 -33.51 -39.41
C LYS A 672 -25.01 -34.45 -39.30
N GLN A 673 -25.01 -35.33 -38.29
CA GLN A 673 -26.10 -36.27 -38.14
C GLN A 673 -27.43 -35.56 -37.95
N LEU A 674 -27.45 -34.51 -37.12
CA LEU A 674 -28.68 -33.75 -36.98
C LEU A 674 -29.17 -33.23 -38.32
N MET A 675 -28.23 -32.81 -39.18
CA MET A 675 -28.64 -32.20 -40.43
C MET A 675 -29.24 -33.21 -41.39
N ALA A 676 -28.82 -34.47 -41.30
CA ALA A 676 -29.35 -35.50 -42.19
C ALA A 676 -30.86 -35.64 -42.07
N SER A 677 -31.44 -35.23 -40.94
CA SER A 677 -32.89 -35.22 -40.84
C SER A 677 -33.53 -34.23 -41.79
N HIS A 678 -32.75 -33.29 -42.32
CA HIS A 678 -33.31 -32.17 -43.07
C HIS A 678 -32.76 -32.03 -44.48
N GLY A 679 -31.56 -32.51 -44.75
CA GLY A 679 -30.96 -32.32 -46.06
C GLY A 679 -29.78 -31.37 -46.08
N THR A 680 -29.57 -30.71 -47.22
CA THR A 680 -28.44 -29.82 -47.44
C THR A 680 -28.92 -28.42 -47.83
N GLY A 681 -27.99 -27.46 -47.77
CA GLY A 681 -28.28 -26.08 -48.14
C GLY A 681 -28.68 -25.22 -46.94
N SER A 682 -28.93 -23.94 -47.22
CA SER A 682 -29.04 -22.96 -46.14
C SER A 682 -30.28 -23.23 -45.28
N ALA A 683 -31.40 -23.57 -45.90
CA ALA A 683 -32.60 -23.86 -45.12
C ALA A 683 -32.36 -25.03 -44.18
N ALA A 684 -31.69 -26.08 -44.67
CA ALA A 684 -31.42 -27.24 -43.83
C ALA A 684 -30.50 -26.86 -42.66
N LYS A 685 -29.41 -26.14 -42.95
CA LYS A 685 -28.50 -25.70 -41.89
C LYS A 685 -29.24 -24.90 -40.84
N GLU A 686 -30.06 -23.93 -41.26
CA GLU A 686 -30.81 -23.13 -40.30
C GLU A 686 -31.71 -24.00 -39.42
N GLN A 687 -32.40 -24.99 -40.01
CA GLN A 687 -33.23 -25.86 -39.20
C GLN A 687 -32.38 -26.67 -38.22
N THR A 688 -31.26 -27.19 -38.70
CA THR A 688 -30.40 -27.95 -37.81
C THR A 688 -29.97 -27.10 -36.62
N THR A 689 -29.59 -25.84 -36.87
CA THR A 689 -29.13 -24.98 -35.78
C THR A 689 -30.20 -24.81 -34.71
N TYR A 690 -31.45 -24.60 -35.12
CA TYR A 690 -32.51 -24.49 -34.12
C TYR A 690 -32.77 -25.81 -33.43
N ASP A 691 -32.58 -26.94 -34.13
CA ASP A 691 -32.70 -28.23 -33.46
C ASP A 691 -31.63 -28.37 -32.38
N MET A 692 -30.37 -28.14 -32.74
CA MET A 692 -29.30 -28.14 -31.76
C MET A 692 -29.72 -27.39 -30.50
N ILE A 693 -30.27 -26.19 -30.67
CA ILE A 693 -30.65 -25.37 -29.53
C ILE A 693 -31.70 -26.09 -28.67
N GLN A 694 -32.83 -26.47 -29.25
CA GLN A 694 -33.87 -27.15 -28.48
C GLN A 694 -33.35 -28.45 -27.87
N LYS A 695 -32.65 -29.27 -28.67
CA LYS A 695 -32.10 -30.51 -28.13
C LYS A 695 -31.13 -30.25 -26.98
N SER A 696 -30.31 -29.20 -27.10
CA SER A 696 -29.39 -28.89 -26.02
C SER A 696 -30.10 -28.29 -24.82
N PHE A 697 -31.19 -27.55 -25.02
CA PHE A 697 -31.98 -27.09 -23.89
C PHE A 697 -32.53 -28.28 -23.11
N HIS A 698 -33.16 -29.22 -23.82
CA HIS A 698 -33.68 -30.41 -23.15
C HIS A 698 -32.57 -31.12 -22.40
N PHE A 699 -31.43 -31.35 -23.07
CA PHE A 699 -30.29 -31.95 -22.39
C PHE A 699 -29.86 -31.13 -21.19
N ALA A 700 -29.83 -29.79 -21.32
CA ALA A 700 -29.37 -28.94 -20.22
C ALA A 700 -30.36 -28.89 -19.07
N LEU A 701 -31.66 -29.05 -19.35
CA LEU A 701 -32.64 -29.00 -18.27
C LEU A 701 -32.75 -30.32 -17.51
N GLN A 702 -32.06 -31.38 -17.93
CA GLN A 702 -32.14 -32.64 -17.23
C GLN A 702 -31.54 -32.53 -15.83
N PRO A 703 -32.06 -33.28 -14.87
CA PRO A 703 -31.56 -33.17 -13.50
C PRO A 703 -30.08 -33.49 -13.43
N ASN A 704 -29.34 -32.65 -12.72
CA ASN A 704 -27.92 -32.83 -12.57
C ASN A 704 -27.61 -33.50 -11.25
N PHE A 705 -26.61 -34.37 -11.24
CA PHE A 705 -26.29 -35.17 -10.07
C PHE A 705 -24.90 -34.89 -9.51
N LEU A 706 -24.21 -33.88 -10.03
CA LEU A 706 -22.93 -33.51 -9.45
C LEU A 706 -23.05 -33.28 -7.95
N GLY A 707 -24.03 -32.48 -7.53
CA GLY A 707 -24.22 -32.22 -6.12
C GLY A 707 -24.50 -33.49 -5.34
N MET A 708 -25.51 -34.25 -5.75
CA MET A 708 -25.90 -35.43 -5.00
C MET A 708 -24.75 -36.43 -4.90
N CYS A 709 -24.04 -36.65 -6.00
CA CYS A 709 -22.97 -37.64 -5.99
C CYS A 709 -21.76 -37.15 -5.22
N THR A 710 -21.50 -35.85 -5.24
CA THR A 710 -20.41 -35.31 -4.42
C THR A 710 -20.73 -35.43 -2.95
N ASN A 711 -21.96 -35.06 -2.57
CA ASN A 711 -22.38 -35.24 -1.19
C ASN A 711 -22.38 -36.72 -0.78
N TYR A 712 -22.83 -37.60 -1.68
CA TYR A 712 -22.81 -39.02 -1.36
C TYR A 712 -21.39 -39.49 -1.08
N LYS A 713 -20.44 -39.04 -1.91
CA LYS A 713 -19.04 -39.40 -1.69
C LYS A 713 -18.54 -38.86 -0.37
N GLU A 714 -18.92 -37.63 -0.03
CA GLU A 714 -18.50 -37.05 1.24
C GLU A 714 -18.99 -37.92 2.40
N ARG A 715 -20.25 -38.30 2.38
CA ARG A 715 -20.79 -39.09 3.50
C ARG A 715 -20.17 -40.49 3.53
N LEU A 716 -20.05 -41.13 2.37
CA LEU A 716 -19.50 -42.47 2.37
C LEU A 716 -18.05 -42.46 2.86
N CYS A 717 -17.21 -41.62 2.28
CA CYS A 717 -15.83 -41.52 2.75
C CYS A 717 -15.77 -41.11 4.22
N TYR A 718 -16.74 -40.32 4.68
CA TYR A 718 -16.78 -39.96 6.09
C TYR A 718 -17.02 -41.19 6.96
N ILE A 719 -18.07 -41.96 6.66
CA ILE A 719 -18.42 -43.07 7.53
C ILE A 719 -17.36 -44.16 7.49
N ASN A 720 -16.75 -44.41 6.32
CA ASN A 720 -15.62 -45.33 6.23
C ASN A 720 -14.32 -44.72 6.72
N ASN A 721 -14.29 -43.41 6.92
CA ASN A 721 -13.07 -42.66 7.16
C ASN A 721 -11.93 -43.11 6.22
N SER A 722 -12.19 -43.02 4.92
CA SER A 722 -11.17 -43.36 3.92
C SER A 722 -11.48 -42.67 2.60
N VAL A 723 -10.46 -42.06 1.98
CA VAL A 723 -10.58 -41.54 0.63
C VAL A 723 -9.76 -42.35 -0.36
N SER A 724 -9.25 -43.52 0.05
CA SER A 724 -8.40 -44.29 -0.84
C SER A 724 -8.84 -45.73 -1.11
N ASN A 725 -9.90 -46.22 -0.47
CA ASN A 725 -10.36 -47.59 -0.72
C ASN A 725 -11.23 -47.64 -1.98
N LYS A 726 -11.66 -48.84 -2.37
CA LYS A 726 -12.30 -49.02 -3.68
C LYS A 726 -13.51 -48.11 -3.87
N PRO A 727 -14.47 -48.04 -2.95
CA PRO A 727 -15.61 -47.14 -3.18
C PRO A 727 -15.20 -45.68 -3.31
N ALA A 728 -14.19 -45.24 -2.57
CA ALA A 728 -13.73 -43.86 -2.71
C ALA A 728 -13.23 -43.59 -4.12
N ILE A 729 -12.40 -44.49 -4.67
CA ILE A 729 -11.89 -44.29 -6.01
C ILE A 729 -13.03 -44.25 -7.01
N ILE A 730 -14.01 -45.14 -6.87
CA ILE A 730 -15.12 -45.20 -7.82
C ILE A 730 -15.88 -43.88 -7.82
N LEU A 731 -16.21 -43.38 -6.63
CA LEU A 731 -16.98 -42.14 -6.56
C LEU A 731 -16.15 -40.94 -7.01
N SER A 732 -14.85 -40.92 -6.72
CA SER A 732 -14.03 -39.85 -7.28
C SER A 732 -14.01 -39.90 -8.79
N SER A 733 -13.93 -41.10 -9.36
CA SER A 733 -13.98 -41.19 -10.81
C SER A 733 -15.35 -40.77 -11.34
N LEU A 734 -16.42 -41.11 -10.62
CA LEU A 734 -17.75 -40.68 -11.04
C LEU A 734 -17.87 -39.16 -11.07
N VAL A 735 -17.62 -38.48 -9.94
CA VAL A 735 -17.83 -37.03 -9.95
C VAL A 735 -16.87 -36.37 -10.92
N GLY A 736 -15.70 -36.97 -11.14
CA GLY A 736 -14.78 -36.46 -12.16
C GLY A 736 -15.40 -36.44 -13.54
N ASN A 737 -16.32 -37.38 -13.81
CA ASN A 737 -17.05 -37.41 -15.07
C ASN A 737 -18.24 -36.46 -15.09
N LEU A 738 -18.90 -36.24 -13.96
CA LEU A 738 -20.11 -35.40 -13.98
C LEU A 738 -19.81 -33.89 -14.05
N VAL A 739 -18.61 -33.43 -13.68
CA VAL A 739 -18.34 -32.01 -13.88
C VAL A 739 -18.27 -31.68 -15.36
N ASP A 740 -17.79 -32.62 -16.17
CA ASP A 740 -17.64 -32.47 -17.62
C ASP A 740 -18.95 -32.69 -18.38
N GLN A 741 -20.09 -32.74 -17.68
CA GLN A 741 -21.31 -33.32 -18.21
C GLN A 741 -21.81 -32.63 -19.48
N SER A 742 -22.17 -31.35 -19.36
CA SER A 742 -22.82 -30.68 -20.47
C SER A 742 -21.90 -30.57 -21.68
N LYS A 743 -20.60 -30.41 -21.43
CA LYS A 743 -19.62 -30.37 -22.49
C LYS A 743 -19.33 -31.76 -23.07
N GLN A 744 -19.57 -32.83 -22.31
CA GLN A 744 -19.28 -34.19 -22.79
C GLN A 744 -20.52 -34.94 -23.27
N GLY A 745 -21.71 -34.36 -23.16
CA GLY A 745 -22.90 -35.10 -23.56
C GLY A 745 -23.20 -36.33 -22.72
N ILE A 746 -22.88 -36.28 -21.45
CA ILE A 746 -23.12 -37.43 -20.58
C ILE A 746 -24.57 -37.42 -20.13
N VAL A 747 -25.24 -38.56 -20.27
CA VAL A 747 -26.59 -38.74 -19.74
C VAL A 747 -26.50 -39.64 -18.50
N PHE A 748 -27.10 -39.19 -17.41
CA PHE A 748 -27.00 -39.88 -16.14
C PHE A 748 -28.29 -39.60 -15.38
N ASN A 749 -29.21 -40.56 -15.38
CA ASN A 749 -30.51 -40.32 -14.78
C ASN A 749 -30.58 -40.94 -13.40
N GLU A 750 -31.71 -40.68 -12.73
CA GLU A 750 -31.95 -41.22 -11.39
C GLU A 750 -31.74 -42.74 -11.34
N ALA A 751 -32.30 -43.45 -12.32
CA ALA A 751 -32.19 -44.92 -12.32
C ALA A 751 -30.72 -45.37 -12.37
N SER A 752 -29.90 -44.69 -13.18
CA SER A 752 -28.49 -45.08 -13.30
C SER A 752 -27.71 -44.83 -12.01
N TRP A 753 -28.00 -43.73 -11.31
CA TRP A 753 -27.37 -43.50 -10.02
C TRP A 753 -27.71 -44.63 -9.06
N ALA A 754 -29.00 -44.99 -8.98
CA ALA A 754 -29.40 -46.09 -8.12
C ALA A 754 -28.69 -47.38 -8.51
N GLN A 755 -28.75 -47.74 -9.79
CA GLN A 755 -28.06 -48.94 -10.27
C GLN A 755 -26.57 -48.90 -9.94
N LEU A 756 -25.93 -47.74 -10.14
CA LEU A 756 -24.49 -47.63 -9.86
C LEU A 756 -24.19 -47.90 -8.38
N ARG A 757 -24.98 -47.30 -7.48
CA ARG A 757 -24.81 -47.55 -6.05
C ARG A 757 -25.06 -49.03 -5.72
N ARG A 758 -26.07 -49.64 -6.38
CA ARG A 758 -26.36 -51.05 -6.14
C ARG A 758 -25.19 -51.94 -6.53
N GLU A 759 -24.70 -51.81 -7.76
CA GLU A 759 -23.76 -52.78 -8.32
C GLU A 759 -22.32 -52.54 -7.87
N LEU A 760 -21.92 -51.30 -7.64
CA LEU A 760 -20.54 -50.98 -7.31
C LEU A 760 -20.31 -50.56 -5.86
N LEU A 761 -21.34 -50.08 -5.16
CA LEU A 761 -21.13 -49.38 -3.91
C LEU A 761 -21.94 -49.96 -2.76
N GLY A 762 -22.45 -51.18 -2.90
CA GLY A 762 -23.12 -51.84 -1.80
C GLY A 762 -24.58 -51.49 -1.61
N GLY A 763 -25.28 -51.11 -2.66
CA GLY A 763 -26.69 -50.79 -2.55
C GLY A 763 -26.97 -49.30 -2.71
N ALA A 764 -28.23 -48.99 -3.05
CA ALA A 764 -28.67 -47.60 -3.22
C ALA A 764 -29.05 -47.05 -1.85
N LEU A 765 -28.04 -46.67 -1.08
CA LEU A 765 -28.24 -46.37 0.32
C LEU A 765 -28.51 -44.87 0.51
N SER A 766 -28.83 -44.49 1.75
CA SER A 766 -28.93 -43.10 2.14
C SER A 766 -28.12 -42.93 3.43
N LEU A 767 -26.94 -42.32 3.31
CA LEU A 767 -25.95 -42.26 4.37
C LEU A 767 -26.21 -41.11 5.33
N PRO A 768 -25.73 -41.23 6.57
CA PRO A 768 -25.89 -40.14 7.54
C PRO A 768 -25.04 -38.93 7.16
N ASP A 769 -25.46 -37.80 7.66
CA ASP A 769 -24.63 -36.61 7.50
C ASP A 769 -23.45 -36.65 8.47
N PRO A 770 -22.26 -36.22 8.03
CA PRO A 770 -21.12 -36.11 8.96
C PRO A 770 -21.50 -35.23 10.15
N MET A 771 -20.89 -35.54 11.30
CA MET A 771 -21.15 -34.72 12.49
C MET A 771 -20.69 -33.28 12.30
N TYR A 772 -19.64 -33.06 11.51
CA TYR A 772 -19.16 -31.69 11.36
C TYR A 772 -20.14 -30.80 10.60
N LYS A 773 -21.18 -31.37 9.98
CA LYS A 773 -22.21 -30.53 9.39
C LYS A 773 -23.00 -29.75 10.45
N SER A 774 -23.06 -30.23 11.68
CA SER A 774 -23.72 -29.55 12.78
C SER A 774 -22.77 -28.58 13.47
N ASP A 775 -23.35 -27.65 14.23
CA ASP A 775 -22.58 -26.59 14.87
C ASP A 775 -22.01 -26.99 16.23
N SER A 776 -22.58 -28.00 16.89
CA SER A 776 -22.01 -28.54 18.12
C SER A 776 -21.81 -30.04 17.97
N TRP A 777 -20.94 -30.59 18.81
CA TRP A 777 -20.56 -32.00 18.73
C TRP A 777 -21.75 -32.90 19.09
N LEU A 778 -22.24 -33.66 18.11
CA LEU A 778 -23.33 -34.60 18.33
C LEU A 778 -22.85 -36.05 18.30
N GLY A 779 -21.54 -36.26 18.24
CA GLY A 779 -20.98 -37.60 18.28
C GLY A 779 -20.82 -38.11 19.69
N ARG A 780 -20.40 -39.37 19.79
CA ARG A 780 -20.16 -40.03 21.06
C ARG A 780 -18.67 -40.17 21.29
N GLY A 781 -18.22 -39.78 22.48
CA GLY A 781 -16.80 -39.85 22.78
C GLY A 781 -16.02 -38.83 21.96
N GLU A 782 -14.73 -39.08 21.85
CA GLU A 782 -13.84 -38.14 21.19
C GLU A 782 -13.99 -38.23 19.67
N PRO A 783 -13.99 -37.09 18.97
CA PRO A 783 -14.06 -37.12 17.50
C PRO A 783 -13.01 -38.04 16.90
N THR A 784 -13.40 -38.76 15.85
CA THR A 784 -12.49 -39.67 15.15
C THR A 784 -12.07 -39.17 13.78
N HIS A 785 -12.99 -38.61 13.01
CA HIS A 785 -12.63 -38.06 11.71
C HIS A 785 -11.84 -36.75 11.86
N ILE A 786 -10.87 -36.55 10.96
CA ILE A 786 -9.96 -35.40 11.10
C ILE A 786 -10.73 -34.08 11.07
N ILE A 787 -11.76 -33.97 10.24
CA ILE A 787 -12.53 -32.73 10.20
C ILE A 787 -13.29 -32.55 11.51
N ASP A 788 -13.99 -33.60 11.97
CA ASP A 788 -14.64 -33.56 13.28
C ASP A 788 -13.66 -33.12 14.35
N TYR A 789 -12.45 -33.69 14.32
CA TYR A 789 -11.45 -33.38 15.34
C TYR A 789 -11.07 -31.90 15.29
N LEU A 790 -10.78 -31.38 14.11
CA LEU A 790 -10.33 -30.00 14.01
C LEU A 790 -11.45 -29.04 14.38
N LYS A 791 -12.68 -29.34 13.98
CA LYS A 791 -13.76 -28.39 14.24
C LYS A 791 -14.22 -28.44 15.69
N PHE A 792 -14.32 -29.65 16.27
CA PHE A 792 -14.92 -29.83 17.58
C PHE A 792 -13.91 -30.01 18.71
N SER A 793 -12.75 -30.59 18.44
CA SER A 793 -11.72 -30.70 19.46
C SER A 793 -10.79 -29.50 19.49
N ILE A 794 -10.56 -28.87 18.34
CA ILE A 794 -9.62 -27.76 18.27
C ILE A 794 -10.36 -26.43 18.15
N ALA A 795 -10.96 -26.18 16.99
CA ALA A 795 -11.53 -24.88 16.70
C ALA A 795 -12.49 -24.42 17.79
N ARG A 796 -13.50 -25.24 18.11
CA ARG A 796 -14.53 -24.75 19.02
C ARG A 796 -13.99 -24.38 20.39
N PRO A 797 -13.21 -25.21 21.07
CA PRO A 797 -12.68 -24.79 22.38
C PRO A 797 -11.80 -23.56 22.30
N ALA A 798 -10.86 -23.54 21.33
CA ALA A 798 -9.99 -22.38 21.19
C ALA A 798 -10.80 -21.11 20.96
N ILE A 799 -11.83 -21.17 20.10
CA ILE A 799 -12.63 -19.99 19.83
C ILE A 799 -13.31 -19.51 21.10
N ASP A 800 -13.77 -20.44 21.94
CA ASP A 800 -14.39 -20.02 23.19
C ASP A 800 -13.34 -19.47 24.16
N LYS A 801 -12.11 -19.98 24.09
CA LYS A 801 -11.04 -19.45 24.91
C LYS A 801 -10.69 -18.02 24.49
N GLU A 802 -10.41 -17.81 23.18
CA GLU A 802 -10.08 -16.48 22.70
C GLU A 802 -11.20 -15.49 22.99
N LEU A 803 -12.44 -15.87 22.68
CA LEU A 803 -13.58 -15.01 22.98
C LEU A 803 -13.74 -14.77 24.47
N GLU A 804 -13.16 -15.61 25.32
CA GLU A 804 -13.19 -15.35 26.75
C GLU A 804 -12.14 -14.31 27.14
N ALA A 805 -10.95 -14.37 26.53
CA ALA A 805 -9.88 -13.43 26.83
C ALA A 805 -10.05 -12.11 26.09
N PHE A 806 -10.62 -12.15 24.88
CA PHE A 806 -10.99 -10.92 24.18
C PHE A 806 -12.06 -10.16 24.94
N HIS A 807 -13.04 -10.88 25.51
CA HIS A 807 -14.07 -10.27 26.35
C HIS A 807 -13.49 -9.70 27.64
N ASN A 808 -12.33 -10.18 28.07
CA ASN A 808 -11.70 -9.68 29.29
C ASN A 808 -10.67 -8.60 29.04
N ALA A 809 -10.18 -8.45 27.80
CA ALA A 809 -9.24 -7.40 27.47
C ALA A 809 -9.92 -6.05 27.25
N MET A 810 -11.25 -6.01 27.23
CA MET A 810 -11.98 -4.76 27.01
C MET A 810 -12.56 -4.21 28.31
N ALA A 820 -15.68 0.66 29.73
CA ALA A 820 -16.50 0.67 28.51
C ALA A 820 -17.98 0.73 28.85
N HIS A 821 -18.62 1.82 28.45
CA HIS A 821 -20.03 2.06 28.74
C HIS A 821 -20.73 2.56 27.48
N PHE A 822 -22.06 2.48 27.50
CA PHE A 822 -22.82 3.15 26.46
C PHE A 822 -22.82 4.65 26.66
N TRP A 823 -22.94 5.08 27.92
CA TRP A 823 -23.07 6.49 28.24
C TRP A 823 -21.80 7.27 27.88
N ASP A 824 -22.01 8.51 27.51
CA ASP A 824 -20.91 9.41 27.21
C ASP A 824 -21.46 10.80 27.46
N PRO A 825 -20.99 11.50 28.49
CA PRO A 825 -21.61 12.80 28.81
C PRO A 825 -21.50 13.78 27.66
N ASP A 826 -20.45 13.69 26.84
CA ASP A 826 -20.33 14.61 25.71
C ASP A 826 -21.56 14.59 24.82
N LEU A 827 -22.07 13.39 24.50
CA LEU A 827 -23.19 13.24 23.59
C LEU A 827 -24.48 13.83 24.14
N ALA A 828 -24.53 14.16 25.42
CA ALA A 828 -25.73 14.74 25.99
C ALA A 828 -25.60 16.24 26.16
N SER A 829 -24.52 16.82 25.64
CA SER A 829 -24.29 18.24 25.84
C SER A 829 -25.45 19.10 25.31
N TYR A 830 -25.92 18.82 24.08
CA TYR A 830 -26.99 19.63 23.52
C TYR A 830 -28.28 19.45 24.31
N TYR A 831 -28.59 18.20 24.70
CA TYR A 831 -29.76 17.93 25.52
C TYR A 831 -29.74 18.75 26.80
N THR A 832 -28.60 18.76 27.50
CA THR A 832 -28.46 19.58 28.69
C THR A 832 -28.60 21.06 28.35
N PHE A 833 -27.91 21.50 27.31
CA PHE A 833 -27.96 22.91 26.96
C PHE A 833 -29.39 23.40 26.82
N PHE A 834 -30.26 22.59 26.24
CA PHE A 834 -31.61 23.05 25.92
C PHE A 834 -32.60 22.87 27.06
N LYS A 835 -32.39 21.88 27.93
CA LYS A 835 -33.18 21.83 29.15
C LYS A 835 -32.99 23.08 29.98
N GLU A 836 -31.74 23.56 30.09
CA GLU A 836 -31.47 24.78 30.83
C GLU A 836 -32.22 25.96 30.23
N ILE A 837 -32.22 26.09 28.91
CA ILE A 837 -33.00 27.13 28.26
C ILE A 837 -34.48 26.91 28.51
N SER A 838 -34.99 25.71 28.19
CA SER A 838 -36.40 25.40 28.34
C SER A 838 -36.81 25.23 29.80
N ASP A 839 -35.87 25.41 30.74
CA ASP A 839 -36.28 25.41 32.17
C ASP A 839 -36.72 26.84 32.50
N LYS A 840 -36.21 27.83 31.77
CA LYS A 840 -36.59 29.24 31.98
C LYS A 840 -37.51 29.77 30.86
N SER A 841 -37.92 28.92 29.91
CA SER A 841 -38.87 29.40 28.88
C SER A 841 -39.98 28.37 28.63
N ARG A 842 -41.24 28.80 28.72
CA ARG A 842 -42.39 27.90 28.44
C ARG A 842 -42.41 27.52 26.95
N SER A 843 -42.15 28.48 26.07
CA SER A 843 -42.22 28.20 24.61
C SER A 843 -41.17 27.17 24.24
N SER A 844 -39.96 27.36 24.75
CA SER A 844 -38.84 26.43 24.45
C SER A 844 -39.19 25.07 25.05
N ALA A 845 -39.80 25.07 26.25
CA ALA A 845 -40.17 23.80 26.92
C ALA A 845 -41.20 23.02 26.10
N LEU A 846 -42.17 23.72 25.52
CA LEU A 846 -43.17 23.03 24.68
C LEU A 846 -42.45 22.35 23.52
N LEU A 847 -41.63 23.11 22.80
CA LEU A 847 -40.84 22.52 21.73
C LEU A 847 -40.04 21.32 22.22
N PHE A 848 -39.34 21.50 23.35
CA PHE A 848 -38.51 20.43 23.89
C PHE A 848 -39.32 19.18 24.22
N THR A 849 -40.57 19.34 24.69
CA THR A 849 -41.38 18.18 25.04
C THR A 849 -41.92 17.47 23.80
N THR A 850 -42.39 18.23 22.81
CA THR A 850 -42.83 17.63 21.56
C THR A 850 -41.72 16.80 20.94
N LEU A 851 -40.49 17.32 20.98
CA LEU A 851 -39.35 16.56 20.50
C LEU A 851 -39.20 15.27 21.27
N LYS A 852 -39.14 15.36 22.60
CA LYS A 852 -39.02 14.17 23.43
C LYS A 852 -40.09 13.17 23.08
N ASN A 853 -41.35 13.61 23.09
CA ASN A 853 -42.45 12.68 22.87
C ASN A 853 -42.34 12.04 21.50
N ARG A 854 -41.99 12.82 20.49
CA ARG A 854 -41.97 12.29 19.15
C ARG A 854 -40.81 11.32 18.95
N ILE A 855 -39.76 11.43 19.75
CA ILE A 855 -38.65 10.48 19.61
C ILE A 855 -39.08 9.10 20.10
N GLY A 856 -39.69 9.03 21.28
CA GLY A 856 -40.23 7.76 21.75
C GLY A 856 -41.19 7.13 20.74
N GLU A 857 -42.03 7.97 20.13
CA GLU A 857 -42.87 7.53 19.02
C GLU A 857 -42.07 6.78 17.96
N VAL A 858 -40.96 7.37 17.50
CA VAL A 858 -40.18 6.72 16.44
C VAL A 858 -39.37 5.56 17.00
N GLU A 859 -38.84 5.70 18.22
CA GLU A 859 -38.23 4.56 18.90
C GLU A 859 -39.17 3.37 18.91
N LYS A 860 -40.43 3.58 19.33
CA LYS A 860 -41.37 2.47 19.32
C LYS A 860 -41.50 1.88 17.93
N GLU A 861 -41.46 2.74 16.90
CA GLU A 861 -41.55 2.25 15.53
C GLU A 861 -40.32 1.42 15.16
N TYR A 862 -39.14 1.82 15.64
CA TYR A 862 -37.94 1.01 15.43
C TYR A 862 -38.10 -0.38 16.04
N GLY A 863 -38.62 -0.46 17.27
CA GLY A 863 -38.81 -1.75 17.90
C GLY A 863 -39.80 -2.64 17.16
N ARG A 864 -40.77 -2.04 16.48
CA ARG A 864 -41.72 -2.84 15.67
C ARG A 864 -41.08 -3.27 14.35
N LEU A 865 -40.66 -2.32 13.50
CA LEU A 865 -40.15 -2.67 12.14
C LEU A 865 -38.81 -3.40 12.12
N VAL A 866 -37.85 -3.03 12.97
CA VAL A 866 -36.48 -3.63 12.88
C VAL A 866 -36.20 -4.58 14.05
N LYS A 867 -36.48 -4.15 15.28
CA LYS A 867 -36.16 -4.96 16.49
C LYS A 867 -36.95 -6.26 16.57
N ASN A 868 -38.22 -6.25 16.15
CA ASN A 868 -39.08 -7.46 16.22
C ASN A 868 -38.41 -8.61 15.47
N LYS A 869 -38.11 -9.70 16.18
CA LYS A 869 -37.50 -10.90 15.55
C LYS A 869 -38.52 -11.46 14.57
N GLU A 870 -39.80 -11.23 14.84
CA GLU A 870 -40.88 -11.68 13.93
C GLU A 870 -40.70 -11.02 12.56
N MET A 871 -40.27 -9.76 12.53
CA MET A 871 -40.19 -9.04 11.24
C MET A 871 -38.94 -9.50 10.46
N ARG A 872 -38.07 -10.30 11.09
CA ARG A 872 -36.81 -10.76 10.44
C ARG A 872 -37.12 -11.22 9.01
N ASP A 873 -38.23 -11.94 8.83
CA ASP A 873 -38.64 -12.34 7.47
C ASP A 873 -39.94 -11.59 7.15
N SER A 874 -39.88 -10.69 6.18
CA SER A 874 -41.08 -9.90 5.76
C SER A 874 -40.77 -9.46 4.33
N LYS A 875 -41.78 -9.02 3.58
CA LYS A 875 -41.53 -8.67 2.17
C LYS A 875 -40.50 -7.54 2.19
N ASP A 876 -40.59 -6.64 3.16
CA ASP A 876 -39.63 -5.53 3.28
C ASP A 876 -38.36 -6.04 3.96
N PRO A 877 -37.20 -6.00 3.29
CA PRO A 877 -35.92 -6.42 3.90
C PRO A 877 -35.40 -5.41 4.93
N TYR A 878 -34.30 -5.75 5.63
CA TYR A 878 -33.78 -4.89 6.69
C TYR A 878 -33.55 -3.46 6.23
N PRO A 879 -32.81 -3.19 5.16
CA PRO A 879 -32.59 -1.78 4.77
C PRO A 879 -33.89 -1.03 4.59
N VAL A 880 -34.85 -1.60 3.85
CA VAL A 880 -36.11 -0.90 3.60
C VAL A 880 -36.81 -0.59 4.91
N ARG A 881 -36.74 -1.53 5.86
CA ARG A 881 -37.40 -1.31 7.14
C ARG A 881 -36.68 -0.23 7.95
N VAL A 882 -35.35 -0.20 7.88
CA VAL A 882 -34.61 0.85 8.56
C VAL A 882 -34.98 2.21 7.97
N ASN A 883 -34.93 2.33 6.65
CA ASN A 883 -35.23 3.59 5.98
C ASN A 883 -36.60 4.14 6.38
N GLN A 884 -37.61 3.27 6.46
CA GLN A 884 -38.95 3.74 6.84
C GLN A 884 -38.93 4.40 8.21
N VAL A 885 -38.13 3.84 9.13
CA VAL A 885 -38.00 4.44 10.44
C VAL A 885 -37.16 5.71 10.36
N TYR A 886 -36.10 5.68 9.56
CA TYR A 886 -35.27 6.86 9.36
C TYR A 886 -36.11 8.03 8.81
N GLU A 887 -36.98 7.75 7.83
CA GLU A 887 -37.83 8.82 7.28
C GLU A 887 -38.72 9.40 8.37
N LYS A 888 -39.32 8.55 9.19
CA LYS A 888 -40.10 9.03 10.33
C LYS A 888 -39.22 9.83 11.29
N TRP A 889 -37.97 9.39 11.48
CA TRP A 889 -37.02 10.11 12.32
C TRP A 889 -36.71 11.49 11.72
N CYS A 890 -36.35 11.53 10.43
CA CYS A 890 -36.00 12.82 9.83
C CYS A 890 -37.22 13.74 9.75
N ALA A 891 -38.43 13.17 9.82
CA ALA A 891 -39.63 14.00 9.80
C ALA A 891 -39.79 14.81 11.09
N ILE A 892 -39.12 14.42 12.18
CA ILE A 892 -39.15 15.21 13.41
C ILE A 892 -38.49 16.55 13.16
N THR A 893 -39.24 17.64 13.35
CA THR A 893 -38.85 18.95 12.83
C THR A 893 -39.40 20.02 13.75
N PRO A 894 -38.71 21.18 13.86
CA PRO A 894 -39.18 22.25 14.74
C PRO A 894 -40.59 22.72 14.41
N SER A 906 -39.34 32.06 17.91
CA SER A 906 -39.33 32.25 16.46
C SER A 906 -37.91 32.45 15.92
N LYS A 907 -37.10 33.25 16.64
CA LYS A 907 -35.67 33.27 16.34
C LYS A 907 -34.98 31.98 16.75
N VAL A 908 -35.45 31.38 17.84
CA VAL A 908 -34.92 30.09 18.28
C VAL A 908 -35.18 29.01 17.23
N ILE A 909 -36.37 29.04 16.60
CA ILE A 909 -36.66 28.04 15.57
C ILE A 909 -35.81 28.30 14.33
N ARG A 910 -35.72 29.57 13.92
CA ARG A 910 -34.85 29.89 12.79
C ARG A 910 -33.40 29.51 13.07
N LEU A 911 -32.94 29.76 14.30
CA LEU A 911 -31.55 29.43 14.64
C LEU A 911 -31.32 27.93 14.72
N LEU A 912 -32.33 27.16 15.12
CA LEU A 912 -32.21 25.70 15.10
C LEU A 912 -32.30 25.16 13.69
N GLU A 913 -33.12 25.79 12.83
CA GLU A 913 -33.43 25.23 11.52
C GLU A 913 -32.39 25.58 10.45
N LEU A 914 -31.78 26.76 10.51
CA LEU A 914 -30.83 27.20 9.50
C LEU A 914 -31.30 26.83 8.10
N SER A 915 -32.49 27.36 7.75
CA SER A 915 -33.18 26.94 6.53
C SER A 915 -32.34 27.15 5.27
N PHE A 916 -31.36 28.05 5.30
CA PHE A 916 -30.49 28.22 4.13
C PHE A 916 -29.65 27.00 3.83
N LEU A 917 -29.58 26.04 4.74
CA LEU A 917 -28.82 24.82 4.49
C LEU A 917 -29.71 23.84 3.73
N ALA A 918 -29.19 23.33 2.62
CA ALA A 918 -29.98 22.44 1.77
C ALA A 918 -30.15 21.07 2.40
N ASP A 919 -29.21 20.66 3.24
CA ASP A 919 -29.24 19.37 3.92
C ASP A 919 -29.59 19.63 5.38
N ARG A 920 -30.89 19.53 5.70
CA ARG A 920 -31.34 19.83 7.06
C ARG A 920 -30.65 18.96 8.10
N GLU A 921 -30.11 17.80 7.71
CA GLU A 921 -29.37 16.96 8.65
C GLU A 921 -28.07 17.62 9.15
N MET A 922 -27.65 18.73 8.55
CA MET A 922 -26.51 19.50 9.04
C MET A 922 -26.90 20.68 9.91
N ASN A 923 -28.18 20.85 10.22
CA ASN A 923 -28.56 22.03 11.01
C ASN A 923 -28.43 21.73 12.52
N THR A 924 -28.57 22.78 13.32
CA THR A 924 -28.42 22.59 14.75
C THR A 924 -29.55 21.77 15.35
N TRP A 925 -30.75 21.86 14.76
CA TRP A 925 -31.86 21.03 15.19
C TRP A 925 -31.46 19.56 15.20
N ALA A 926 -30.89 19.09 14.09
CA ALA A 926 -30.47 17.69 14.02
C ALA A 926 -29.52 17.34 15.16
N LEU A 927 -28.73 18.31 15.63
CA LEU A 927 -27.87 18.06 16.78
C LEU A 927 -28.68 17.88 18.06
N LEU A 928 -29.59 18.83 18.34
CA LEU A 928 -30.43 18.68 19.52
C LEU A 928 -31.23 17.38 19.47
N ARG A 929 -31.80 17.03 18.31
CA ARG A 929 -32.57 15.80 18.20
C ARG A 929 -31.72 14.57 18.54
N ALA A 930 -30.51 14.48 17.98
CA ALA A 930 -29.68 13.32 18.25
C ALA A 930 -29.25 13.27 19.72
N SER A 931 -28.94 14.41 20.30
CA SER A 931 -28.51 14.46 21.69
C SER A 931 -29.61 13.97 22.61
N THR A 932 -30.82 14.53 22.44
CA THR A 932 -31.96 14.12 23.25
C THR A 932 -32.23 12.63 23.08
N ALA A 933 -32.25 12.14 21.85
CA ALA A 933 -32.49 10.71 21.63
C ALA A 933 -31.44 9.89 22.37
N PHE A 934 -30.20 10.36 22.37
CA PHE A 934 -29.15 9.62 23.07
C PHE A 934 -29.38 9.66 24.57
N LYS A 935 -29.71 10.84 25.10
CA LYS A 935 -30.02 10.94 26.51
C LYS A 935 -31.08 9.90 26.90
N LEU A 936 -32.11 9.73 26.07
CA LEU A 936 -33.28 8.94 26.46
C LEU A 936 -33.06 7.45 26.30
N TYR A 937 -32.30 7.03 25.29
CA TYR A 937 -32.30 5.63 24.89
C TYR A 937 -30.91 5.04 24.75
N TYR A 938 -29.87 5.70 25.29
CA TYR A 938 -28.53 5.16 25.14
C TYR A 938 -28.40 3.78 25.78
N HIS A 939 -29.17 3.51 26.85
CA HIS A 939 -29.21 2.20 27.48
C HIS A 939 -30.38 1.33 27.02
N LYS A 940 -31.60 1.89 26.97
CA LYS A 940 -32.77 1.10 26.61
C LYS A 940 -32.70 0.57 25.18
N SER A 941 -32.38 1.45 24.22
CA SER A 941 -32.38 1.08 22.80
C SER A 941 -31.14 1.67 22.13
N PRO A 942 -29.96 1.12 22.45
CA PRO A 942 -28.73 1.65 21.84
C PRO A 942 -28.71 1.51 20.33
N LYS A 943 -29.11 0.36 19.79
CA LYS A 943 -29.06 0.18 18.34
C LYS A 943 -29.87 1.25 17.63
N PHE A 944 -30.98 1.69 18.24
CA PHE A 944 -31.85 2.70 17.63
C PHE A 944 -31.16 4.06 17.57
N VAL A 945 -30.63 4.52 18.70
CA VAL A 945 -29.99 5.84 18.75
C VAL A 945 -28.85 5.91 17.73
N TRP A 946 -27.98 4.91 17.73
CA TRP A 946 -26.80 5.00 16.89
C TRP A 946 -27.14 4.84 15.41
N GLN A 947 -28.14 4.03 15.08
CA GLN A 947 -28.47 3.83 13.67
C GLN A 947 -29.25 5.01 13.08
N MET A 948 -30.03 5.70 13.91
CA MET A 948 -30.76 6.90 13.49
C MET A 948 -29.87 8.15 13.54
N ALA A 949 -29.16 8.35 14.65
CA ALA A 949 -28.52 9.63 14.93
C ALA A 949 -27.00 9.55 14.99
N GLY A 950 -26.42 8.42 14.57
CA GLY A 950 -24.97 8.27 14.68
C GLY A 950 -24.24 9.44 14.07
N ARG A 951 -24.61 9.82 12.86
CA ARG A 951 -23.97 10.93 12.16
C ARG A 951 -23.86 12.17 13.05
N GLN A 952 -24.97 12.68 13.56
CA GLN A 952 -24.91 13.87 14.40
C GLN A 952 -24.15 13.60 15.71
N LEU A 953 -24.23 12.38 16.24
CA LEU A 953 -23.46 12.06 17.43
C LEU A 953 -21.98 12.25 17.16
N ALA A 954 -21.50 11.70 16.04
CA ALA A 954 -20.14 11.96 15.59
C ALA A 954 -19.85 13.45 15.53
N TYR A 955 -20.81 14.27 15.06
CA TYR A 955 -20.55 15.71 14.98
C TYR A 955 -20.36 16.29 16.37
N ILE A 956 -21.28 15.97 17.28
CA ILE A 956 -21.18 16.51 18.63
C ILE A 956 -19.87 16.10 19.28
N LYS A 957 -19.48 14.83 19.12
CA LYS A 957 -18.25 14.34 19.72
C LYS A 957 -17.04 15.13 19.23
N ALA A 958 -16.94 15.34 17.92
CA ALA A 958 -15.79 16.11 17.42
C ALA A 958 -15.88 17.56 17.85
N GLN A 959 -17.08 18.12 17.96
CA GLN A 959 -17.19 19.47 18.50
C GLN A 959 -16.69 19.50 19.94
N MET A 960 -17.15 18.54 20.74
CA MET A 960 -16.95 18.65 22.18
C MET A 960 -15.52 18.34 22.58
N THR A 961 -14.84 17.46 21.85
CA THR A 961 -13.48 17.11 22.19
C THR A 961 -12.45 18.05 21.57
N SER A 962 -12.88 19.06 20.82
CA SER A 962 -11.91 20.03 20.32
C SER A 962 -11.41 20.89 21.47
N ARG A 963 -10.11 21.19 21.46
CA ARG A 963 -9.49 21.99 22.52
C ARG A 963 -8.79 23.22 21.94
N PRO A 964 -8.93 24.37 22.59
CA PRO A 964 -8.35 25.62 22.08
C PRO A 964 -6.87 25.51 21.73
N GLY A 965 -6.51 26.01 20.54
CA GLY A 965 -5.14 26.00 20.07
C GLY A 965 -4.48 24.64 19.96
N GLU A 966 -5.29 23.57 20.00
CA GLU A 966 -4.79 22.20 19.90
C GLU A 966 -5.15 21.58 18.56
N GLY A 967 -5.06 22.36 17.49
CA GLY A 967 -5.44 21.90 16.17
C GLY A 967 -6.86 22.29 15.82
N ALA A 968 -7.24 21.98 14.59
CA ALA A 968 -8.59 22.27 14.11
C ALA A 968 -9.24 20.98 13.61
N PRO A 969 -10.45 20.65 14.09
CA PRO A 969 -11.21 19.59 13.44
C PRO A 969 -11.56 20.00 12.02
N ALA A 970 -11.62 19.03 11.13
CA ALA A 970 -11.87 19.28 9.72
C ALA A 970 -13.21 18.67 9.33
N LEU A 971 -14.10 19.50 8.76
CA LEU A 971 -15.38 19.03 8.26
C LEU A 971 -15.21 18.65 6.81
N MET A 972 -15.03 17.35 6.55
N MET A 972 -15.03 17.35 6.54
CA MET A 972 -14.87 16.83 5.20
CA MET A 972 -14.82 16.86 5.18
C MET A 972 -16.20 16.71 4.50
C MET A 972 -16.15 16.61 4.48
N THR A 973 -16.18 16.91 3.18
CA THR A 973 -17.33 16.53 2.36
C THR A 973 -17.37 15.02 2.23
N ALA A 974 -18.58 14.49 2.04
CA ALA A 974 -18.73 13.05 1.91
C ALA A 974 -17.79 12.46 0.86
N PHE A 975 -17.69 13.11 -0.29
CA PHE A 975 -16.84 12.59 -1.36
C PHE A 975 -15.37 12.68 -1.00
N MET A 976 -14.93 13.82 -0.47
CA MET A 976 -13.52 13.97 -0.09
C MET A 976 -13.13 12.99 1.00
N TYR A 977 -14.05 12.71 1.93
CA TYR A 977 -13.78 11.73 2.98
C TYR A 977 -13.52 10.35 2.41
N ALA A 978 -14.22 9.98 1.34
CA ALA A 978 -14.12 8.62 0.83
C ALA A 978 -12.81 8.38 0.08
N GLY A 979 -12.16 9.43 -0.40
CA GLY A 979 -10.89 9.31 -1.09
C GLY A 979 -9.66 9.20 -0.20
N LEU A 980 -9.83 9.28 1.12
CA LEU A 980 -8.72 9.24 2.05
C LEU A 980 -8.57 7.83 2.64
N MET A 981 -7.36 7.52 3.09
CA MET A 981 -7.08 6.25 3.73
C MET A 981 -6.05 6.44 4.84
N PRO A 982 -6.10 5.61 5.88
CA PRO A 982 -5.11 5.72 6.96
C PRO A 982 -3.69 5.64 6.43
N ASP A 983 -2.79 6.37 7.11
CA ASP A 983 -1.38 6.43 6.76
C ASP A 983 -0.65 5.49 7.71
N LYS A 984 -0.35 4.28 7.24
CA LYS A 984 0.33 3.30 8.09
C LYS A 984 1.65 3.88 8.61
N LYS A 985 2.41 4.55 7.75
CA LYS A 985 3.66 5.16 8.19
C LYS A 985 3.42 6.21 9.28
N PHE A 986 2.28 6.89 9.25
CA PHE A 986 1.98 7.85 10.36
C PHE A 986 1.67 7.06 11.64
N THR A 987 0.90 5.98 11.52
CA THR A 987 0.48 5.25 12.73
C THR A 987 1.72 4.72 13.45
N LYS A 988 2.64 4.12 12.71
CA LYS A 988 3.88 3.55 13.31
C LYS A 988 4.77 4.66 13.88
N GLN A 989 4.93 5.76 13.15
CA GLN A 989 5.81 6.86 13.62
C GLN A 989 5.23 7.51 14.88
N TYR A 990 3.93 7.75 14.91
CA TYR A 990 3.28 8.37 16.09
C TYR A 990 3.38 7.44 17.30
N VAL A 991 3.12 6.14 17.11
CA VAL A 991 3.12 5.23 18.28
C VAL A 991 4.53 5.20 18.86
N ALA A 992 5.55 5.17 18.00
CA ALA A 992 6.94 5.09 18.46
C ALA A 992 7.26 6.31 19.31
N ARG A 993 6.81 7.49 18.88
CA ARG A 993 7.03 8.73 19.64
C ARG A 993 6.30 8.63 20.99
N LEU A 994 5.10 8.06 20.99
CA LEU A 994 4.31 7.91 22.25
C LEU A 994 5.06 6.99 23.20
N GLU A 995 5.66 5.92 22.67
CA GLU A 995 6.33 4.92 23.54
C GLU A 995 7.85 5.19 23.54
N ALA B 19 46.79 31.21 27.66
CA ALA B 19 47.14 30.57 28.92
C ALA B 19 46.24 31.08 30.06
N ALA B 20 46.38 32.36 30.40
CA ALA B 20 45.51 32.96 31.41
C ALA B 20 44.19 33.36 30.78
N LEU B 22 42.64 30.85 29.63
CA LEU B 22 42.45 29.40 29.66
C LEU B 22 42.79 28.82 31.04
N ARG B 23 42.25 29.42 32.10
CA ARG B 23 42.43 28.91 33.45
C ARG B 23 41.12 28.68 34.20
N ASN B 24 39.99 29.14 33.67
CA ASN B 24 38.69 28.92 34.29
C ASN B 24 37.59 29.00 33.23
N ILE B 25 37.69 28.14 32.20
CA ILE B 25 36.68 28.14 31.15
C ILE B 25 35.41 27.47 31.60
N TRP B 26 35.55 26.39 32.37
CA TRP B 26 34.35 25.60 32.75
C TRP B 26 33.62 26.18 33.95
N PRO B 27 32.34 25.85 34.14
CA PRO B 27 31.62 26.30 35.31
C PRO B 27 32.26 25.72 36.58
N LYS B 28 32.39 26.54 37.63
CA LYS B 28 32.98 26.08 38.91
C LYS B 28 31.97 25.22 39.68
N PHE B 29 32.48 24.27 40.46
CA PHE B 29 31.58 23.42 41.27
C PHE B 29 31.60 23.91 42.73
N PRO B 30 30.45 24.33 43.29
CA PRO B 30 30.40 24.74 44.68
C PRO B 30 30.29 23.54 45.62
N LYS B 31 30.52 23.74 46.91
CA LYS B 31 30.42 22.65 47.92
C LYS B 31 28.97 22.56 48.39
N TRP B 32 28.07 23.31 47.76
CA TRP B 32 26.64 23.29 48.15
C TRP B 32 25.91 22.15 47.44
N HIS B 34 28.01 19.53 45.59
CA HIS B 34 29.14 18.61 45.86
C HIS B 34 28.65 17.24 46.33
N GLU B 35 27.36 17.09 46.60
CA GLU B 35 26.82 15.74 46.96
C GLU B 35 25.64 15.45 46.03
N ALA B 36 25.41 16.33 45.07
CA ALA B 36 24.23 16.17 44.18
C ALA B 36 24.41 15.02 43.20
N PRO B 37 23.33 14.30 42.83
CA PRO B 37 23.43 13.27 41.81
C PRO B 37 24.00 13.95 40.55
N LEU B 38 24.80 13.23 39.74
CA LEU B 38 25.49 13.89 38.61
C LEU B 38 24.46 14.58 37.72
N ALA B 39 23.33 13.92 37.49
CA ALA B 39 22.30 14.51 36.61
C ALA B 39 21.83 15.81 37.25
N VAL B 40 21.61 15.79 38.57
CA VAL B 40 21.08 17.00 39.24
C VAL B 40 22.10 18.12 39.07
N ALA B 41 23.37 17.82 39.26
CA ALA B 41 24.37 18.90 39.22
C ALA B 41 24.37 19.56 37.84
N TRP B 42 24.40 18.76 36.78
CA TRP B 42 24.52 19.37 35.44
C TRP B 42 23.28 20.21 35.15
N GLU B 43 22.11 19.67 35.44
CA GLU B 43 20.86 20.40 35.18
C GLU B 43 20.77 21.64 36.07
N VAL B 44 21.21 21.54 37.33
CA VAL B 44 21.20 22.78 38.17
C VAL B 44 22.16 23.79 37.57
N THR B 45 23.35 23.33 37.15
CA THR B 45 24.36 24.24 36.57
C THR B 45 23.75 24.85 35.32
N ARG B 46 23.02 24.06 34.55
CA ARG B 46 22.37 24.56 33.31
C ARG B 46 21.52 25.79 33.65
N PHE B 48 20.66 27.82 35.85
CA PHE B 48 21.43 28.90 36.47
C PHE B 48 22.33 29.63 35.46
N MET B 49 22.98 28.85 34.58
CA MET B 49 23.77 29.45 33.52
C MET B 49 22.90 30.29 32.59
N HIS B 50 21.68 29.83 32.33
CA HIS B 50 20.73 30.55 31.49
C HIS B 50 20.49 31.95 32.03
N LYS B 52 21.58 33.77 34.45
CA LYS B 52 22.99 33.70 34.83
C LYS B 52 23.24 34.25 36.24
N VAL B 53 23.29 33.35 37.24
CA VAL B 53 23.52 33.72 38.63
C VAL B 53 24.76 32.99 39.13
N ASP B 54 25.74 33.75 39.64
CA ASP B 54 27.01 33.17 40.12
C ASP B 54 26.81 32.10 41.18
N SER B 59 26.43 36.04 49.22
CA SER B 59 26.13 34.88 50.10
C SER B 59 24.62 34.58 50.10
N LEU B 60 24.02 34.39 48.93
CA LEU B 60 22.58 34.02 48.84
C LEU B 60 22.39 32.65 49.49
N GLY B 61 21.22 32.37 50.06
CA GLY B 61 21.05 31.11 50.80
C GLY B 61 20.74 29.92 49.92
N LEU B 62 21.63 29.61 48.98
CA LEU B 62 21.44 28.43 48.11
C LEU B 62 21.80 27.19 48.93
N LYS B 63 20.94 26.16 48.89
CA LYS B 63 21.17 24.96 49.73
C LYS B 63 20.69 23.73 48.98
N TYR B 64 21.11 22.56 49.43
CA TYR B 64 20.75 21.31 48.70
C TYR B 64 19.35 20.87 49.11
N ASP B 65 18.36 21.20 48.29
CA ASP B 65 16.96 20.78 48.57
C ASP B 65 16.90 19.25 48.48
N PRO B 66 16.23 18.54 49.41
CA PRO B 66 16.09 17.10 49.26
C PRO B 66 15.01 16.76 48.23
N SER B 69 17.37 15.05 45.00
CA SER B 69 18.00 13.73 44.84
C SER B 69 16.97 12.72 44.34
N THR B 70 15.73 12.82 44.79
CA THR B 70 14.72 11.80 44.40
C THR B 70 13.76 12.35 43.35
N ALA B 71 14.13 13.45 42.68
CA ALA B 71 13.27 13.98 41.64
C ALA B 71 13.18 13.00 40.48
N ARG B 72 12.01 12.95 39.84
CA ARG B 72 11.80 12.19 38.63
C ARG B 72 11.41 13.07 37.45
N ASP B 73 11.41 14.39 37.63
CA ASP B 73 11.16 15.33 36.55
C ASP B 73 11.96 16.59 36.83
N VAL B 74 12.52 17.19 35.78
CA VAL B 74 13.38 18.34 35.97
C VAL B 74 12.57 19.56 36.40
N THR B 75 11.33 19.66 35.92
CA THR B 75 10.51 20.82 36.26
C THR B 75 10.39 20.99 37.76
N ASP B 76 10.28 19.87 38.50
CA ASP B 76 10.11 19.93 39.94
C ASP B 76 11.23 20.73 40.61
N ILE B 77 12.48 20.53 40.18
CA ILE B 77 13.58 21.32 40.73
C ILE B 77 13.49 22.75 40.24
N GLU B 94 15.07 23.74 25.83
CA GLU B 94 16.15 23.80 26.86
C GLU B 94 15.67 23.06 28.11
N LYS B 95 15.08 21.88 27.96
CA LYS B 95 14.70 21.05 29.13
C LYS B 95 14.93 19.57 28.86
N PRO B 96 15.64 18.84 29.75
CA PRO B 96 15.80 17.40 29.58
C PRO B 96 14.44 16.71 29.74
N PRO B 97 14.05 15.77 28.86
CA PRO B 97 12.80 15.04 29.04
C PRO B 97 12.85 14.18 30.30
N ASN B 98 11.69 13.86 30.87
CA ASN B 98 11.64 13.08 32.13
C ASN B 98 12.26 11.70 31.93
N ASP B 99 12.00 11.08 30.79
CA ASP B 99 12.49 9.69 30.55
C ASP B 99 14.01 9.71 30.64
N VAL B 100 14.65 10.71 30.04
CA VAL B 100 16.12 10.85 30.13
C VAL B 100 16.50 11.04 31.60
N PHE B 101 15.77 11.90 32.30
CA PHE B 101 16.11 12.21 33.71
C PHE B 101 16.01 10.95 34.56
N VAL B 102 14.94 10.18 34.38
CA VAL B 102 14.73 8.98 35.24
C VAL B 102 15.89 8.02 35.00
N THR B 103 16.30 7.86 33.75
CA THR B 103 17.38 6.89 33.43
C THR B 103 18.70 7.46 33.96
N ALA B 104 18.83 8.78 33.94
CA ALA B 104 20.04 9.39 34.47
C ALA B 104 20.11 9.23 35.99
N MET B 105 18.98 9.43 36.68
CA MET B 105 18.94 9.31 38.13
C MET B 105 18.90 7.85 38.57
N THR B 106 18.02 7.05 37.96
CA THR B 106 17.78 5.69 38.40
C THR B 106 18.33 4.62 37.48
N GLY B 107 18.45 4.90 36.18
CA GLY B 107 18.84 3.90 35.21
C GLY B 107 20.31 3.78 34.93
N ASN B 108 21.16 4.49 35.67
CA ASN B 108 22.61 4.45 35.46
C ASN B 108 22.95 4.90 34.04
N PHE B 109 22.25 5.92 33.56
CA PHE B 109 22.56 6.59 32.31
C PHE B 109 22.36 5.70 31.09
N GLU B 110 21.63 4.60 31.23
CA GLU B 110 21.44 3.67 30.12
C GLU B 110 20.00 3.21 30.08
N SER B 111 19.45 3.11 28.88
CA SER B 111 18.11 2.57 28.68
C SER B 111 17.96 2.13 27.23
N LYS B 112 17.54 0.88 27.03
CA LYS B 112 17.29 0.35 25.69
C LYS B 112 18.48 0.56 24.76
N GLY B 113 19.68 0.30 25.27
CA GLY B 113 20.89 0.53 24.50
C GLY B 113 21.25 1.98 24.24
N SER B 114 20.42 2.93 24.68
CA SER B 114 20.67 4.35 24.49
C SER B 114 21.36 4.91 25.72
N ALA B 115 22.38 5.73 25.50
CA ALA B 115 23.16 6.33 26.58
C ALA B 115 22.81 7.80 26.72
N VAL B 116 22.69 8.26 27.96
CA VAL B 116 22.55 9.70 28.18
C VAL B 116 23.90 10.35 27.94
N VAL B 117 23.90 11.52 27.29
CA VAL B 117 25.11 12.13 26.78
C VAL B 117 25.36 13.47 27.49
N LEU B 118 26.61 13.66 27.93
CA LEU B 118 27.05 14.96 28.45
C LEU B 118 27.76 15.71 27.33
N SER B 119 26.97 16.38 26.50
CA SER B 119 27.50 17.17 25.39
C SER B 119 27.52 18.65 25.75
N ALA B 120 28.58 19.32 25.35
CA ALA B 120 28.70 20.78 25.60
C ALA B 120 29.18 21.47 24.33
N VAL B 121 28.77 22.72 24.12
CA VAL B 121 29.25 23.49 22.95
C VAL B 121 30.04 24.67 23.51
N LEU B 122 31.26 24.88 23.00
CA LEU B 122 32.11 26.00 23.46
C LEU B 122 32.26 26.96 22.26
N ASP B 123 32.07 28.25 22.49
CA ASP B 123 32.23 29.26 21.42
C ASP B 123 33.10 30.39 21.95
N TYR B 124 33.86 31.06 21.08
CA TYR B 124 34.74 32.17 21.49
C TYR B 124 33.92 33.25 22.21
N ASN B 125 34.37 33.67 23.40
CA ASN B 125 33.68 34.72 24.14
C ASN B 125 34.00 36.08 23.52
N PRO B 126 32.99 36.94 23.30
CA PRO B 126 33.26 38.20 22.58
C PRO B 126 34.28 39.09 23.28
N ASP B 127 34.12 39.32 24.58
CA ASP B 127 35.03 40.20 25.32
C ASP B 127 36.46 39.66 25.24
N ASN B 128 37.42 40.58 25.09
CA ASN B 128 38.83 40.22 24.90
C ASN B 128 39.70 40.66 26.06
N SER B 129 39.11 40.91 27.23
CA SER B 129 39.92 41.20 28.40
C SER B 129 40.67 39.95 28.84
N PRO B 130 41.96 40.07 29.22
CA PRO B 130 42.74 38.92 29.65
C PRO B 130 42.10 38.16 30.82
N LEU B 134 38.17 32.74 27.56
CA LEU B 134 38.36 32.70 26.11
C LEU B 134 37.14 32.09 25.39
N TYR B 135 36.65 30.96 25.89
CA TYR B 135 35.45 30.33 25.39
C TYR B 135 34.31 30.45 26.38
N LEU B 136 33.09 30.42 25.88
CA LEU B 136 31.89 30.37 26.71
C LEU B 136 31.26 28.99 26.58
N VAL B 137 31.19 28.27 27.69
CA VAL B 137 30.62 26.92 27.70
C VAL B 137 29.10 27.02 27.71
N LYS B 138 28.43 26.08 27.04
CA LYS B 138 26.97 26.03 27.01
C LYS B 138 26.54 24.57 27.11
N LEU B 139 26.58 24.02 28.33
CA LEU B 139 26.20 22.64 28.54
C LEU B 139 24.82 22.35 27.96
N LYS B 140 24.77 21.46 26.98
CA LYS B 140 23.51 21.12 26.34
C LYS B 140 22.64 20.29 27.28
N PRO B 141 21.34 20.23 27.01
CA PRO B 141 20.47 19.37 27.83
C PRO B 141 20.89 17.91 27.73
N LEU B 142 20.64 17.16 28.79
CA LEU B 142 20.93 15.74 28.77
C LEU B 142 20.06 15.09 27.69
N MET B 143 20.69 14.26 26.85
CA MET B 143 19.94 13.67 25.72
C MET B 143 20.26 12.18 25.60
N PHE B 144 19.37 11.45 24.95
CA PHE B 144 19.62 10.01 24.70
C PHE B 144 20.25 9.86 23.32
N GLU B 145 21.39 9.19 23.22
CA GLU B 145 22.01 8.89 21.91
C GLU B 145 22.35 7.41 21.93
N GLN B 146 22.48 6.79 20.77
CA GLN B 146 22.80 5.37 20.71
C GLN B 146 24.14 5.12 21.39
N GLY B 147 24.19 4.05 22.17
CA GLY B 147 25.40 3.70 22.89
C GLY B 147 26.50 3.18 21.98
N CYS B 148 27.64 2.87 22.60
CA CYS B 148 28.81 2.38 21.89
C CYS B 148 29.58 1.46 22.82
N ARG B 149 30.56 0.75 22.25
CA ARG B 149 31.31 -0.22 23.05
C ARG B 149 31.89 0.43 24.30
N LEU B 150 32.39 1.66 24.19
CA LEU B 150 33.10 2.25 25.34
C LEU B 150 32.13 2.64 26.45
N THR B 151 30.94 3.13 26.08
CA THR B 151 29.99 3.52 27.11
C THR B 151 29.34 2.30 27.76
N ARG B 152 29.17 1.22 27.00
CA ARG B 152 28.66 0.01 27.59
C ARG B 152 29.67 -0.65 28.51
N ARG B 153 30.96 -0.49 28.24
CA ARG B 153 31.99 -1.16 29.03
C ARG B 153 32.41 -0.36 30.25
N PHE B 154 32.25 0.97 30.22
CA PHE B 154 32.71 1.81 31.31
C PHE B 154 31.65 2.74 31.86
N GLY B 155 30.55 2.96 31.13
CA GLY B 155 29.44 3.74 31.65
C GLY B 155 29.34 5.11 30.99
N PRO B 156 28.20 5.39 30.39
CA PRO B 156 28.05 6.68 29.69
C PRO B 156 28.38 7.88 30.56
N ASP B 157 28.12 7.78 31.87
CA ASP B 157 28.38 8.91 32.76
C ASP B 157 29.85 9.31 32.77
N ARG B 158 30.73 8.43 32.30
CA ARG B 158 32.17 8.70 32.32
C ARG B 158 32.66 9.32 31.02
N PHE B 159 31.75 9.73 30.13
CA PHE B 159 32.11 10.28 28.83
C PHE B 159 31.48 11.64 28.63
N PHE B 160 32.28 12.58 28.12
CA PHE B 160 31.90 13.98 27.95
C PHE B 160 32.44 14.46 26.62
N GLU B 161 31.55 14.97 25.76
CA GLU B 161 31.91 15.39 24.42
C GLU B 161 31.59 16.87 24.22
N ILE B 162 32.54 17.60 23.64
CA ILE B 162 32.43 19.03 23.42
C ILE B 162 32.67 19.34 21.94
N LEU B 163 32.03 20.39 21.47
CA LEU B 163 32.31 21.00 20.18
C LEU B 163 33.06 22.30 20.44
N ILE B 164 34.32 22.38 20.00
CA ILE B 164 35.16 23.56 20.29
C ILE B 164 35.70 24.13 18.97
N PRO B 165 35.87 25.46 18.82
CA PRO B 165 36.46 26.02 17.62
C PRO B 165 37.89 25.51 17.42
N SER B 166 38.24 25.19 16.18
CA SER B 166 39.63 24.72 15.91
C SER B 166 40.59 25.88 16.15
N PRO B 167 41.69 25.64 16.88
CA PRO B 167 42.70 26.68 17.08
C PRO B 167 43.47 27.03 15.79
N THR B 168 43.39 26.20 14.76
CA THR B 168 44.17 26.43 13.52
C THR B 168 43.33 27.18 12.49
N SER B 169 42.11 27.58 12.84
CA SER B 169 41.27 28.40 11.94
C SER B 169 41.71 29.87 11.98
N SER B 171 40.49 32.55 9.91
CA SER B 171 39.10 33.10 9.89
C SER B 171 39.04 34.42 10.66
N PRO B 172 38.25 35.40 10.18
CA PRO B 172 38.19 36.71 10.83
C PRO B 172 37.64 36.67 12.26
N SER B 173 36.65 35.81 12.53
CA SER B 173 35.99 35.78 13.86
C SER B 173 37.03 35.44 14.92
N VAL B 174 38.06 34.69 14.56
CA VAL B 174 39.04 34.24 15.58
C VAL B 174 39.58 35.47 16.27
N PRO B 175 39.58 35.48 17.62
CA PRO B 175 40.03 36.65 18.37
C PRO B 175 41.54 36.88 18.17
N PRO B 176 42.03 38.13 18.32
CA PRO B 176 43.44 38.42 18.07
C PRO B 176 44.28 37.58 19.03
N VAL B 177 43.80 37.42 20.26
CA VAL B 177 44.50 36.58 21.27
C VAL B 177 44.90 35.24 20.64
N SER B 179 45.20 34.39 17.24
CA SER B 179 45.57 34.78 15.86
C SER B 179 46.95 35.46 15.86
N LYS B 180 47.23 36.30 16.86
CA LYS B 180 48.53 37.02 16.96
C LYS B 180 49.55 36.16 17.69
N GLN B 181 49.11 35.05 18.30
CA GLN B 181 50.02 34.15 19.04
C GLN B 181 51.08 33.56 18.09
N ALA B 184 50.55 29.41 20.17
CA ALA B 184 49.17 29.60 20.65
C ALA B 184 48.35 28.32 20.40
N VAL B 185 48.47 27.74 19.22
CA VAL B 185 47.77 26.45 18.93
C VAL B 185 48.33 25.42 19.90
N GLU B 186 49.64 25.46 20.14
CA GLU B 186 50.26 24.48 21.05
C GLU B 186 49.62 24.69 22.42
N GLU B 187 49.38 25.94 22.80
CA GLU B 187 48.77 26.26 24.11
C GLU B 187 47.35 25.68 24.20
N VAL B 188 46.55 25.85 23.15
CA VAL B 188 45.18 25.24 23.17
C VAL B 188 45.29 23.73 23.24
N ILE B 189 46.18 23.13 22.44
CA ILE B 189 46.26 21.65 22.41
C ILE B 189 46.70 21.20 23.81
N GLN B 190 47.66 21.90 24.40
CA GLN B 190 48.14 21.55 25.76
C GLN B 190 46.97 21.61 26.72
N TRP B 191 46.14 22.65 26.60
CA TRP B 191 45.03 22.82 27.55
C TRP B 191 44.14 21.60 27.44
N LEU B 192 43.86 21.14 26.23
CA LEU B 192 42.91 20.02 26.05
C LEU B 192 43.53 18.69 26.46
N THR B 193 44.83 18.50 26.30
CA THR B 193 45.42 17.18 26.48
C THR B 193 46.23 17.03 27.76
N MET B 194 47.12 17.97 28.06
CA MET B 194 48.13 17.70 29.08
C MET B 194 47.54 17.46 30.46
N GLY B 195 46.35 18.00 30.75
CA GLY B 195 45.83 17.95 32.09
C GLY B 195 44.38 17.49 32.16
N GLN B 196 43.95 17.19 33.38
CA GLN B 196 42.55 16.92 33.64
C GLN B 196 41.74 18.21 33.62
N HIS B 197 40.43 18.07 33.51
CA HIS B 197 39.50 19.20 33.49
C HIS B 197 38.39 18.91 34.47
N SER B 198 38.19 19.81 35.42
CA SER B 198 37.19 19.64 36.45
C SER B 198 35.83 20.14 35.94
N LEU B 199 34.81 19.33 36.14
CA LEU B 199 33.46 19.70 35.71
C LEU B 199 32.44 18.79 36.38
N VAL B 200 31.39 19.38 36.98
CA VAL B 200 30.36 18.66 37.71
C VAL B 200 30.99 17.61 38.63
N GLY B 201 32.09 17.98 39.29
CA GLY B 201 32.70 17.12 40.28
C GLY B 201 33.48 15.96 39.73
N ARG B 202 33.83 15.99 38.45
CA ARG B 202 34.61 14.93 37.84
C ARG B 202 35.82 15.54 37.14
N GLN B 203 36.89 14.75 37.09
CA GLN B 203 38.11 15.10 36.36
C GLN B 203 38.06 14.45 34.97
N TRP B 204 38.01 15.27 33.93
CA TRP B 204 37.83 14.80 32.57
C TRP B 204 39.14 14.89 31.78
N ARG B 205 39.54 13.78 31.18
CA ARG B 205 40.75 13.72 30.37
C ARG B 205 40.38 13.43 28.93
N ALA B 206 41.09 14.09 28.01
CA ALA B 206 40.80 13.99 26.60
C ALA B 206 41.47 12.76 26.00
N PHE B 207 40.80 12.14 25.03
CA PHE B 207 41.35 10.92 24.44
C PHE B 207 41.04 10.77 22.96
N PHE B 208 40.22 11.66 22.39
CA PHE B 208 39.93 11.56 20.98
C PHE B 208 39.41 12.89 20.46
N ALA B 209 39.68 13.14 19.18
CA ALA B 209 39.25 14.37 18.53
C ALA B 209 38.96 14.08 17.07
N LYS B 210 37.92 14.72 16.54
CA LYS B 210 37.49 14.49 15.16
C LYS B 210 36.84 15.75 14.63
N ASP B 211 36.95 15.96 13.32
CA ASP B 211 36.41 17.17 12.71
C ASP B 211 34.88 17.13 12.72
N ALA B 212 34.26 18.16 13.29
CA ALA B 212 32.82 18.36 13.24
C ALA B 212 32.37 19.28 12.11
N GLY B 213 33.31 19.92 11.42
CA GLY B 213 32.97 20.78 10.31
C GLY B 213 32.64 22.19 10.72
N TYR B 214 32.25 22.98 9.72
CA TYR B 214 31.86 24.36 9.95
C TYR B 214 30.56 24.40 10.75
N ARG B 215 30.58 25.16 11.85
CA ARG B 215 29.43 25.28 12.75
C ARG B 215 29.18 26.75 13.05
N LYS B 216 27.94 27.07 13.40
CA LYS B 216 27.59 28.46 13.63
C LYS B 216 27.72 28.81 15.11
N PRO B 217 28.42 29.90 15.45
CA PRO B 217 28.50 30.35 16.85
C PRO B 217 27.16 30.92 17.33
N PRO B 230 30.32 31.56 10.53
CA PRO B 230 30.61 30.16 10.88
C PRO B 230 32.11 29.86 10.90
N ILE B 231 32.51 28.87 11.71
CA ILE B 231 33.91 28.47 11.83
C ILE B 231 33.97 26.95 11.87
N ILE B 232 35.19 26.42 11.77
CA ILE B 232 35.41 24.97 11.87
C ILE B 232 35.60 24.60 13.34
N LYS B 233 34.79 23.66 13.82
CA LYS B 233 34.86 23.20 15.19
C LYS B 233 35.24 21.72 15.25
N GLU B 234 36.00 21.36 16.28
CA GLU B 234 36.38 19.98 16.52
C GLU B 234 35.49 19.37 17.59
N ARG B 235 35.19 18.09 17.43
CA ARG B 235 34.59 17.28 18.50
C ARG B 235 35.72 16.66 19.29
N VAL B 236 35.82 16.99 20.57
CA VAL B 236 36.79 16.37 21.47
C VAL B 236 36.03 15.55 22.49
N HIS B 237 36.54 14.36 22.78
CA HIS B 237 35.94 13.44 23.74
C HIS B 237 36.81 13.35 24.98
N PHE B 238 36.20 13.42 26.15
CA PHE B 238 36.90 13.31 27.42
C PHE B 238 36.40 12.10 28.20
N PHE B 239 37.29 11.52 29.00
CA PHE B 239 36.96 10.42 29.90
C PHE B 239 37.08 10.89 31.34
N ALA B 240 36.10 10.54 32.17
CA ALA B 240 36.16 10.81 33.61
C ALA B 240 37.08 9.81 34.27
N GLU B 241 38.26 10.25 34.69
CA GLU B 241 39.23 9.37 35.33
C GLU B 241 39.04 9.28 36.85
N THR B 242 38.68 10.39 37.48
CA THR B 242 38.45 10.47 38.93
C THR B 242 37.29 11.42 39.18
N GLY B 243 36.93 11.55 40.46
CA GLY B 243 35.82 12.40 40.82
C GLY B 243 35.68 12.51 42.33
N ILE B 244 34.70 13.30 42.76
CA ILE B 244 34.42 13.43 44.18
C ILE B 244 33.84 12.14 44.73
N THR B 245 32.94 11.51 43.98
CA THR B 245 32.32 10.25 44.37
C THR B 245 33.14 9.03 43.98
N PHE B 246 34.27 9.21 43.30
CA PHE B 246 35.03 8.09 42.77
C PHE B 246 35.87 7.43 43.86
N ARG B 247 36.15 6.11 43.67
CA ARG B 247 36.85 5.23 44.60
C ARG B 247 38.22 4.84 44.05
N PRO B 248 39.23 4.70 44.91
CA PRO B 248 40.55 4.24 44.44
C PRO B 248 40.57 2.78 44.03
N ASP B 249 41.74 2.27 43.68
CA ASP B 249 41.88 0.89 43.25
C ASP B 249 41.71 -0.07 44.44
N GLU B 261 28.69 -1.53 38.15
CA GLU B 261 28.95 -0.48 39.13
C GLU B 261 28.05 0.73 38.90
N PRO B 262 27.41 1.22 39.97
CA PRO B 262 26.64 2.45 39.88
C PRO B 262 27.47 3.65 39.44
N VAL B 263 26.77 4.70 39.00
CA VAL B 263 27.41 5.95 38.59
C VAL B 263 28.19 6.57 39.73
N GLU B 264 27.63 6.56 40.95
CA GLU B 264 28.28 7.22 42.07
C GLU B 264 29.48 6.41 42.56
N GLN B 265 29.35 5.08 42.61
CA GLN B 265 30.44 4.21 43.06
C GLN B 265 31.23 3.74 41.84
N ARG B 266 32.19 4.56 41.42
CA ARG B 266 33.00 4.28 40.24
C ARG B 266 34.46 4.22 40.64
N THR B 267 35.14 3.16 40.24
CA THR B 267 36.58 3.08 40.46
C THR B 267 37.31 4.06 39.54
N GLU B 268 38.48 4.50 39.95
CA GLU B 268 39.24 5.47 39.17
C GLU B 268 40.09 4.75 38.15
N PHE B 269 40.00 5.20 36.90
CA PHE B 269 40.59 4.56 35.75
C PHE B 269 41.18 5.65 34.86
N LYS B 270 42.46 5.51 34.53
CA LYS B 270 43.11 6.49 33.66
C LYS B 270 42.77 6.22 32.20
N VAL B 271 42.80 7.28 31.40
CA VAL B 271 42.57 7.14 29.95
C VAL B 271 43.54 6.11 29.38
N SER B 272 44.78 6.12 29.83
CA SER B 272 45.77 5.18 29.31
C SER B 272 45.33 3.74 29.48
N GLN B 273 44.61 3.44 30.56
CA GLN B 273 44.11 2.08 30.77
C GLN B 273 42.87 1.84 29.94
N MET B 274 41.99 2.83 29.89
CA MET B 274 40.81 2.74 29.05
C MET B 274 41.18 2.45 27.59
N LEU B 275 42.20 3.15 27.07
CA LEU B 275 42.66 2.89 25.71
C LEU B 275 43.36 1.54 25.63
N ASP B 276 44.16 1.20 26.64
CA ASP B 276 44.82 -0.10 26.61
C ASP B 276 43.80 -1.23 26.63
N TRP B 277 42.66 -1.04 27.30
CA TRP B 277 41.61 -2.05 27.27
C TRP B 277 41.04 -2.20 25.86
N LEU B 278 40.79 -1.09 25.18
CA LEU B 278 40.17 -1.16 23.86
C LEU B 278 41.12 -1.79 22.85
N LEU B 279 42.37 -1.32 22.82
CA LEU B 279 43.29 -1.60 21.71
C LEU B 279 44.33 -2.67 22.02
N GLN B 280 44.45 -3.08 23.28
CA GLN B 280 45.50 -4.02 23.69
C GLN B 280 46.86 -3.61 23.12
N LEU B 281 47.34 -2.46 23.62
CA LEU B 281 48.53 -1.81 23.04
C LEU B 281 49.76 -2.72 23.05
N ASP B 282 49.90 -3.56 24.08
CA ASP B 282 51.07 -4.41 24.16
C ASP B 282 51.25 -5.25 22.90
N ASN B 283 50.17 -5.62 22.21
CA ASN B 283 50.26 -6.43 21.00
C ASN B 283 50.12 -5.62 19.73
N ASN B 284 50.21 -4.29 19.83
CA ASN B 284 50.02 -3.45 18.66
C ASN B 284 51.03 -2.30 18.59
N THR B 285 52.19 -2.44 19.26
CA THR B 285 53.15 -1.35 19.21
C THR B 285 53.79 -1.19 17.83
N TRP B 286 53.61 -2.18 16.95
CA TRP B 286 54.10 -2.12 15.58
C TRP B 286 53.29 -1.18 14.71
N GLN B 287 52.17 -0.68 15.20
CA GLN B 287 51.29 0.15 14.39
C GLN B 287 51.75 1.60 14.43
N PRO B 288 51.69 2.29 13.28
CA PRO B 288 51.89 3.75 13.30
C PRO B 288 50.91 4.39 14.28
N HIS B 289 51.44 5.16 15.23
CA HIS B 289 50.58 5.58 16.31
C HIS B 289 49.39 6.40 15.81
N LEU B 290 49.58 7.18 14.73
CA LEU B 290 48.47 7.91 14.14
C LEU B 290 47.34 6.97 13.72
N LYS B 291 47.68 5.86 13.06
CA LYS B 291 46.65 4.93 12.64
C LYS B 291 46.00 4.26 13.84
N LEU B 292 46.83 3.79 14.78
CA LEU B 292 46.32 3.26 16.03
C LEU B 292 45.33 4.23 16.66
N PHE B 293 45.71 5.50 16.76
CA PHE B 293 44.83 6.50 17.33
C PHE B 293 43.49 6.52 16.59
N SER B 294 43.52 6.40 15.26
CA SER B 294 42.27 6.45 14.53
C SER B 294 41.37 5.27 14.87
N ARG B 295 41.94 4.15 15.29
CA ARG B 295 41.07 3.01 15.56
C ARG B 295 40.25 3.19 16.84
N ILE B 296 40.54 4.21 17.64
CA ILE B 296 39.72 4.51 18.82
C ILE B 296 38.28 4.74 18.40
N GLN B 297 38.07 5.19 17.17
CA GLN B 297 36.73 5.45 16.68
C GLN B 297 35.85 4.19 16.70
N LEU B 298 36.43 3.00 16.65
CA LEU B 298 35.62 1.79 16.72
C LEU B 298 34.90 1.66 18.07
N GLY B 299 35.58 2.08 19.16
CA GLY B 299 34.95 2.04 20.46
C GLY B 299 33.85 3.05 20.64
N LEU B 300 33.87 4.13 19.86
CA LEU B 300 32.84 5.16 19.92
C LEU B 300 31.77 4.99 18.86
N SER B 301 31.91 3.99 17.99
CA SER B 301 30.93 3.79 16.93
C SER B 301 29.56 3.50 17.53
N LYS B 302 28.58 4.34 17.19
CA LYS B 302 27.23 4.15 17.72
C LYS B 302 26.62 2.90 17.10
N THR B 303 26.36 1.89 17.91
CA THR B 303 25.98 0.59 17.39
C THR B 303 24.94 -0.08 18.28
N TYR B 304 24.15 -0.97 17.68
CA TYR B 304 23.21 -1.80 18.40
C TYR B 304 23.90 -3.09 18.83
N ALA B 305 24.03 -3.30 20.14
CA ALA B 305 24.52 -4.57 20.67
C ALA B 305 23.51 -5.67 20.38
N ILE B 306 23.91 -6.67 19.60
CA ILE B 306 23.00 -7.74 19.19
C ILE B 306 23.16 -8.90 20.18
N MET B 307 24.31 -9.57 20.13
CA MET B 307 24.55 -10.71 20.98
C MET B 307 26.03 -10.77 21.34
N THR B 308 26.33 -11.60 22.32
CA THR B 308 27.70 -11.97 22.65
C THR B 308 27.96 -13.40 22.19
N LEU B 309 29.10 -13.63 21.56
CA LEU B 309 29.45 -14.96 21.08
C LEU B 309 30.56 -15.53 21.95
N GLU B 310 30.57 -16.90 22.09
CA GLU B 310 31.57 -17.58 22.90
C GLU B 310 32.79 -17.90 22.04
N PRO B 311 33.97 -17.96 22.66
CA PRO B 311 35.18 -18.26 21.89
C PRO B 311 35.00 -19.41 20.92
N HIS B 312 34.43 -20.54 21.36
CA HIS B 312 34.34 -21.67 20.44
C HIS B 312 33.40 -21.37 19.27
N GLN B 313 32.70 -20.24 19.29
CA GLN B 313 31.79 -19.84 18.22
C GLN B 313 32.38 -18.81 17.26
N ILE B 314 33.67 -18.45 17.41
CA ILE B 314 34.31 -17.42 16.60
C ILE B 314 35.40 -18.05 15.75
N ARG B 315 35.31 -17.90 14.44
CA ARG B 315 36.29 -18.44 13.50
C ARG B 315 37.21 -17.33 12.98
N HIS B 316 38.32 -17.12 13.68
CA HIS B 316 39.36 -16.19 13.23
C HIS B 316 40.17 -16.83 12.12
N HIS B 317 40.01 -16.33 10.89
CA HIS B 317 40.85 -16.79 9.80
C HIS B 317 42.19 -16.05 9.84
N LYS B 318 43.25 -16.77 9.52
CA LYS B 318 44.58 -16.16 9.48
C LYS B 318 44.95 -15.66 8.09
N THR B 319 44.13 -15.91 7.09
CA THR B 319 44.39 -15.39 5.75
C THR B 319 43.08 -14.96 5.11
N ASP B 320 43.16 -13.91 4.30
CA ASP B 320 42.02 -13.49 3.49
C ASP B 320 41.91 -14.33 2.24
N LEU B 321 40.74 -14.30 1.63
CA LEU B 321 40.62 -14.88 0.29
C LEU B 321 41.53 -14.10 -0.64
N LEU B 322 42.46 -14.81 -1.30
CA LEU B 322 43.40 -14.16 -2.20
C LEU B 322 43.02 -14.47 -3.65
N SER B 323 43.58 -13.68 -4.56
CA SER B 323 43.29 -13.84 -5.98
C SER B 323 43.66 -15.25 -6.44
N PRO B 324 42.83 -15.88 -7.29
CA PRO B 324 43.25 -17.13 -7.94
C PRO B 324 44.38 -16.91 -8.93
N SER B 325 44.53 -15.71 -9.47
CA SER B 325 45.59 -15.40 -10.39
C SER B 325 46.94 -15.20 -9.71
N GLY B 326 47.02 -15.35 -8.39
CA GLY B 326 48.28 -15.25 -7.70
C GLY B 326 48.85 -13.87 -7.54
N THR B 327 48.14 -12.81 -7.94
CA THR B 327 48.64 -11.46 -7.75
C THR B 327 48.84 -11.10 -6.28
N GLY B 328 48.24 -11.87 -5.37
CA GLY B 328 48.28 -11.57 -3.95
C GLY B 328 47.16 -10.67 -3.45
N GLU B 329 46.33 -10.13 -4.35
CA GLU B 329 45.30 -9.18 -3.96
C GLU B 329 44.21 -9.82 -3.10
N VAL B 330 43.81 -9.11 -2.05
CA VAL B 330 42.73 -9.55 -1.17
C VAL B 330 41.39 -9.39 -1.90
N MET B 331 40.61 -10.46 -1.96
CA MET B 331 39.36 -10.44 -2.74
C MET B 331 38.12 -10.23 -1.87
N ASN B 332 38.23 -10.31 -0.55
CA ASN B 332 37.08 -10.13 0.34
C ASN B 332 37.40 -9.10 1.41
N ASP B 333 38.07 -8.02 1.01
CA ASP B 333 38.56 -7.03 1.95
C ASP B 333 37.42 -6.40 2.76
N GLY B 334 37.35 -6.74 4.06
CA GLY B 334 36.39 -6.14 4.97
C GLY B 334 35.13 -6.96 5.26
N VAL B 335 34.91 -8.09 4.58
CA VAL B 335 33.63 -8.80 4.67
C VAL B 335 33.86 -10.24 5.11
N GLY B 336 33.01 -10.72 6.01
CA GLY B 336 33.01 -12.12 6.40
C GLY B 336 31.62 -12.72 6.47
N ARG B 337 31.58 -14.02 6.73
CA ARG B 337 30.30 -14.73 6.84
C ARG B 337 29.85 -14.83 8.29
N MET B 338 28.53 -14.88 8.47
CA MET B 338 27.92 -15.23 9.75
C MET B 338 26.93 -16.37 9.51
N SER B 339 26.60 -17.07 10.59
CA SER B 339 25.66 -18.18 10.50
C SER B 339 24.23 -17.67 10.43
N ARG B 340 23.33 -18.52 9.96
CA ARG B 340 21.95 -18.07 9.79
C ARG B 340 21.30 -17.73 11.12
N SER B 341 21.65 -18.44 12.20
CA SER B 341 21.06 -18.11 13.50
C SER B 341 21.50 -16.74 13.98
N VAL B 342 22.78 -16.41 13.80
CA VAL B 342 23.24 -15.06 14.16
C VAL B 342 22.40 -14.02 13.43
N ALA B 343 22.21 -14.22 12.12
CA ALA B 343 21.37 -13.31 11.35
C ALA B 343 19.96 -13.23 11.92
N LYS B 344 19.42 -14.34 12.42
CA LYS B 344 18.07 -14.31 12.98
C LYS B 344 18.03 -13.50 14.28
N ARG B 345 19.05 -13.67 15.13
CA ARG B 345 19.08 -12.87 16.36
C ARG B 345 19.09 -11.39 16.06
N ILE B 346 19.81 -10.98 14.99
CA ILE B 346 19.82 -9.58 14.59
C ILE B 346 18.41 -9.11 14.30
N ARG B 347 17.66 -9.89 13.51
CA ARG B 347 16.27 -9.55 13.23
C ARG B 347 15.48 -9.43 14.54
N ASP B 348 15.61 -10.42 15.41
CA ASP B 348 14.83 -10.41 16.65
C ASP B 348 15.16 -9.20 17.51
N VAL B 349 16.46 -8.96 17.75
CA VAL B 349 16.86 -7.88 18.65
C VAL B 349 16.48 -6.53 18.07
N LEU B 350 16.67 -6.32 16.77
CA LEU B 350 16.39 -5.02 16.18
C LEU B 350 14.92 -4.83 15.83
N GLY B 351 14.11 -5.89 15.83
CA GLY B 351 12.70 -5.75 15.53
C GLY B 351 12.47 -5.51 14.06
N LEU B 352 12.94 -6.44 13.23
CA LEU B 352 12.96 -6.27 11.79
C LEU B 352 11.99 -7.24 11.14
N GLY B 353 11.33 -6.77 10.07
CA GLY B 353 10.37 -7.58 9.37
C GLY B 353 10.91 -8.85 8.74
N ASP B 354 12.22 -8.92 8.49
CA ASP B 354 12.79 -10.09 7.86
C ASP B 354 14.23 -10.26 8.32
N VAL B 355 14.81 -11.42 8.00
CA VAL B 355 16.22 -11.66 8.33
C VAL B 355 17.11 -10.85 7.39
N PRO B 356 18.06 -10.06 7.90
CA PRO B 356 18.92 -9.30 7.00
C PRO B 356 19.98 -10.19 6.38
N SER B 357 20.22 -9.98 5.08
CA SER B 357 21.24 -10.77 4.37
C SER B 357 22.64 -10.34 4.77
N ALA B 358 22.81 -9.09 5.17
CA ALA B 358 24.14 -8.57 5.47
C ALA B 358 24.00 -7.38 6.39
N VAL B 359 24.99 -7.20 7.26
CA VAL B 359 24.98 -6.08 8.19
C VAL B 359 26.35 -5.42 8.18
N GLN B 360 26.35 -4.12 8.40
CA GLN B 360 27.56 -3.37 8.70
C GLN B 360 27.73 -3.35 10.22
N GLY B 361 28.84 -3.85 10.71
CA GLY B 361 29.00 -3.91 12.14
C GLY B 361 30.42 -3.87 12.65
N ARG B 362 30.56 -4.20 13.93
CA ARG B 362 31.84 -4.29 14.61
C ARG B 362 31.81 -5.48 15.54
N PHE B 363 32.99 -6.05 15.77
CA PHE B 363 33.10 -7.25 16.55
C PHE B 363 34.56 -7.36 16.97
N GLY B 364 34.84 -7.04 18.23
CA GLY B 364 36.23 -7.04 18.65
C GLY B 364 37.02 -6.03 17.84
N SER B 365 38.19 -6.44 17.38
CA SER B 365 38.95 -5.55 16.52
C SER B 365 38.41 -5.48 15.11
N ALA B 366 37.45 -6.34 14.76
CA ALA B 366 36.95 -6.43 13.40
C ALA B 366 35.88 -5.38 13.12
N LYS B 367 35.95 -4.78 11.94
N LYS B 367 35.95 -4.78 11.94
CA LYS B 367 34.89 -3.91 11.47
CA LYS B 367 34.91 -3.90 11.45
C LYS B 367 34.65 -4.23 10.00
C LYS B 367 34.65 -4.24 9.99
N GLY B 368 33.42 -3.99 9.54
CA GLY B 368 33.10 -4.26 8.16
C GLY B 368 31.71 -4.81 7.96
N MET B 369 31.55 -5.71 6.99
CA MET B 369 30.29 -6.33 6.64
C MET B 369 30.32 -7.81 7.01
N TRP B 370 29.16 -8.32 7.42
CA TRP B 370 28.98 -9.75 7.59
C TRP B 370 27.73 -10.17 6.82
N VAL B 371 27.85 -11.28 6.10
CA VAL B 371 26.80 -11.78 5.22
C VAL B 371 26.46 -13.22 5.62
N ILE B 372 25.17 -13.55 5.56
CA ILE B 372 24.70 -14.89 5.89
C ILE B 372 25.42 -15.94 5.05
N ASP B 373 25.91 -16.99 5.69
CA ASP B 373 26.47 -18.13 4.98
C ASP B 373 25.33 -18.91 4.35
N VAL B 374 25.10 -18.70 3.06
CA VAL B 374 24.02 -19.41 2.37
C VAL B 374 24.18 -20.91 2.41
N ASP B 375 25.32 -21.40 2.88
CA ASP B 375 25.56 -22.83 3.01
C ASP B 375 25.29 -23.35 4.41
N ASP B 376 24.89 -22.47 5.32
CA ASP B 376 24.68 -22.86 6.72
C ASP B 376 23.33 -23.56 6.82
N THR B 377 23.37 -24.87 7.06
CA THR B 377 22.17 -25.67 7.27
C THR B 377 21.84 -25.86 8.74
N GLY B 378 22.80 -25.68 9.63
CA GLY B 378 22.59 -25.88 11.05
C GLY B 378 21.82 -24.73 11.69
N ASP B 379 21.81 -24.77 13.02
CA ASP B 379 21.18 -23.75 13.84
C ASP B 379 22.14 -23.24 14.92
N GLU B 380 23.43 -23.52 14.78
CA GLU B 380 24.43 -23.08 15.73
C GLU B 380 24.92 -21.68 15.42
N ASP B 381 25.08 -20.86 16.46
CA ASP B 381 25.62 -19.52 16.33
C ASP B 381 27.12 -19.55 16.01
N TRP B 382 27.52 -18.87 14.94
CA TRP B 382 28.93 -18.63 14.70
C TRP B 382 29.12 -17.39 13.83
N ILE B 383 30.33 -16.85 13.89
CA ILE B 383 30.77 -15.73 13.06
C ILE B 383 32.25 -15.92 12.76
N GLU B 384 32.68 -15.43 11.59
CA GLU B 384 34.10 -15.45 11.25
C GLU B 384 34.65 -14.03 11.17
N THR B 385 35.96 -13.91 11.36
CA THR B 385 36.69 -12.66 11.13
C THR B 385 37.83 -12.94 10.15
N TYR B 386 38.30 -11.89 9.51
CA TYR B 386 39.38 -12.03 8.56
C TYR B 386 40.46 -11.00 8.89
N PRO B 387 41.68 -11.24 8.44
CA PRO B 387 42.74 -10.23 8.63
C PRO B 387 42.35 -8.85 8.10
N SER B 388 41.74 -8.78 6.90
CA SER B 388 41.38 -7.47 6.35
C SER B 388 40.37 -6.73 7.22
N GLN B 389 39.68 -7.43 8.12
CA GLN B 389 38.69 -6.78 8.96
C GLN B 389 39.26 -6.34 10.30
N ARG B 390 40.30 -7.02 10.78
CA ARG B 390 40.78 -6.80 12.15
C ARG B 390 41.79 -5.66 12.12
N LYS B 391 41.42 -4.54 12.74
CA LYS B 391 42.20 -3.32 12.71
C LYS B 391 43.26 -3.29 13.80
N TRP B 392 43.24 -4.24 14.73
CA TRP B 392 44.34 -4.41 15.66
C TRP B 392 44.33 -5.83 16.18
N GLU B 393 45.48 -6.25 16.71
CA GLU B 393 45.60 -7.58 17.29
C GLU B 393 44.81 -7.63 18.57
N CYS B 394 43.72 -8.39 18.55
CA CYS B 394 42.79 -8.51 19.66
C CYS B 394 42.76 -9.95 20.13
N ASP B 395 42.61 -10.15 21.44
CA ASP B 395 42.44 -11.50 21.98
C ASP B 395 40.98 -11.93 22.10
N PHE B 396 40.02 -11.00 21.99
CA PHE B 396 38.60 -11.35 22.02
C PHE B 396 38.22 -12.10 23.30
N VAL B 397 38.76 -11.65 24.44
CA VAL B 397 38.52 -12.32 25.72
C VAL B 397 37.36 -11.67 26.45
N ASP B 398 37.50 -10.38 26.78
CA ASP B 398 36.42 -9.62 27.39
C ASP B 398 35.13 -9.80 26.59
N LYS B 399 34.02 -9.96 27.31
CA LYS B 399 32.72 -10.12 26.66
C LYS B 399 32.48 -9.02 25.64
N HIS B 400 32.83 -7.77 25.97
CA HIS B 400 32.52 -6.67 25.08
C HIS B 400 33.38 -6.65 23.83
N GLN B 401 34.48 -7.40 23.80
CA GLN B 401 35.23 -7.61 22.57
C GLN B 401 34.72 -8.80 21.78
N ARG B 402 33.71 -9.50 22.30
CA ARG B 402 33.12 -10.66 21.63
C ARG B 402 31.67 -10.42 21.28
N THR B 403 31.20 -9.18 21.38
CA THR B 403 29.81 -8.83 21.17
C THR B 403 29.62 -8.30 19.75
N LEU B 404 28.75 -8.96 18.98
CA LEU B 404 28.40 -8.43 17.67
C LEU B 404 27.67 -7.11 17.83
N GLU B 405 28.13 -6.08 17.13
CA GLU B 405 27.58 -4.74 17.20
C GLU B 405 27.24 -4.28 15.80
N VAL B 406 25.98 -3.93 15.57
CA VAL B 406 25.48 -3.60 14.25
C VAL B 406 25.29 -2.11 14.16
N ARG B 407 25.80 -1.50 13.09
CA ARG B 407 25.58 -0.08 12.82
C ARG B 407 24.38 0.12 11.91
N SER B 408 24.23 -0.74 10.90
CA SER B 408 23.10 -0.68 9.98
C SER B 408 23.00 -2.04 9.28
N VAL B 409 21.83 -2.29 8.69
CA VAL B 409 21.56 -3.54 7.98
C VAL B 409 21.24 -3.20 6.53
N ALA B 410 21.53 -4.15 5.63
CA ALA B 410 21.13 -3.99 4.24
C ALA B 410 19.61 -4.05 4.14
N SER B 411 18.99 -2.94 3.75
N SER B 411 18.99 -2.94 3.76
CA SER B 411 17.55 -2.80 3.75
CA SER B 411 17.54 -2.79 3.74
C SER B 411 17.06 -2.40 2.35
C SER B 411 17.06 -2.46 2.33
N GLU B 412 15.74 -2.38 2.19
CA GLU B 412 15.14 -2.15 0.87
C GLU B 412 15.74 -0.91 0.20
N LEU B 413 16.03 -1.04 -1.09
CA LEU B 413 16.68 -0.03 -1.90
C LEU B 413 15.68 0.98 -2.45
N LYS B 414 16.19 2.17 -2.74
CA LYS B 414 15.44 3.24 -3.38
C LYS B 414 16.21 3.75 -4.62
N SER B 415 15.52 4.47 -5.49
CA SER B 415 16.16 5.02 -6.67
C SER B 415 17.18 6.06 -6.28
N ALA B 416 18.28 6.09 -7.02
CA ALA B 416 19.40 6.95 -6.65
C ALA B 416 19.53 8.18 -7.53
N GLY B 417 19.04 8.13 -8.76
CA GLY B 417 19.37 9.18 -9.69
C GLY B 417 20.83 9.13 -10.11
N LEU B 418 21.25 10.22 -10.74
CA LEU B 418 22.57 10.36 -11.31
C LEU B 418 23.18 11.65 -10.80
N ASN B 419 24.26 11.56 -10.03
CA ASN B 419 24.88 12.78 -9.54
C ASN B 419 25.85 13.34 -10.58
N LEU B 420 26.21 14.61 -10.41
CA LEU B 420 26.89 15.35 -11.47
C LEU B 420 28.36 14.98 -11.59
N GLN B 421 28.98 14.57 -10.49
CA GLN B 421 30.33 14.01 -10.57
C GLN B 421 30.40 12.85 -11.55
N LEU B 422 29.30 12.09 -11.71
CA LEU B 422 29.39 10.94 -12.60
C LEU B 422 29.41 11.36 -14.06
N LEU B 423 28.77 12.49 -14.38
CA LEU B 423 28.56 12.87 -15.77
C LEU B 423 29.85 13.05 -16.54
N PRO B 424 30.85 13.76 -16.04
CA PRO B 424 32.11 13.90 -16.82
C PRO B 424 32.76 12.56 -17.09
N VAL B 425 32.77 11.65 -16.12
CA VAL B 425 33.32 10.32 -16.33
C VAL B 425 32.45 9.54 -17.32
N LEU B 426 31.12 9.59 -17.15
CA LEU B 426 30.24 8.92 -18.11
C LEU B 426 30.53 9.40 -19.53
N GLU B 427 30.70 10.70 -19.70
CA GLU B 427 30.97 11.23 -21.03
C GLU B 427 32.39 10.87 -21.47
N ASP B 428 33.34 10.94 -20.55
CA ASP B 428 34.72 10.58 -20.90
C ASP B 428 34.80 9.17 -21.46
N ARG B 429 33.96 8.26 -20.97
CA ARG B 429 34.03 6.84 -21.33
C ARG B 429 33.02 6.45 -22.39
N ALA B 430 32.25 7.40 -22.90
CA ALA B 430 31.24 7.07 -23.89
C ALA B 430 31.92 6.76 -25.22
N ARG B 431 31.43 5.71 -25.89
CA ARG B 431 31.94 5.43 -27.23
C ARG B 431 31.54 6.53 -28.21
N ASP B 432 30.33 7.06 -28.09
CA ASP B 432 29.83 8.18 -28.89
C ASP B 432 29.37 9.28 -27.94
N LYS B 433 30.23 10.27 -27.71
CA LYS B 433 29.90 11.33 -26.77
C LYS B 433 28.69 12.14 -27.22
N VAL B 434 28.54 12.34 -28.53
CA VAL B 434 27.39 13.11 -29.03
C VAL B 434 26.10 12.38 -28.73
N LYS B 435 26.08 11.06 -28.97
CA LYS B 435 24.89 10.26 -28.68
C LYS B 435 24.59 10.23 -27.19
N MET B 436 25.62 10.05 -26.35
CA MET B 436 25.37 9.98 -24.92
C MET B 436 24.83 11.31 -24.41
N ARG B 437 25.36 12.41 -24.93
CA ARG B 437 24.82 13.71 -24.56
C ARG B 437 23.38 13.82 -25.01
N GLN B 438 23.09 13.45 -26.26
CA GLN B 438 21.74 13.58 -26.79
C GLN B 438 20.74 12.80 -25.96
N ALA B 439 21.14 11.61 -25.50
CA ALA B 439 20.24 10.76 -24.74
C ALA B 439 19.91 11.39 -23.39
N ILE B 440 20.95 11.77 -22.63
CA ILE B 440 20.73 12.39 -21.29
C ILE B 440 19.79 13.59 -21.46
N GLY B 441 20.02 14.42 -22.47
CA GLY B 441 19.18 15.61 -22.69
C GLY B 441 17.75 15.28 -23.04
N ASP B 442 17.54 14.30 -23.91
CA ASP B 442 16.18 13.89 -24.31
C ASP B 442 15.43 13.36 -23.08
N ARG B 443 16.12 12.61 -22.23
CA ARG B 443 15.50 12.13 -20.96
C ARG B 443 15.06 13.34 -20.12
N LEU B 444 15.94 14.30 -19.91
CA LEU B 444 15.62 15.45 -19.03
C LEU B 444 14.43 16.24 -19.62
N ILE B 445 14.42 16.43 -20.93
CA ILE B 445 13.32 17.17 -21.58
C ILE B 445 12.05 16.37 -21.34
N ASN B 446 12.12 15.05 -21.49
CA ASN B 446 10.92 14.20 -21.34
C ASN B 446 10.46 14.27 -19.89
N ASP B 447 11.41 14.27 -18.95
CA ASP B 447 11.05 14.30 -17.51
C ASP B 447 10.39 15.63 -17.14
N LEU B 448 10.99 16.75 -17.56
CA LEU B 448 10.45 18.07 -17.17
C LEU B 448 9.08 18.27 -17.80
N GLN B 449 8.93 17.87 -19.06
CA GLN B 449 7.65 18.05 -19.78
C GLN B 449 6.57 17.22 -19.09
N ARG B 450 6.91 15.99 -18.68
CA ARG B 450 5.94 15.19 -17.91
C ARG B 450 5.58 15.96 -16.65
N GLN B 451 6.57 16.43 -15.89
CA GLN B 451 6.27 17.11 -14.63
C GLN B 451 5.28 18.26 -14.85
N PHE B 452 5.58 19.14 -15.79
CA PHE B 452 4.72 20.33 -15.98
C PHE B 452 3.32 19.88 -16.42
N SER B 453 3.25 18.91 -17.33
CA SER B 453 1.94 18.46 -17.85
C SER B 453 1.08 17.85 -16.75
N GLU B 454 1.68 17.08 -15.85
CA GLU B 454 0.93 16.39 -14.78
C GLU B 454 0.26 17.38 -13.81
N GLN B 455 0.94 18.46 -13.45
CA GLN B 455 0.33 19.49 -12.56
C GLN B 455 -0.85 20.15 -13.26
N LYS B 456 -0.69 20.45 -14.54
CA LYS B 456 -1.77 21.13 -15.28
C LYS B 456 -3.01 20.24 -15.28
N HIS B 457 -2.83 18.94 -15.55
CA HIS B 457 -3.96 17.99 -15.56
C HIS B 457 -4.56 17.88 -14.15
N ALA B 458 -3.71 17.84 -13.13
CA ALA B 458 -4.19 17.64 -11.74
C ALA B 458 -5.09 18.78 -11.31
N LEU B 459 -4.78 20.01 -11.73
CA LEU B 459 -5.56 21.19 -11.28
C LEU B 459 -7.02 21.04 -11.72
N ASN B 460 -7.27 20.27 -12.78
CA ASN B 460 -8.66 20.13 -13.33
C ASN B 460 -9.64 19.53 -12.31
N ARG B 461 -9.19 18.59 -11.48
CA ARG B 461 -10.09 17.91 -10.52
C ARG B 461 -9.56 18.01 -9.07
N PRO B 462 -10.34 18.44 -8.03
CA PRO B 462 -9.85 18.44 -6.65
C PRO B 462 -9.23 17.13 -6.19
N VAL B 463 -9.88 16.00 -6.50
CA VAL B 463 -9.33 14.72 -6.06
C VAL B 463 -7.95 14.50 -6.69
N GLU B 464 -7.80 14.86 -7.96
CA GLU B 464 -6.51 14.71 -8.62
C GLU B 464 -5.48 15.69 -8.06
N PHE B 465 -5.90 16.92 -7.78
CA PHE B 465 -4.96 17.91 -7.26
C PHE B 465 -4.58 17.62 -5.81
N ARG B 466 -5.51 17.07 -5.03
CA ARG B 466 -5.13 16.66 -3.69
C ARG B 466 -4.01 15.63 -3.75
N GLN B 467 -4.15 14.63 -4.63
CA GLN B 467 -3.11 13.61 -4.75
C GLN B 467 -1.78 14.21 -5.19
N TRP B 468 -1.78 15.09 -6.20
CA TRP B 468 -0.54 15.71 -6.61
C TRP B 468 0.06 16.54 -5.48
N VAL B 469 -0.76 17.37 -4.83
CA VAL B 469 -0.27 18.22 -3.74
C VAL B 469 0.30 17.37 -2.62
N TYR B 470 -0.28 16.20 -2.37
CA TYR B 470 0.26 15.30 -1.36
C TYR B 470 1.62 14.74 -1.76
N GLU B 471 1.79 14.43 -3.05
CA GLU B 471 3.02 13.83 -3.54
C GLU B 471 4.17 14.82 -3.66
N SER B 472 3.89 16.11 -3.82
CA SER B 472 4.95 17.09 -4.03
C SER B 472 5.70 17.43 -2.74
N TYR B 473 4.99 17.46 -1.61
CA TYR B 473 5.60 17.81 -0.34
C TYR B 473 5.12 16.86 0.74
N SER B 474 6.04 16.43 1.61
CA SER B 474 5.73 15.48 2.67
C SER B 474 5.58 16.20 4.00
N SER B 475 4.44 15.97 4.65
CA SER B 475 4.12 16.58 5.93
C SER B 475 4.04 15.57 7.06
N ARG B 476 4.19 14.28 6.77
CA ARG B 476 4.00 13.26 7.79
C ARG B 476 4.88 13.52 9.00
N ALA B 477 6.12 13.94 8.76
CA ALA B 477 7.01 14.26 9.88
C ALA B 477 6.45 15.38 10.74
N THR B 478 5.97 16.45 10.09
CA THR B 478 5.38 17.56 10.84
C THR B 478 4.09 17.13 11.52
N ARG B 479 3.32 16.24 10.90
CA ARG B 479 2.10 15.75 11.52
C ARG B 479 2.41 14.82 12.70
N VAL B 480 3.43 13.97 12.58
CA VAL B 480 3.74 13.03 13.66
C VAL B 480 4.26 13.78 14.87
N SER B 481 5.11 14.78 14.66
CA SER B 481 5.69 15.53 15.76
C SER B 481 4.63 16.33 16.51
N HIS B 482 3.64 16.87 15.79
CA HIS B 482 2.59 17.65 16.43
C HIS B 482 1.35 16.81 16.76
N GLY B 483 1.18 15.64 16.17
CA GLY B 483 -0.07 14.92 16.32
C GLY B 483 -1.25 15.63 15.70
N ARG B 484 -1.01 16.45 14.68
CA ARG B 484 -2.05 17.25 14.06
C ARG B 484 -1.39 18.13 13.00
N VAL B 485 -2.20 18.66 12.09
CA VAL B 485 -1.71 19.65 11.13
C VAL B 485 -1.60 20.98 11.87
N PRO B 486 -0.40 21.52 12.04
CA PRO B 486 -0.27 22.77 12.79
C PRO B 486 -0.90 23.93 12.05
N PHE B 487 -1.57 24.80 12.81
CA PHE B 487 -2.35 25.91 12.29
C PHE B 487 -1.74 27.23 12.72
N LEU B 488 -1.61 28.15 11.77
CA LEU B 488 -1.31 29.55 12.08
C LEU B 488 -2.59 30.33 11.86
N ALA B 489 -3.13 30.92 12.93
CA ALA B 489 -4.41 31.63 12.89
C ALA B 489 -5.46 30.64 12.40
N GLY B 490 -6.14 30.88 11.28
CA GLY B 490 -7.25 30.07 10.85
C GLY B 490 -6.95 29.07 9.76
N LEU B 491 -5.69 28.89 9.38
CA LEU B 491 -5.34 27.96 8.33
C LEU B 491 -4.11 27.20 8.75
N PRO B 492 -3.84 26.04 8.15
CA PRO B 492 -2.58 25.34 8.41
C PRO B 492 -1.38 26.21 8.07
N ASP B 493 -0.25 25.92 8.74
CA ASP B 493 1.00 26.65 8.50
C ASP B 493 1.41 26.62 7.04
N SER B 494 1.60 25.44 6.47
CA SER B 494 2.06 25.28 5.10
C SER B 494 0.98 25.58 4.07
N GLN B 495 1.42 26.04 2.90
CA GLN B 495 0.52 26.25 1.78
C GLN B 495 -0.07 24.94 1.25
N GLU B 496 0.71 23.86 1.27
CA GLU B 496 0.20 22.60 0.74
C GLU B 496 -0.88 22.01 1.65
N GLU B 497 -0.75 22.20 2.96
CA GLU B 497 -1.81 21.75 3.86
C GLU B 497 -3.04 22.63 3.76
N THR B 498 -2.83 23.93 3.53
CA THR B 498 -3.97 24.83 3.35
C THR B 498 -4.79 24.43 2.14
N LEU B 499 -4.14 24.00 1.06
CA LEU B 499 -4.85 23.59 -0.14
C LEU B 499 -5.64 22.31 0.12
N ASN B 500 -4.98 21.30 0.68
CA ASN B 500 -5.67 20.03 0.95
C ASN B 500 -6.78 20.23 1.97
N PHE B 501 -6.50 20.94 3.05
CA PHE B 501 -7.54 21.19 4.05
C PHE B 501 -8.75 21.85 3.42
N LEU B 502 -8.52 22.88 2.61
CA LEU B 502 -9.64 23.62 2.03
C LEU B 502 -10.31 22.82 0.93
N MET B 503 -9.57 21.97 0.26
CA MET B 503 -10.18 21.15 -0.77
C MET B 503 -11.02 20.05 -0.14
N ASN B 504 -10.55 19.52 0.99
CA ASN B 504 -11.33 18.51 1.70
C ASN B 504 -12.68 19.05 2.14
N SER B 505 -12.82 20.36 2.26
CA SER B 505 -14.11 20.94 2.61
C SER B 505 -14.93 21.33 1.39
N GLY B 506 -14.49 20.98 0.18
CA GLY B 506 -15.27 21.19 -1.02
C GLY B 506 -14.83 22.35 -1.91
N PHE B 507 -13.79 23.08 -1.55
CA PHE B 507 -13.33 24.19 -2.39
C PHE B 507 -12.58 23.67 -3.60
N ASP B 508 -12.68 24.42 -4.70
CA ASP B 508 -12.06 24.03 -5.95
C ASP B 508 -10.96 25.03 -6.33
N PRO B 509 -9.73 24.57 -6.59
CA PRO B 509 -8.69 25.54 -7.02
C PRO B 509 -9.07 26.29 -8.30
N LYS B 510 -9.70 25.61 -9.25
CA LYS B 510 -10.13 26.29 -10.46
C LYS B 510 -11.34 27.19 -10.26
N LYS B 511 -11.98 27.14 -9.09
CA LYS B 511 -13.17 27.94 -8.83
C LYS B 511 -12.97 29.01 -7.76
N GLN B 512 -12.14 28.78 -6.76
CA GLN B 512 -11.91 29.74 -5.69
C GLN B 512 -10.55 30.39 -5.92
N LYS B 513 -10.56 31.69 -6.20
CA LYS B 513 -9.31 32.37 -6.55
C LYS B 513 -8.25 32.21 -5.46
N TYR B 514 -8.67 32.30 -4.19
CA TYR B 514 -7.71 32.12 -3.10
C TYR B 514 -6.91 30.83 -3.27
N LEU B 515 -7.59 29.74 -3.62
CA LEU B 515 -6.84 28.50 -3.82
C LEU B 515 -6.05 28.58 -5.12
N GLN B 516 -6.65 29.17 -6.16
CA GLN B 516 -5.95 29.32 -7.43
C GLN B 516 -4.59 29.98 -7.22
N ASP B 517 -4.58 31.10 -6.50
CA ASP B 517 -3.35 31.83 -6.24
C ASP B 517 -2.33 30.96 -5.50
N ILE B 518 -2.75 30.36 -4.38
CA ILE B 518 -1.85 29.48 -3.62
C ILE B 518 -1.23 28.43 -4.52
N ALA B 519 -2.07 27.72 -5.29
CA ALA B 519 -1.53 26.71 -6.19
C ALA B 519 -0.58 27.31 -7.21
N TRP B 520 -0.83 28.56 -7.62
CA TRP B 520 0.12 29.23 -8.51
C TRP B 520 1.47 29.44 -7.82
N ASP B 521 1.47 29.86 -6.55
CA ASP B 521 2.75 30.05 -5.85
C ASP B 521 3.56 28.78 -5.80
N LEU B 522 2.93 27.67 -5.40
CA LEU B 522 3.68 26.44 -5.20
C LEU B 522 4.36 25.99 -6.48
N GLN B 523 3.62 26.02 -7.60
CA GLN B 523 4.22 25.63 -8.87
C GLN B 523 5.32 26.61 -9.29
N LYS B 524 5.07 27.92 -9.13
CA LYS B 524 6.11 28.89 -9.41
C LYS B 524 7.34 28.65 -8.53
N ARG B 525 7.13 28.29 -7.27
CA ARG B 525 8.28 27.98 -6.42
C ARG B 525 8.92 26.66 -6.81
N LYS B 526 8.14 25.72 -7.34
CA LYS B 526 8.73 24.47 -7.79
C LYS B 526 9.62 24.69 -9.01
N CYS B 527 9.18 25.55 -9.94
CA CYS B 527 10.03 25.90 -11.08
C CYS B 527 11.35 26.50 -10.61
N ASP B 528 11.30 27.40 -9.61
CA ASP B 528 12.51 28.04 -9.12
C ASP B 528 13.46 27.04 -8.48
N THR B 529 12.92 25.95 -7.92
CA THR B 529 13.79 24.92 -7.35
C THR B 529 14.51 24.12 -8.43
N LEU B 530 13.86 23.93 -9.58
CA LEU B 530 14.48 23.20 -10.67
C LEU B 530 15.62 24.00 -11.30
N LYS B 531 15.41 25.31 -11.52
CA LYS B 531 16.47 26.16 -12.04
C LYS B 531 17.71 26.10 -11.15
N SER B 532 17.54 26.02 -9.84
CA SER B 532 18.69 26.10 -8.94
C SER B 532 19.49 24.80 -8.94
N LYS B 533 18.81 23.66 -8.93
CA LYS B 533 19.47 22.36 -8.82
C LYS B 533 19.10 21.50 -10.02
N LEU B 534 20.10 21.04 -10.76
CA LEU B 534 19.90 20.17 -11.91
C LEU B 534 19.84 18.73 -11.43
N ASN B 535 18.73 18.05 -11.71
CA ASN B 535 18.51 16.67 -11.29
C ASN B 535 18.31 15.79 -12.50
N ILE B 536 19.23 14.85 -12.72
CA ILE B 536 19.02 13.80 -13.71
C ILE B 536 18.60 12.57 -12.89
N ARG B 537 17.34 12.25 -12.93
CA ARG B 537 16.85 11.12 -12.15
C ARG B 537 16.71 9.91 -13.07
N VAL B 538 17.29 8.81 -12.62
CA VAL B 538 17.29 7.53 -13.32
C VAL B 538 16.58 6.55 -12.41
N GLY B 539 15.40 6.08 -12.83
CA GLY B 539 14.66 5.14 -12.00
C GLY B 539 15.44 3.88 -11.75
N ARG B 540 16.14 3.37 -12.77
CA ARG B 540 16.87 2.12 -12.69
C ARG B 540 18.30 2.34 -12.18
N SER B 541 18.40 2.89 -10.97
CA SER B 541 19.67 3.02 -10.27
C SER B 541 19.40 2.93 -8.78
N ALA B 542 20.43 2.53 -8.02
CA ALA B 542 20.31 2.48 -6.58
C ALA B 542 21.71 2.40 -5.96
N TYR B 543 21.85 2.93 -4.76
CA TYR B 543 23.06 2.70 -3.97
C TYR B 543 22.87 1.44 -3.11
N ILE B 544 23.82 0.51 -3.20
CA ILE B 544 23.71 -0.83 -2.63
C ILE B 544 25.01 -1.21 -1.93
N TYR B 545 24.88 -1.81 -0.74
CA TYR B 545 26.06 -2.40 -0.08
C TYR B 545 26.71 -3.44 -0.98
N MET B 546 28.04 -3.41 -1.02
CA MET B 546 28.84 -4.34 -1.81
C MET B 546 29.38 -5.45 -0.92
N ILE B 547 29.31 -6.68 -1.44
CA ILE B 547 29.73 -7.91 -0.78
C ILE B 547 30.58 -8.68 -1.76
N ALA B 548 31.43 -9.54 -1.23
CA ALA B 548 32.23 -10.42 -2.10
C ALA B 548 31.65 -11.83 -2.13
N ASP B 549 31.96 -12.55 -3.21
CA ASP B 549 31.37 -13.88 -3.46
C ASP B 549 32.22 -14.97 -2.82
N PHE B 550 31.89 -15.30 -1.56
CA PHE B 550 32.60 -16.37 -0.84
C PHE B 550 32.52 -17.73 -1.53
N TRP B 551 31.52 -17.95 -2.38
CA TRP B 551 31.22 -19.29 -2.87
C TRP B 551 31.70 -19.55 -4.29
N GLY B 552 32.40 -18.59 -4.91
CA GLY B 552 33.03 -18.82 -6.19
C GLY B 552 32.12 -19.08 -7.37
N VAL B 553 30.86 -18.63 -7.32
CA VAL B 553 29.95 -18.85 -8.42
C VAL B 553 30.00 -17.75 -9.48
N LEU B 554 30.53 -16.58 -9.17
CA LEU B 554 30.56 -15.48 -10.12
C LEU B 554 31.90 -15.40 -10.82
N GLU B 555 31.86 -15.20 -12.14
CA GLU B 555 33.07 -14.96 -12.91
C GLU B 555 33.51 -13.50 -12.79
N GLU B 556 34.71 -13.23 -13.30
CA GLU B 556 35.42 -11.97 -13.02
C GLU B 556 34.58 -10.74 -13.30
N ASN B 557 33.83 -10.71 -14.39
CA ASN B 557 33.07 -9.50 -14.73
C ASN B 557 31.57 -9.64 -14.47
N GLU B 558 31.18 -10.53 -13.56
CA GLU B 558 29.77 -10.76 -13.28
C GLU B 558 29.42 -10.31 -11.87
N VAL B 559 28.20 -9.78 -11.70
CA VAL B 559 27.70 -9.40 -10.39
C VAL B 559 26.33 -10.04 -10.20
N HIS B 560 25.95 -10.25 -8.95
CA HIS B 560 24.65 -10.79 -8.59
C HIS B 560 23.87 -9.75 -7.79
N VAL B 561 22.63 -9.48 -8.20
CA VAL B 561 21.78 -8.46 -7.56
C VAL B 561 20.36 -9.02 -7.47
N GLY B 562 19.91 -9.32 -6.27
CA GLY B 562 18.51 -9.64 -6.04
C GLY B 562 17.94 -8.74 -4.97
N PHE B 563 16.68 -8.37 -5.14
CA PHE B 563 16.02 -7.40 -4.27
C PHE B 563 15.10 -8.07 -3.27
N SER B 564 14.87 -7.40 -2.15
CA SER B 564 13.98 -7.95 -1.15
C SER B 564 12.52 -7.74 -1.50
N SER B 565 12.23 -6.82 -2.43
CA SER B 565 10.87 -6.55 -2.87
C SER B 565 10.90 -6.00 -4.29
N LYS B 566 9.75 -5.54 -4.77
CA LYS B 566 9.67 -4.98 -6.13
C LYS B 566 10.36 -3.62 -6.20
N PHE B 567 11.36 -3.50 -7.08
CA PHE B 567 11.97 -2.18 -7.34
C PHE B 567 11.14 -1.63 -8.48
N ARG B 568 10.40 -0.56 -8.20
CA ARG B 568 9.43 -0.07 -9.21
C ARG B 568 9.97 1.01 -10.13
N ASP B 569 9.91 0.80 -11.43
CA ASP B 569 10.24 1.87 -12.40
C ASP B 569 9.05 1.92 -13.36
N GLU B 570 8.60 3.10 -13.76
CA GLU B 570 7.38 3.16 -14.62
C GLU B 570 7.58 2.29 -15.87
N GLU B 572 9.06 -0.90 -16.37
CA GLU B 572 9.28 -2.28 -15.94
C GLU B 572 9.56 -2.30 -14.45
N SER B 573 9.29 -3.43 -13.81
CA SER B 573 9.59 -3.60 -12.40
C SER B 573 10.49 -4.81 -12.22
N PHE B 574 11.23 -4.81 -11.12
CA PHE B 574 12.33 -5.74 -10.92
C PHE B 574 12.28 -6.34 -9.53
N THR B 575 12.57 -7.63 -9.43
CA THR B 575 12.88 -8.26 -8.16
C THR B 575 14.32 -8.73 -8.08
N LEU B 576 15.01 -8.77 -9.21
CA LEU B 576 16.41 -9.16 -9.33
C LEU B 576 16.94 -8.56 -10.63
N LEU B 577 18.25 -8.64 -10.85
CA LEU B 577 18.83 -8.24 -12.13
C LEU B 577 19.41 -9.48 -12.81
N SER B 578 19.09 -9.68 -14.08
CA SER B 578 19.55 -10.86 -14.78
C SER B 578 19.80 -10.55 -16.26
N ASP B 579 20.88 -11.11 -16.79
CA ASP B 579 21.19 -11.05 -18.22
C ASP B 579 21.10 -9.63 -18.76
N CYS B 580 21.87 -8.74 -18.16
CA CYS B 580 21.96 -7.38 -18.68
C CYS B 580 23.27 -6.77 -18.17
N ASP B 581 23.69 -5.68 -18.80
CA ASP B 581 24.86 -4.97 -18.32
C ASP B 581 24.43 -3.92 -17.31
N VAL B 582 25.31 -3.64 -16.35
CA VAL B 582 25.08 -2.58 -15.37
C VAL B 582 26.36 -1.77 -15.21
N LEU B 583 26.21 -0.54 -14.74
CA LEU B 583 27.35 0.24 -14.29
C LEU B 583 27.41 0.21 -12.77
N VAL B 584 28.62 0.12 -12.24
CA VAL B 584 28.86 0.25 -10.81
C VAL B 584 29.92 1.33 -10.62
N ALA B 585 29.75 2.11 -9.56
CA ALA B 585 30.72 3.14 -9.17
C ALA B 585 30.55 3.41 -7.69
N ARG B 586 31.56 4.03 -7.12
CA ARG B 586 31.45 4.62 -5.80
C ARG B 586 31.54 6.13 -5.92
N SER B 587 30.73 6.82 -5.15
N SER B 587 30.73 6.82 -5.15
CA SER B 587 30.88 8.26 -5.02
CA SER B 587 30.87 8.26 -5.01
C SER B 587 31.79 8.56 -3.84
C SER B 587 31.79 8.54 -3.83
N PRO B 588 32.83 9.37 -4.02
CA PRO B 588 33.06 10.17 -5.23
C PRO B 588 33.82 9.44 -6.34
N ALA B 589 33.37 9.63 -7.58
CA ALA B 589 34.10 9.18 -8.76
C ALA B 589 34.97 10.30 -9.31
N HIS B 590 36.24 9.99 -9.59
CA HIS B 590 37.23 10.96 -10.10
C HIS B 590 37.99 10.38 -11.29
N PHE B 591 38.68 9.25 -11.10
CA PHE B 591 39.39 8.63 -12.21
C PHE B 591 38.40 8.10 -13.25
N PRO B 592 38.80 8.11 -14.53
CA PRO B 592 37.97 7.48 -15.56
C PRO B 592 37.59 6.04 -15.30
N SER B 593 38.41 5.31 -14.55
CA SER B 593 38.11 3.93 -14.22
C SER B 593 37.23 3.81 -12.97
N ASP B 594 36.91 4.92 -12.32
CA ASP B 594 36.08 4.87 -11.11
C ASP B 594 34.63 4.47 -11.40
N ILE B 595 34.28 4.21 -12.66
CA ILE B 595 33.02 3.61 -13.07
C ILE B 595 33.34 2.41 -13.94
N GLN B 596 32.64 1.30 -13.74
CA GLN B 596 32.91 0.10 -14.51
C GLN B 596 31.61 -0.52 -15.00
N ARG B 597 31.64 -1.02 -16.22
CA ARG B 597 30.52 -1.73 -16.83
C ARG B 597 30.72 -3.23 -16.61
N VAL B 598 29.70 -3.90 -16.08
CA VAL B 598 29.77 -5.31 -15.73
C VAL B 598 28.45 -5.98 -16.11
N ARG B 599 28.45 -7.32 -16.06
CA ARG B 599 27.32 -8.14 -16.45
C ARG B 599 26.61 -8.67 -15.21
N ALA B 600 25.32 -8.34 -15.06
CA ALA B 600 24.52 -8.87 -13.95
C ALA B 600 24.03 -10.27 -14.31
N VAL B 601 24.36 -11.24 -13.45
CA VAL B 601 24.00 -12.63 -13.64
C VAL B 601 23.40 -13.11 -12.33
N PHE B 602 22.16 -13.60 -12.38
CA PHE B 602 21.52 -14.07 -11.17
C PHE B 602 21.85 -15.54 -10.93
N LYS B 603 22.48 -15.84 -9.79
CA LYS B 603 22.88 -17.20 -9.43
C LYS B 603 21.94 -17.75 -8.37
N PRO B 604 21.13 -18.75 -8.68
CA PRO B 604 20.20 -19.28 -7.66
C PRO B 604 20.88 -19.68 -6.36
N GLU B 605 22.13 -20.14 -6.40
CA GLU B 605 22.91 -20.34 -5.18
C GLU B 605 22.88 -19.12 -4.25
N LEU B 606 22.82 -17.91 -4.82
CA LEU B 606 22.86 -16.69 -4.03
C LEU B 606 21.47 -16.08 -3.82
N HIS B 607 20.41 -16.79 -4.21
CA HIS B 607 19.08 -16.20 -4.24
C HIS B 607 18.67 -15.63 -2.89
N SER B 608 19.18 -16.18 -1.79
CA SER B 608 18.76 -15.70 -0.48
C SER B 608 19.48 -14.43 -0.02
N LEU B 609 20.46 -13.91 -0.77
CA LEU B 609 21.12 -12.66 -0.40
C LEU B 609 20.47 -11.48 -1.13
N LYS B 610 19.71 -10.65 -0.41
CA LYS B 610 18.95 -9.59 -1.05
C LYS B 610 19.36 -8.20 -0.57
N ASP B 611 19.16 -7.20 -1.42
CA ASP B 611 19.54 -5.82 -1.13
C ASP B 611 21.03 -5.68 -0.86
N VAL B 612 21.82 -6.49 -1.57
CA VAL B 612 23.26 -6.38 -1.64
C VAL B 612 23.63 -6.67 -3.09
N ILE B 613 24.74 -6.11 -3.55
CA ILE B 613 25.34 -6.51 -4.80
C ILE B 613 26.59 -7.30 -4.46
N ILE B 614 26.77 -8.41 -5.17
CA ILE B 614 27.84 -9.36 -4.92
C ILE B 614 28.80 -9.30 -6.09
N PHE B 615 30.05 -8.98 -5.80
CA PHE B 615 31.13 -8.98 -6.77
C PHE B 615 31.88 -10.31 -6.71
N SER B 616 32.51 -10.65 -7.83
CA SER B 616 33.28 -11.87 -7.96
C SER B 616 34.52 -11.85 -7.06
N THR B 617 34.97 -13.03 -6.66
CA THR B 617 36.26 -13.15 -6.01
C THR B 617 37.32 -13.76 -6.93
N LYS B 618 37.03 -13.86 -8.23
CA LYS B 618 38.00 -14.24 -9.23
C LYS B 618 38.61 -13.00 -9.89
N GLY B 619 39.63 -13.22 -10.70
CA GLY B 619 40.29 -12.14 -11.41
C GLY B 619 41.52 -11.62 -10.67
N ASP B 620 42.23 -10.71 -11.34
CA ASP B 620 43.49 -10.19 -10.82
C ASP B 620 43.26 -9.24 -9.64
N VAL B 621 42.26 -8.37 -9.75
CA VAL B 621 41.99 -7.34 -8.77
C VAL B 621 40.51 -7.40 -8.37
N PRO B 622 40.18 -7.21 -7.10
CA PRO B 622 38.75 -7.15 -6.72
C PRO B 622 38.09 -5.95 -7.38
N LEU B 623 36.90 -6.17 -7.95
CA LEU B 623 36.18 -5.08 -8.61
C LEU B 623 36.02 -3.87 -7.68
N ALA B 624 35.74 -4.11 -6.40
CA ALA B 624 35.53 -3.00 -5.47
C ALA B 624 36.74 -2.07 -5.43
N LYS B 625 37.95 -2.63 -5.47
CA LYS B 625 39.15 -1.78 -5.47
C LYS B 625 39.13 -0.81 -6.65
N LYS B 626 38.58 -1.24 -7.79
CA LYS B 626 38.54 -0.35 -8.94
C LYS B 626 37.59 0.81 -8.73
N LEU B 627 36.63 0.69 -7.81
CA LEU B 627 35.65 1.75 -7.58
C LEU B 627 36.26 2.72 -6.56
N SER B 628 37.14 3.59 -7.06
CA SER B 628 37.77 4.61 -6.22
C SER B 628 38.37 3.96 -4.97
N GLY B 629 39.06 2.85 -5.16
CA GLY B 629 39.72 2.21 -4.03
C GLY B 629 38.77 1.63 -3.00
N GLY B 630 37.64 1.07 -3.43
CA GLY B 630 36.62 0.60 -2.52
C GLY B 630 36.88 -0.80 -1.98
N ASP B 631 35.98 -1.23 -1.10
CA ASP B 631 36.14 -2.54 -0.49
C ASP B 631 34.75 -2.97 -0.02
N TYR B 632 34.69 -3.99 0.82
CA TYR B 632 33.42 -4.59 1.21
C TYR B 632 33.18 -4.43 2.70
N ASP B 633 33.60 -3.30 3.27
CA ASP B 633 33.52 -3.06 4.70
C ASP B 633 32.42 -2.06 5.06
N GLY B 634 31.43 -1.88 4.20
CA GLY B 634 30.46 -0.84 4.42
C GLY B 634 30.31 0.08 3.22
N ASP B 635 31.26 0.03 2.29
CA ASP B 635 31.15 0.74 1.02
C ASP B 635 29.84 0.40 0.33
N MET B 636 29.18 1.41 -0.22
CA MET B 636 28.05 1.24 -1.13
C MET B 636 28.46 1.61 -2.55
N ALA B 637 27.89 0.89 -3.51
CA ALA B 637 28.13 1.16 -4.91
C ALA B 637 26.88 1.79 -5.50
N TRP B 638 27.08 2.83 -6.30
CA TRP B 638 26.05 3.28 -7.23
C TRP B 638 25.86 2.19 -8.28
N VAL B 639 24.64 1.69 -8.43
CA VAL B 639 24.35 0.60 -9.35
C VAL B 639 23.28 1.09 -10.32
N CYS B 640 23.56 1.01 -11.62
CA CYS B 640 22.66 1.55 -12.63
C CYS B 640 22.49 0.55 -13.76
N TRP B 641 21.24 0.16 -14.01
CA TRP B 641 20.93 -0.76 -15.08
C TRP B 641 20.02 -0.12 -16.14
N ASP B 642 19.99 1.21 -16.20
CA ASP B 642 19.28 1.91 -17.26
C ASP B 642 19.96 1.64 -18.59
N PRO B 643 19.29 1.04 -19.57
CA PRO B 643 20.00 0.65 -20.80
C PRO B 643 20.56 1.82 -21.58
N GLU B 644 19.91 2.99 -21.51
CA GLU B 644 20.42 4.15 -22.24
C GLU B 644 21.72 4.66 -21.64
N ILE B 645 21.80 4.71 -20.31
CA ILE B 645 23.02 5.16 -19.65
C ILE B 645 24.15 4.13 -19.75
N VAL B 646 23.83 2.85 -19.91
CA VAL B 646 24.82 1.77 -19.84
C VAL B 646 25.51 1.53 -21.19
N ASP B 647 24.74 1.56 -22.29
CA ASP B 647 25.15 0.84 -23.50
C ASP B 647 26.36 1.46 -24.19
N GLY B 648 26.57 2.77 -24.04
CA GLY B 648 27.75 3.37 -24.66
C GLY B 648 29.04 3.25 -23.87
N PHE B 649 28.99 2.82 -22.60
CA PHE B 649 30.14 2.95 -21.72
C PHE B 649 31.25 1.97 -22.10
N VAL B 650 32.48 2.47 -22.12
CA VAL B 650 33.68 1.69 -22.44
C VAL B 650 34.60 1.74 -21.24
N ASN B 651 34.89 0.57 -20.66
CA ASN B 651 35.72 0.48 -19.47
C ASN B 651 37.11 1.01 -19.77
N ALA B 652 37.74 1.56 -18.72
CA ALA B 652 39.09 2.09 -18.76
C ALA B 652 39.95 1.40 -17.71
N GLU B 653 41.19 1.09 -18.08
CA GLU B 653 42.13 0.49 -17.14
C GLU B 653 42.43 1.47 -16.00
N MET B 654 42.91 0.92 -14.89
CA MET B 654 43.21 1.78 -13.76
C MET B 654 44.42 2.67 -14.11
N PRO B 655 44.43 3.89 -13.60
CA PRO B 655 45.45 4.85 -14.02
C PRO B 655 46.76 4.62 -13.27
N LEU B 656 47.85 4.91 -13.97
CA LEU B 656 49.15 4.97 -13.32
C LEU B 656 49.23 6.29 -12.54
N GLU B 657 49.18 6.21 -11.21
CA GLU B 657 49.08 7.43 -10.42
C GLU B 657 50.46 8.08 -10.29
N PRO B 658 50.57 9.38 -10.51
CA PRO B 658 51.88 10.04 -10.40
C PRO B 658 52.38 10.03 -8.97
N ASP B 659 53.70 10.08 -8.84
CA ASP B 659 54.32 10.20 -7.53
C ASP B 659 54.16 11.64 -7.02
N LEU B 660 53.47 11.79 -5.89
CA LEU B 660 53.24 13.08 -5.26
C LEU B 660 53.98 13.23 -3.93
N SER B 661 54.97 12.37 -3.67
CA SER B 661 55.60 12.37 -2.35
C SER B 661 56.27 13.70 -2.05
N ARG B 662 56.74 14.40 -3.09
CA ARG B 662 57.29 15.74 -2.91
C ARG B 662 56.35 16.66 -2.15
N TYR B 663 55.04 16.47 -2.30
CA TYR B 663 54.04 17.33 -1.66
C TYR B 663 53.30 16.66 -0.51
N LEU B 664 53.26 15.33 -0.44
CA LEU B 664 52.55 14.60 0.59
C LEU B 664 53.53 13.78 1.40
N LYS B 665 53.81 14.22 2.62
CA LYS B 665 54.71 13.53 3.54
C LYS B 665 53.87 12.69 4.50
N LYS B 666 54.29 11.44 4.69
CA LYS B 666 53.57 10.49 5.55
C LYS B 666 54.38 10.26 6.83
N ASP B 667 53.76 10.56 7.97
CA ASP B 667 54.34 10.25 9.29
C ASP B 667 54.06 8.79 9.63
N LYS B 668 55.10 7.97 9.66
CA LYS B 668 55.00 6.53 9.87
C LYS B 668 55.32 6.10 11.29
N THR B 669 55.69 7.04 12.18
CA THR B 669 56.19 6.71 13.52
C THR B 669 55.27 5.72 14.23
N THR B 670 55.83 4.59 14.65
CA THR B 670 55.08 3.58 15.35
C THR B 670 54.97 3.89 16.86
N PHE B 671 53.99 3.24 17.50
CA PHE B 671 53.87 3.31 18.95
C PHE B 671 55.18 2.90 19.61
N LYS B 672 55.79 1.83 19.12
CA LYS B 672 57.09 1.41 19.64
C LYS B 672 58.10 2.55 19.58
N GLN B 673 58.26 3.17 18.41
CA GLN B 673 59.20 4.29 18.31
C GLN B 673 58.84 5.39 19.31
N LEU B 674 57.55 5.70 19.45
CA LEU B 674 57.17 6.68 20.46
C LEU B 674 57.62 6.23 21.85
N MET B 675 57.55 4.92 22.12
CA MET B 675 57.85 4.46 23.48
C MET B 675 59.33 4.53 23.78
N ALA B 676 60.17 4.28 22.77
CA ALA B 676 61.61 4.26 22.99
C ALA B 676 62.08 5.49 23.76
N SER B 677 61.49 6.64 23.47
CA SER B 677 61.78 7.86 24.21
C SER B 677 61.56 7.71 25.71
N HIS B 678 60.68 6.81 26.13
CA HIS B 678 60.34 6.72 27.54
C HIS B 678 60.86 5.46 28.23
N GLY B 679 61.25 4.44 27.48
CA GLY B 679 61.67 3.20 28.12
C GLY B 679 60.60 2.13 28.09
N THR B 680 60.69 1.18 29.04
CA THR B 680 59.81 0.03 29.11
C THR B 680 59.03 0.03 30.42
N GLY B 681 58.01 -0.82 30.47
CA GLY B 681 57.18 -1.01 31.64
C GLY B 681 55.92 -0.14 31.63
N SER B 682 55.07 -0.39 32.62
CA SER B 682 53.76 0.28 32.63
C SER B 682 53.90 1.79 32.54
N ALA B 683 54.80 2.37 33.35
CA ALA B 683 54.98 3.82 33.37
C ALA B 683 55.33 4.35 31.98
N ALA B 684 56.30 3.71 31.31
CA ALA B 684 56.64 4.12 29.95
C ALA B 684 55.44 3.99 29.02
N LYS B 685 54.70 2.89 29.12
CA LYS B 685 53.58 2.68 28.20
C LYS B 685 52.50 3.74 28.40
N GLU B 686 52.17 4.03 29.65
CA GLU B 686 51.20 5.09 29.90
C GLU B 686 51.66 6.41 29.31
N GLN B 687 52.95 6.74 29.47
CA GLN B 687 53.45 8.00 28.93
C GLN B 687 53.32 8.02 27.41
N THR B 688 53.79 6.95 26.75
CA THR B 688 53.63 6.85 25.31
C THR B 688 52.18 7.05 24.90
N THR B 689 51.23 6.57 25.71
CA THR B 689 49.84 6.63 25.32
C THR B 689 49.34 8.06 25.30
N TYR B 690 49.57 8.81 26.37
CA TYR B 690 49.19 10.21 26.37
C TYR B 690 49.95 10.98 25.31
N ASP B 691 51.13 10.48 24.92
CA ASP B 691 51.86 11.07 23.79
C ASP B 691 51.06 10.93 22.51
N MET B 692 50.73 9.69 22.15
CA MET B 692 49.87 9.45 21.00
C MET B 692 48.72 10.44 20.96
N ILE B 693 48.04 10.63 22.09
CA ILE B 693 46.87 11.47 22.11
C ILE B 693 47.23 12.91 21.72
N GLN B 694 48.20 13.50 22.42
CA GLN B 694 48.55 14.88 22.12
C GLN B 694 49.00 15.02 20.67
N LYS B 695 49.95 14.19 20.23
CA LYS B 695 50.42 14.26 18.85
C LYS B 695 49.26 14.07 17.86
N SER B 696 48.38 13.11 18.12
CA SER B 696 47.26 12.91 17.20
C SER B 696 46.31 14.09 17.18
N PHE B 697 46.17 14.79 18.32
CA PHE B 697 45.34 15.99 18.36
C PHE B 697 45.92 17.08 17.48
N HIS B 698 47.24 17.26 17.52
CA HIS B 698 47.90 18.22 16.64
C HIS B 698 47.60 17.88 15.18
N PHE B 699 47.90 16.64 14.79
CA PHE B 699 47.63 16.20 13.43
C PHE B 699 46.17 16.47 13.06
N ALA B 700 45.24 16.09 13.94
CA ALA B 700 43.82 16.19 13.61
C ALA B 700 43.36 17.63 13.49
N LEU B 701 44.03 18.54 14.19
CA LEU B 701 43.68 19.94 14.16
C LEU B 701 44.33 20.70 13.01
N GLN B 702 45.21 20.05 12.25
CA GLN B 702 45.84 20.71 11.11
C GLN B 702 44.77 20.99 10.05
N PRO B 703 44.74 22.20 9.50
CA PRO B 703 43.74 22.53 8.47
C PRO B 703 43.68 21.46 7.38
N ASN B 704 42.47 21.15 6.95
CA ASN B 704 42.25 20.11 5.95
C ASN B 704 42.00 20.75 4.60
N PHE B 705 42.46 20.09 3.54
CA PHE B 705 42.41 20.65 2.19
C PHE B 705 41.58 19.80 1.24
N LEU B 706 40.94 18.75 1.76
CA LEU B 706 40.11 17.91 0.89
C LEU B 706 39.13 18.76 0.10
N GLY B 707 38.39 19.64 0.80
CA GLY B 707 37.40 20.46 0.11
C GLY B 707 38.01 21.47 -0.83
N MET B 708 39.05 22.18 -0.39
CA MET B 708 39.70 23.14 -1.27
C MET B 708 40.23 22.47 -2.53
N CYS B 709 40.95 21.34 -2.36
CA CYS B 709 41.52 20.66 -3.51
C CYS B 709 40.45 20.02 -4.38
N THR B 710 39.41 19.45 -3.76
CA THR B 710 38.29 18.93 -4.53
C THR B 710 37.68 20.04 -5.38
N ASN B 711 37.44 21.20 -4.78
CA ASN B 711 36.89 22.31 -5.55
C ASN B 711 37.89 22.80 -6.59
N TYR B 712 39.17 22.81 -6.26
CA TYR B 712 40.15 23.20 -7.26
C TYR B 712 40.07 22.27 -8.46
N LYS B 713 40.02 20.95 -8.21
CA LYS B 713 39.93 20.00 -9.32
C LYS B 713 38.68 20.25 -10.16
N GLU B 714 37.54 20.48 -9.51
CA GLU B 714 36.31 20.74 -10.26
C GLU B 714 36.50 21.92 -11.18
N ARG B 715 37.13 22.99 -10.69
CA ARG B 715 37.26 24.19 -11.51
C ARG B 715 38.27 23.98 -12.65
N LEU B 716 39.38 23.30 -12.38
CA LEU B 716 40.38 23.10 -13.42
C LEU B 716 39.92 22.09 -14.45
N CYS B 717 39.27 21.00 -14.01
CA CYS B 717 38.75 20.03 -14.98
C CYS B 717 37.64 20.66 -15.82
N TYR B 718 36.83 21.53 -15.21
CA TYR B 718 35.86 22.28 -15.99
C TYR B 718 36.56 23.09 -17.07
N ILE B 719 37.57 23.86 -16.68
CA ILE B 719 38.26 24.72 -17.65
C ILE B 719 38.83 23.88 -18.80
N ASN B 720 39.48 22.77 -18.47
CA ASN B 720 40.07 21.90 -19.47
C ASN B 720 39.06 21.05 -20.21
N ASN B 721 37.81 21.03 -19.76
CA ASN B 721 36.83 20.03 -20.19
C ASN B 721 37.48 18.65 -20.31
N SER B 722 38.26 18.29 -19.30
CA SER B 722 38.86 16.96 -19.31
C SER B 722 38.92 16.41 -17.91
N VAL B 723 38.55 15.13 -17.76
CA VAL B 723 38.80 14.42 -16.52
C VAL B 723 39.82 13.32 -16.72
N SER B 724 40.49 13.30 -17.87
CA SER B 724 41.46 12.24 -18.14
C SER B 724 42.85 12.73 -18.50
N ASN B 725 43.11 14.04 -18.53
CA ASN B 725 44.42 14.51 -18.93
C ASN B 725 45.36 14.60 -17.72
N LYS B 726 46.61 14.99 -17.97
CA LYS B 726 47.65 14.96 -16.94
C LYS B 726 47.23 15.66 -15.65
N PRO B 727 46.78 16.93 -15.65
CA PRO B 727 46.39 17.57 -14.39
C PRO B 727 45.19 16.91 -13.71
N ALA B 728 44.26 16.37 -14.49
CA ALA B 728 43.10 15.68 -13.91
C ALA B 728 43.53 14.46 -13.10
N ILE B 729 44.46 13.66 -13.63
CA ILE B 729 44.94 12.50 -12.88
C ILE B 729 45.66 12.95 -11.61
N ILE B 730 46.54 13.96 -11.72
CA ILE B 730 47.22 14.51 -10.55
C ILE B 730 46.21 14.87 -9.47
N LEU B 731 45.21 15.68 -9.82
CA LEU B 731 44.26 16.14 -8.81
C LEU B 731 43.45 14.97 -8.25
N SER B 732 43.07 14.01 -9.10
CA SER B 732 42.37 12.84 -8.60
C SER B 732 43.24 12.06 -7.63
N SER B 733 44.50 11.85 -7.98
N SER B 733 44.51 11.85 -7.97
CA SER B 733 45.41 11.17 -7.07
CA SER B 733 45.41 11.16 -7.06
C SER B 733 45.56 11.95 -5.76
C SER B 733 45.58 11.95 -5.77
N LEU B 734 45.65 13.29 -5.86
CA LEU B 734 45.80 14.11 -4.66
C LEU B 734 44.60 13.97 -3.73
N VAL B 735 43.38 14.17 -4.24
CA VAL B 735 42.21 14.08 -3.38
C VAL B 735 42.01 12.65 -2.91
N GLY B 736 42.45 11.66 -3.71
CA GLY B 736 42.41 10.28 -3.26
C GLY B 736 43.23 10.04 -2.00
N ASN B 737 44.28 10.83 -1.78
CA ASN B 737 45.08 10.67 -0.57
C ASN B 737 44.65 11.59 0.55
N LEU B 738 43.95 12.67 0.24
CA LEU B 738 43.51 13.58 1.28
C LEU B 738 42.33 13.05 2.09
N VAL B 739 41.53 12.13 1.53
CA VAL B 739 40.47 11.52 2.33
C VAL B 739 41.04 10.60 3.38
N ASP B 740 42.09 9.85 3.03
CA ASP B 740 42.70 8.91 3.96
C ASP B 740 43.62 9.59 4.96
N GLN B 741 43.50 10.91 5.15
CA GLN B 741 44.59 11.68 5.75
C GLN B 741 44.81 11.29 7.21
N SER B 742 43.73 11.15 7.98
CA SER B 742 43.87 10.84 9.40
C SER B 742 44.48 9.46 9.60
N LYS B 743 43.91 8.44 8.95
CA LYS B 743 44.41 7.08 9.11
C LYS B 743 45.79 6.88 8.49
N GLN B 744 46.11 7.63 7.43
CA GLN B 744 47.36 7.36 6.73
C GLN B 744 48.52 8.21 7.21
N GLY B 745 48.28 9.16 8.11
CA GLY B 745 49.37 10.00 8.60
C GLY B 745 49.94 10.93 7.56
N ILE B 746 49.12 11.38 6.60
CA ILE B 746 49.56 12.23 5.51
C ILE B 746 49.56 13.69 5.96
N VAL B 747 50.70 14.36 5.81
CA VAL B 747 50.82 15.78 6.13
C VAL B 747 50.75 16.60 4.84
N PHE B 748 49.94 17.66 4.86
CA PHE B 748 49.70 18.48 3.66
C PHE B 748 49.26 19.87 4.12
N ASN B 749 50.18 20.81 4.14
CA ASN B 749 49.91 22.17 4.62
C ASN B 749 49.80 23.15 3.46
N GLU B 750 49.40 24.37 3.81
CA GLU B 750 49.26 25.45 2.83
C GLU B 750 50.46 25.53 1.89
N ALA B 751 51.67 25.40 2.43
CA ALA B 751 52.86 25.54 1.59
C ALA B 751 53.00 24.39 0.60
N SER B 752 52.58 23.18 0.98
CA SER B 752 52.60 22.08 0.03
C SER B 752 51.59 22.31 -1.09
N TRP B 753 50.42 22.89 -0.76
CA TRP B 753 49.43 23.21 -1.77
C TRP B 753 49.96 24.27 -2.73
N ALA B 754 50.64 25.30 -2.21
CA ALA B 754 51.16 26.34 -3.10
C ALA B 754 52.22 25.77 -4.02
N GLN B 755 53.01 24.81 -3.52
CA GLN B 755 54.10 24.26 -4.32
C GLN B 755 53.57 23.34 -5.40
N LEU B 756 52.59 22.49 -5.06
CA LEU B 756 51.99 21.60 -6.04
C LEU B 756 51.27 22.39 -7.12
N ARG B 757 50.58 23.46 -6.74
CA ARG B 757 49.93 24.29 -7.75
C ARG B 757 50.95 24.93 -8.68
N ARG B 758 52.01 25.51 -8.09
CA ARG B 758 53.01 26.22 -8.89
C ARG B 758 53.69 25.27 -9.87
N GLU B 759 54.02 24.05 -9.43
CA GLU B 759 54.84 23.16 -10.23
C GLU B 759 54.03 22.34 -11.23
N LEU B 760 52.82 21.92 -10.86
CA LEU B 760 52.05 21.00 -11.69
C LEU B 760 50.74 21.57 -12.21
N LEU B 761 50.20 22.63 -11.60
CA LEU B 761 48.89 23.14 -11.96
C LEU B 761 49.00 24.59 -12.43
N GLY B 762 48.02 25.44 -12.10
CA GLY B 762 48.03 26.80 -12.61
C GLY B 762 48.63 27.85 -11.69
N GLY B 763 49.43 27.45 -10.71
CA GLY B 763 50.10 28.43 -9.85
C GLY B 763 49.15 29.16 -8.92
N ALA B 764 49.49 30.42 -8.63
CA ALA B 764 48.72 31.16 -7.63
C ALA B 764 47.37 31.64 -8.14
N LEU B 765 47.14 31.57 -9.45
CA LEU B 765 45.87 31.99 -10.04
C LEU B 765 44.68 31.38 -9.30
N SER B 766 43.71 32.23 -8.99
CA SER B 766 42.44 31.83 -8.36
C SER B 766 41.46 31.42 -9.46
N LEU B 767 40.99 30.17 -9.39
CA LEU B 767 40.16 29.67 -10.49
C LEU B 767 38.70 30.16 -10.34
N PRO B 768 38.06 30.52 -11.45
CA PRO B 768 36.64 30.88 -11.40
C PRO B 768 35.78 29.67 -11.06
N ASP B 769 34.52 29.95 -10.78
CA ASP B 769 33.53 28.91 -10.59
C ASP B 769 32.92 28.52 -11.93
N PRO B 770 32.63 27.23 -12.13
CA PRO B 770 31.93 26.84 -13.36
C PRO B 770 30.67 27.67 -13.53
N MET B 771 30.29 27.90 -14.80
CA MET B 771 29.02 28.57 -15.09
C MET B 771 27.82 27.83 -14.49
N TYR B 772 27.85 26.49 -14.45
CA TYR B 772 26.67 25.81 -13.92
C TYR B 772 26.43 26.11 -12.45
N LYS B 773 27.37 26.79 -11.78
CA LYS B 773 27.17 27.11 -10.38
C LYS B 773 26.25 28.31 -10.16
N SER B 774 25.76 28.94 -11.24
CA SER B 774 24.78 30.01 -11.09
C SER B 774 23.49 29.64 -11.83
N ASP B 775 22.42 30.39 -11.55
CA ASP B 775 21.11 30.03 -12.09
C ASP B 775 20.96 30.35 -13.56
N SER B 776 21.81 31.23 -14.09
CA SER B 776 21.68 31.68 -15.48
C SER B 776 23.01 31.52 -16.20
N TRP B 777 22.92 31.24 -17.49
CA TRP B 777 24.09 31.11 -18.35
C TRP B 777 24.71 32.48 -18.59
N LEU B 778 25.78 32.78 -17.85
CA LEU B 778 26.49 34.05 -17.97
C LEU B 778 27.70 33.96 -18.88
N GLY B 779 27.76 32.96 -19.76
CA GLY B 779 28.90 32.75 -20.61
C GLY B 779 28.67 33.27 -22.03
N ARG B 780 29.69 33.08 -22.87
CA ARG B 780 29.64 33.46 -24.27
C ARG B 780 29.45 32.24 -25.15
N GLY B 781 28.63 32.38 -26.18
CA GLY B 781 28.34 31.28 -27.08
C GLY B 781 27.51 30.22 -26.39
N GLU B 782 27.20 29.17 -27.13
CA GLU B 782 26.37 28.11 -26.58
C GLU B 782 27.16 27.27 -25.58
N PRO B 783 26.57 26.95 -24.42
CA PRO B 783 27.27 26.07 -23.46
C PRO B 783 27.80 24.82 -24.15
N THR B 784 28.95 24.36 -23.68
CA THR B 784 29.59 23.17 -24.28
C THR B 784 29.92 22.09 -23.27
N HIS B 785 30.34 22.45 -22.05
CA HIS B 785 30.51 21.46 -21.00
C HIS B 785 29.19 20.76 -20.73
N ILE B 786 29.25 19.45 -20.48
CA ILE B 786 28.02 18.68 -20.42
C ILE B 786 27.11 19.19 -19.31
N ILE B 787 27.67 19.54 -18.16
CA ILE B 787 26.77 20.04 -17.13
C ILE B 787 26.18 21.38 -17.54
N ASP B 788 26.99 22.26 -18.13
CA ASP B 788 26.49 23.53 -18.68
C ASP B 788 25.41 23.26 -19.73
N TYR B 789 25.63 22.26 -20.58
CA TYR B 789 24.68 22.00 -21.65
C TYR B 789 23.34 21.54 -21.10
N LEU B 790 23.35 20.63 -20.13
CA LEU B 790 22.09 20.13 -19.59
C LEU B 790 21.36 21.21 -18.81
N LYS B 791 22.08 21.97 -17.98
CA LYS B 791 21.42 22.95 -17.14
C LYS B 791 20.91 24.14 -17.93
N PHE B 792 21.66 24.57 -18.95
CA PHE B 792 21.38 25.84 -19.64
C PHE B 792 20.80 25.69 -21.03
N SER B 793 21.11 24.61 -21.75
CA SER B 793 20.58 24.42 -23.08
C SER B 793 19.39 23.48 -23.13
N ILE B 794 19.24 22.61 -22.14
CA ILE B 794 18.12 21.69 -22.07
C ILE B 794 17.11 22.13 -21.01
N ALA B 795 17.54 22.19 -19.76
CA ALA B 795 16.59 22.47 -18.66
C ALA B 795 16.02 23.88 -18.63
N ARG B 796 16.87 24.90 -18.53
CA ARG B 796 16.38 26.30 -18.39
C ARG B 796 15.38 26.66 -19.49
N PRO B 797 15.64 26.42 -20.78
CA PRO B 797 14.68 26.83 -21.79
C PRO B 797 13.31 26.16 -21.59
N ALA B 798 13.31 24.88 -21.22
CA ALA B 798 12.04 24.16 -20.97
C ALA B 798 11.31 24.78 -19.77
N ILE B 799 12.06 25.04 -18.70
CA ILE B 799 11.44 25.64 -17.49
C ILE B 799 10.90 27.02 -17.86
N ASP B 800 11.67 27.79 -18.62
CA ASP B 800 11.25 29.16 -19.01
C ASP B 800 9.97 29.07 -19.84
N LYS B 801 9.86 28.06 -20.70
CA LYS B 801 8.65 27.90 -21.54
C LYS B 801 7.42 27.67 -20.65
N GLU B 802 7.52 26.81 -19.63
CA GLU B 802 6.37 26.64 -18.71
C GLU B 802 6.10 27.95 -17.95
N LEU B 803 7.16 28.62 -17.50
CA LEU B 803 6.97 29.85 -16.69
C LEU B 803 6.24 30.89 -17.55
N GLU B 804 6.62 30.99 -18.82
CA GLU B 804 5.94 31.93 -19.76
C GLU B 804 4.50 31.49 -19.92
N ALA B 805 4.27 30.18 -20.05
CA ALA B 805 2.88 29.66 -20.14
C ALA B 805 2.12 30.05 -18.87
N PHE B 806 2.73 29.82 -17.71
CA PHE B 806 2.09 30.17 -16.43
C PHE B 806 1.88 31.69 -16.34
N HIS B 807 2.86 32.47 -16.78
CA HIS B 807 2.77 33.95 -16.73
C HIS B 807 1.62 34.42 -17.61
N ASN B 808 1.41 33.72 -18.72
CA ASN B 808 0.36 34.14 -19.70
C ASN B 808 -0.98 34.11 -18.96
N MET B 810 -2.98 32.94 -16.55
CA MET B 810 -2.91 33.90 -15.41
C MET B 810 -3.40 35.26 -15.88
N LYS B 811 -2.64 35.90 -16.77
CA LYS B 811 -3.08 37.20 -17.36
C LYS B 811 -4.36 36.92 -18.13
N ALA B 812 -4.45 35.75 -18.75
CA ALA B 812 -5.63 35.40 -19.57
C ALA B 812 -6.88 35.39 -18.69
N ALA B 813 -6.79 34.88 -17.46
CA ALA B 813 -7.94 34.96 -16.54
C ALA B 813 -7.55 35.74 -15.28
N ASP B 818 -16.76 32.69 -16.24
CA ASP B 818 -16.08 31.43 -16.63
C ASP B 818 -14.64 31.45 -16.13
N GLY B 819 -14.45 31.71 -14.83
CA GLY B 819 -13.10 31.80 -14.25
C GLY B 819 -13.11 31.67 -12.74
N ALA B 820 -11.92 31.54 -12.13
CA ALA B 820 -11.84 31.50 -10.66
C ALA B 820 -12.12 32.88 -10.10
N HIS B 821 -12.91 32.95 -9.03
CA HIS B 821 -13.27 34.25 -8.43
C HIS B 821 -13.19 34.13 -6.90
N PHE B 822 -12.93 35.24 -6.22
CA PHE B 822 -12.94 35.23 -4.74
C PHE B 822 -14.37 34.98 -4.25
N TRP B 823 -15.36 35.57 -4.90
CA TRP B 823 -16.75 35.49 -4.40
C TRP B 823 -17.28 34.06 -4.38
N ASP B 824 -17.89 33.67 -3.26
CA ASP B 824 -18.58 32.36 -3.17
C ASP B 824 -19.89 32.64 -2.45
N PRO B 825 -21.03 32.53 -3.12
CA PRO B 825 -22.30 32.81 -2.48
C PRO B 825 -22.54 31.90 -1.26
N ASP B 826 -21.88 30.74 -1.23
CA ASP B 826 -22.05 29.83 -0.10
C ASP B 826 -21.51 30.44 1.19
N LEU B 827 -20.38 31.16 1.10
CA LEU B 827 -19.70 31.68 2.28
C LEU B 827 -20.42 32.83 2.95
N ALA B 828 -21.40 33.46 2.30
CA ALA B 828 -22.18 34.53 2.91
C ALA B 828 -23.50 34.02 3.51
N SER B 829 -23.73 32.72 3.47
CA SER B 829 -25.01 32.16 3.92
C SER B 829 -25.37 32.60 5.34
N TYR B 830 -24.43 32.46 6.28
CA TYR B 830 -24.74 32.86 7.66
C TYR B 830 -24.97 34.36 7.77
N TYR B 831 -24.23 35.15 6.98
CA TYR B 831 -24.43 36.60 6.97
C TYR B 831 -25.85 36.96 6.55
N THR B 832 -26.27 36.48 5.38
CA THR B 832 -27.64 36.72 4.91
C THR B 832 -28.67 36.23 5.93
N PHE B 833 -28.47 35.03 6.47
CA PHE B 833 -29.38 34.48 7.48
C PHE B 833 -29.61 35.47 8.61
N PHE B 834 -28.52 35.94 9.23
CA PHE B 834 -28.65 36.83 10.37
C PHE B 834 -29.10 38.22 9.95
N LYS B 835 -28.87 38.61 8.70
CA LYS B 835 -29.38 39.93 8.22
C LYS B 835 -30.91 39.92 8.22
N GLU B 836 -31.52 38.83 7.77
CA GLU B 836 -33.00 38.72 7.73
C GLU B 836 -33.57 38.81 9.16
N ILE B 837 -32.95 38.12 10.12
CA ILE B 837 -33.39 38.19 11.54
C ILE B 837 -33.18 39.62 12.06
N SER B 838 -32.05 40.24 11.70
CA SER B 838 -31.72 41.61 12.19
C SER B 838 -32.75 42.62 11.69
N ASP B 839 -33.22 42.47 10.45
CA ASP B 839 -34.16 43.46 9.86
C ASP B 839 -35.45 43.51 10.69
N LYS B 840 -35.90 42.35 11.19
CA LYS B 840 -37.16 42.29 11.98
C LYS B 840 -36.92 42.46 13.49
N SER B 841 -35.67 42.47 13.97
CA SER B 841 -35.45 42.70 15.42
C SER B 841 -34.35 43.74 15.69
N ARG B 842 -34.67 44.78 16.46
CA ARG B 842 -33.65 45.80 16.85
C ARG B 842 -32.59 45.16 17.76
N SER B 843 -33.02 44.31 18.69
CA SER B 843 -32.07 43.69 19.66
C SER B 843 -30.99 42.93 18.89
N SER B 844 -31.39 42.09 17.94
CA SER B 844 -30.43 41.29 17.14
C SER B 844 -29.62 42.21 16.20
N ALA B 845 -30.23 43.28 15.70
CA ALA B 845 -29.54 44.23 14.78
C ALA B 845 -28.38 44.92 15.49
N LEU B 846 -28.57 45.28 16.76
CA LEU B 846 -27.49 45.96 17.51
C LEU B 846 -26.30 45.00 17.60
N LEU B 847 -26.55 43.73 17.90
CA LEU B 847 -25.46 42.73 18.02
C LEU B 847 -24.77 42.62 16.67
N PHE B 848 -25.56 42.61 15.60
CA PHE B 848 -25.00 42.46 14.23
C PHE B 848 -24.12 43.66 13.89
N THR B 849 -24.57 44.86 14.25
CA THR B 849 -23.82 46.09 13.90
C THR B 849 -22.53 46.09 14.71
N THR B 850 -22.64 45.74 15.98
CA THR B 850 -21.43 45.62 16.80
C THR B 850 -20.45 44.64 16.16
N LEU B 851 -20.95 43.46 15.79
CA LEU B 851 -20.10 42.46 15.16
C LEU B 851 -19.45 43.03 13.89
N LYS B 852 -20.25 43.64 13.02
CA LYS B 852 -19.71 44.23 11.78
C LYS B 852 -18.62 45.24 12.08
N ASN B 853 -18.82 46.05 13.12
CA ASN B 853 -17.85 47.09 13.45
C ASN B 853 -16.57 46.50 14.01
N ARG B 854 -16.69 45.63 15.01
CA ARG B 854 -15.49 45.04 15.61
C ARG B 854 -14.66 44.31 14.57
N ILE B 855 -15.30 43.63 13.62
CA ILE B 855 -14.56 43.01 12.52
C ILE B 855 -13.79 44.07 11.74
N GLY B 856 -14.42 45.22 11.49
CA GLY B 856 -13.75 46.28 10.75
C GLY B 856 -12.49 46.76 11.44
N GLU B 857 -12.57 46.96 12.75
CA GLU B 857 -11.39 47.33 13.52
C GLU B 857 -10.26 46.32 13.31
N VAL B 858 -10.58 45.03 13.41
CA VAL B 858 -9.55 44.00 13.32
C VAL B 858 -8.95 43.94 11.91
N GLU B 859 -9.76 44.18 10.89
CA GLU B 859 -9.22 44.21 9.53
C GLU B 859 -8.24 45.36 9.34
N LYS B 860 -8.46 46.48 10.05
CA LYS B 860 -7.48 47.56 9.98
C LYS B 860 -6.19 47.19 10.70
N GLU B 861 -6.30 46.48 11.83
CA GLU B 861 -5.09 46.02 12.51
C GLU B 861 -4.33 44.98 11.67
N TYR B 862 -5.03 44.18 10.87
CA TYR B 862 -4.34 43.25 9.98
C TYR B 862 -3.55 44.02 8.93
N GLY B 863 -4.16 45.05 8.33
CA GLY B 863 -3.43 45.88 7.39
C GLY B 863 -2.21 46.52 8.02
N ARG B 864 -2.29 46.87 9.30
CA ARG B 864 -1.18 47.54 9.98
C ARG B 864 -0.05 46.57 10.30
N LEU B 865 -0.39 45.40 10.85
CA LEU B 865 0.64 44.50 11.39
C LEU B 865 1.06 43.40 10.44
N VAL B 866 0.31 43.13 9.37
CA VAL B 866 0.54 41.96 8.54
C VAL B 866 0.95 42.34 7.12
N LYS B 867 0.33 43.35 6.54
CA LYS B 867 0.67 43.79 5.19
C LYS B 867 1.83 44.78 5.25
N LYS B 869 4.84 44.76 7.60
CA LYS B 869 5.67 45.33 8.70
C LYS B 869 6.99 44.53 8.78
N GLU B 870 7.51 44.10 7.64
CA GLU B 870 8.74 43.27 7.65
C GLU B 870 9.83 43.97 8.47
N ASP B 876 7.19 41.06 16.58
CA ASP B 876 8.22 41.30 15.53
C ASP B 876 8.10 40.30 14.37
N PRO B 877 8.33 38.97 14.51
CA PRO B 877 8.29 38.06 13.36
C PRO B 877 6.87 37.83 12.78
N TYR B 878 6.78 37.37 11.52
CA TYR B 878 5.46 37.23 10.83
C TYR B 878 4.49 36.29 11.56
N PRO B 879 4.88 35.10 12.04
CA PRO B 879 3.95 34.27 12.80
C PRO B 879 3.39 35.05 14.00
N VAL B 880 4.27 35.70 14.76
CA VAL B 880 3.84 36.43 15.94
C VAL B 880 2.81 37.49 15.59
N ARG B 881 3.03 38.20 14.47
CA ARG B 881 2.15 39.31 14.12
C ARG B 881 0.78 38.80 13.66
N VAL B 882 0.76 37.76 12.83
CA VAL B 882 -0.52 37.15 12.46
C VAL B 882 -1.27 36.73 13.72
N ASN B 883 -0.58 36.02 14.62
CA ASN B 883 -1.23 35.58 15.85
C ASN B 883 -1.78 36.75 16.64
N GLN B 884 -1.06 37.87 16.64
CA GLN B 884 -1.53 39.04 17.38
C GLN B 884 -2.90 39.49 16.89
N VAL B 885 -3.09 39.54 15.57
CA VAL B 885 -4.42 39.87 15.05
C VAL B 885 -5.40 38.73 15.35
N TYR B 886 -4.95 37.47 15.19
CA TYR B 886 -5.82 36.35 15.48
C TYR B 886 -6.35 36.41 16.90
N GLU B 887 -5.52 36.85 17.85
CA GLU B 887 -5.97 36.98 19.23
C GLU B 887 -7.06 38.04 19.34
N LYS B 888 -6.88 39.18 18.66
CA LYS B 888 -7.92 40.20 18.66
C LYS B 888 -9.17 39.69 17.95
N TRP B 889 -8.98 38.96 16.83
CA TRP B 889 -10.11 38.41 16.11
C TRP B 889 -10.92 37.47 16.99
N CYS B 890 -10.24 36.51 17.64
CA CYS B 890 -10.93 35.54 18.48
C CYS B 890 -11.62 36.20 19.67
N ALA B 891 -11.20 37.41 20.04
CA ALA B 891 -11.86 38.11 21.13
C ALA B 891 -13.21 38.69 20.74
N ILE B 892 -13.48 38.81 19.44
CA ILE B 892 -14.77 39.32 18.99
C ILE B 892 -15.84 38.34 19.43
N THR B 893 -16.55 38.69 20.51
CA THR B 893 -17.47 37.79 21.18
C THR B 893 -18.81 38.48 21.38
N PRO B 894 -19.90 37.71 21.46
CA PRO B 894 -21.20 38.30 21.82
C PRO B 894 -21.25 38.77 23.27
N SER B 906 -30.50 36.02 26.92
CA SER B 906 -31.05 35.97 25.54
C SER B 906 -30.84 34.58 24.97
N LYS B 907 -31.91 33.98 24.44
CA LYS B 907 -31.80 32.65 23.83
C LYS B 907 -30.85 32.76 22.62
N VAL B 908 -30.89 33.89 21.92
CA VAL B 908 -30.05 34.07 20.70
C VAL B 908 -28.57 33.96 21.08
N ILE B 909 -28.14 34.61 22.15
CA ILE B 909 -26.70 34.59 22.52
C ILE B 909 -26.30 33.16 22.91
N ARG B 910 -27.14 32.47 23.68
CA ARG B 910 -26.82 31.11 24.16
C ARG B 910 -26.73 30.16 22.96
N LEU B 911 -27.64 30.30 22.01
CA LEU B 911 -27.63 29.44 20.80
C LEU B 911 -26.43 29.82 19.91
N LEU B 912 -26.04 31.09 19.89
CA LEU B 912 -24.88 31.45 19.11
C LEU B 912 -23.59 30.97 19.75
N GLU B 913 -23.48 31.13 21.08
CA GLU B 913 -22.21 30.91 21.77
C GLU B 913 -21.97 29.45 22.15
N LEU B 914 -23.03 28.67 22.35
CA LEU B 914 -22.90 27.27 22.71
C LEU B 914 -21.81 27.07 23.77
N SER B 915 -22.01 27.73 24.92
CA SER B 915 -20.98 27.79 25.96
C SER B 915 -20.44 26.42 26.36
N PHE B 916 -21.26 25.38 26.31
CA PHE B 916 -20.80 24.05 26.68
C PHE B 916 -19.64 23.57 25.83
N LEU B 917 -19.36 24.23 24.71
CA LEU B 917 -18.26 23.81 23.86
C LEU B 917 -16.98 24.42 24.40
N ALA B 918 -15.98 23.58 24.64
CA ALA B 918 -14.76 24.08 25.24
C ALA B 918 -13.99 24.95 24.26
N ASP B 919 -14.17 24.71 22.96
CA ASP B 919 -13.46 25.40 21.90
C ASP B 919 -14.45 26.35 21.21
N ARG B 920 -14.37 27.63 21.54
CA ARG B 920 -15.33 28.60 21.02
C ARG B 920 -15.23 28.76 19.51
N GLU B 921 -14.10 28.40 18.91
CA GLU B 921 -13.99 28.44 17.46
C GLU B 921 -14.89 27.40 16.77
N MET B 922 -15.60 26.57 17.55
CA MET B 922 -16.46 25.55 17.00
C MET B 922 -17.93 25.89 17.14
N ASN B 923 -18.26 27.07 17.69
CA ASN B 923 -19.64 27.44 17.90
C ASN B 923 -20.17 28.26 16.71
N THR B 924 -21.48 28.45 16.72
CA THR B 924 -22.19 29.08 15.61
C THR B 924 -21.80 30.55 15.47
N TRP B 925 -21.41 31.19 16.57
CA TRP B 925 -20.91 32.55 16.46
C TRP B 925 -19.68 32.61 15.58
N ALA B 926 -18.80 31.63 15.71
CA ALA B 926 -17.61 31.62 14.87
C ALA B 926 -18.00 31.59 13.40
N LEU B 927 -18.97 30.75 13.04
CA LEU B 927 -19.42 30.70 11.64
C LEU B 927 -19.94 32.06 11.20
N LEU B 928 -20.84 32.64 12.01
CA LEU B 928 -21.42 33.93 11.68
C LEU B 928 -20.34 34.98 11.48
N ARG B 929 -19.37 35.02 12.40
CA ARG B 929 -18.29 36.01 12.28
C ARG B 929 -17.51 35.81 11.00
N ALA B 930 -17.23 34.56 10.65
CA ALA B 930 -16.48 34.28 9.43
C ALA B 930 -17.29 34.69 8.19
N SER B 931 -18.58 34.35 8.18
CA SER B 931 -19.44 34.70 7.05
C SER B 931 -19.54 36.22 6.89
N THR B 932 -19.73 36.94 7.99
CA THR B 932 -19.89 38.39 7.94
C THR B 932 -18.61 39.07 7.54
N ALA B 933 -17.48 38.60 8.04
CA ALA B 933 -16.20 39.11 7.56
C ALA B 933 -16.03 38.83 6.08
N PHE B 934 -16.37 37.61 5.64
CA PHE B 934 -16.22 37.30 4.22
C PHE B 934 -17.08 38.23 3.37
N LYS B 935 -18.31 38.47 3.80
CA LYS B 935 -19.23 39.28 3.02
C LYS B 935 -18.69 40.68 2.83
N LEU B 936 -18.04 41.22 3.86
CA LEU B 936 -17.64 42.63 3.86
C LEU B 936 -16.25 42.86 3.29
N TYR B 937 -15.38 41.85 3.24
CA TYR B 937 -13.99 42.07 2.87
C TYR B 937 -13.47 41.10 1.82
N TYR B 938 -14.35 40.37 1.13
CA TYR B 938 -13.87 39.30 0.24
C TYR B 938 -13.12 39.84 -0.96
N HIS B 939 -13.48 41.01 -1.46
CA HIS B 939 -12.77 41.59 -2.59
C HIS B 939 -11.72 42.61 -2.16
N LYS B 940 -12.04 43.45 -1.17
CA LYS B 940 -11.08 44.43 -0.66
C LYS B 940 -9.82 43.75 -0.13
N SER B 941 -9.96 43.01 0.97
CA SER B 941 -8.85 42.35 1.65
C SER B 941 -9.15 40.87 1.85
N PRO B 942 -8.95 40.06 0.81
CA PRO B 942 -9.26 38.62 0.92
C PRO B 942 -8.29 37.85 1.81
N LYS B 943 -7.01 38.22 1.87
CA LYS B 943 -6.09 37.42 2.69
C LYS B 943 -6.44 37.53 4.16
N PHE B 944 -6.81 38.72 4.62
CA PHE B 944 -7.26 38.86 6.01
C PHE B 944 -8.38 37.87 6.33
N VAL B 945 -9.39 37.79 5.47
CA VAL B 945 -10.54 36.95 5.77
C VAL B 945 -10.12 35.49 5.88
N TRP B 946 -9.35 35.01 4.89
CA TRP B 946 -8.98 33.60 4.84
C TRP B 946 -7.95 33.22 5.90
N GLN B 947 -7.04 34.14 6.24
N GLN B 947 -7.04 34.14 6.24
CA GLN B 947 -6.06 33.84 7.28
CA GLN B 947 -6.06 33.83 7.29
C GLN B 947 -6.71 33.86 8.66
C GLN B 947 -6.70 33.86 8.67
N MET B 948 -7.65 34.77 8.89
CA MET B 948 -8.34 34.82 10.17
C MET B 948 -9.38 33.70 10.29
N ALA B 949 -10.12 33.41 9.19
CA ALA B 949 -11.32 32.57 9.26
C ALA B 949 -11.32 31.36 8.32
N GLY B 950 -10.22 31.06 7.63
CA GLY B 950 -10.20 29.89 6.76
C GLY B 950 -10.92 28.68 7.35
N ARG B 951 -10.62 28.40 8.61
CA ARG B 951 -11.18 27.23 9.30
C ARG B 951 -12.71 27.21 9.21
N GLN B 952 -13.35 28.31 9.59
CA GLN B 952 -14.80 28.33 9.60
C GLN B 952 -15.39 28.44 8.20
N LEU B 953 -14.65 29.04 7.26
CA LEU B 953 -15.11 29.07 5.88
C LEU B 953 -15.17 27.67 5.31
N ALA B 954 -14.17 26.83 5.62
CA ALA B 954 -14.26 25.42 5.28
C ALA B 954 -15.49 24.76 5.92
N TYR B 955 -15.78 25.07 7.19
CA TYR B 955 -16.96 24.50 7.83
C TYR B 955 -18.22 24.88 7.04
N ILE B 956 -18.41 26.18 6.80
CA ILE B 956 -19.57 26.67 6.07
C ILE B 956 -19.66 25.97 4.71
N LYS B 957 -18.55 25.88 4.00
CA LYS B 957 -18.55 25.27 2.68
C LYS B 957 -19.00 23.82 2.73
N ALA B 958 -18.44 23.05 3.67
CA ALA B 958 -18.86 21.66 3.85
C ALA B 958 -20.34 21.58 4.18
N GLN B 959 -20.83 22.44 5.07
CA GLN B 959 -22.25 22.43 5.40
C GLN B 959 -23.09 22.71 4.15
N MET B 960 -22.71 23.74 3.40
CA MET B 960 -23.55 24.25 2.31
C MET B 960 -23.61 23.27 1.15
N THR B 961 -22.50 22.58 0.88
CA THR B 961 -22.48 21.70 -0.28
C THR B 961 -23.05 20.33 0.02
N SER B 962 -23.49 20.09 1.25
CA SER B 962 -24.10 18.80 1.57
C SER B 962 -25.48 18.72 0.93
N ARG B 963 -25.83 17.54 0.44
CA ARG B 963 -27.09 17.38 -0.25
C ARG B 963 -27.86 16.22 0.36
N PRO B 964 -29.15 16.38 0.61
CA PRO B 964 -29.92 15.34 1.31
C PRO B 964 -29.82 14.01 0.56
N GLY B 965 -29.55 12.95 1.32
CA GLY B 965 -29.36 11.64 0.71
C GLY B 965 -28.22 11.56 -0.26
N GLU B 966 -27.19 12.38 -0.11
CA GLU B 966 -26.00 12.26 -0.94
C GLU B 966 -24.76 11.97 -0.07
N GLY B 967 -24.95 11.14 0.96
CA GLY B 967 -23.88 10.81 1.88
C GLY B 967 -23.76 11.83 2.99
N ALA B 968 -22.81 11.58 3.88
CA ALA B 968 -22.68 12.40 5.07
C ALA B 968 -21.31 13.03 5.14
N PRO B 969 -21.22 14.35 5.29
CA PRO B 969 -19.94 14.97 5.67
C PRO B 969 -19.50 14.43 7.03
N ALA B 970 -18.19 14.26 7.19
CA ALA B 970 -17.59 13.76 8.42
C ALA B 970 -16.79 14.85 9.11
N LEU B 971 -17.01 15.03 10.42
CA LEU B 971 -16.26 15.99 11.23
C LEU B 971 -15.11 15.27 11.92
N MET B 972 -13.92 15.27 11.28
CA MET B 972 -12.73 14.64 11.84
C MET B 972 -12.14 15.47 12.97
N THR B 973 -11.68 14.80 14.04
CA THR B 973 -10.84 15.48 15.02
C THR B 973 -9.48 15.81 14.39
N ALA B 974 -8.82 16.82 14.96
CA ALA B 974 -7.53 17.26 14.41
C ALA B 974 -6.55 16.09 14.34
N PHE B 975 -6.48 15.30 15.41
CA PHE B 975 -5.54 14.18 15.42
C PHE B 975 -5.90 13.16 14.33
N MET B 976 -7.15 12.69 14.32
CA MET B 976 -7.54 11.66 13.35
C MET B 976 -7.44 12.18 11.92
N TYR B 977 -7.69 13.46 11.70
CA TYR B 977 -7.48 14.01 10.35
C TYR B 977 -6.02 13.87 9.92
N ALA B 978 -5.07 14.07 10.86
CA ALA B 978 -3.67 14.10 10.47
C ALA B 978 -3.14 12.74 10.03
N GLY B 979 -3.70 11.67 10.57
CA GLY B 979 -3.25 10.34 10.24
C GLY B 979 -3.78 9.77 8.94
N LEU B 980 -4.60 10.50 8.19
CA LEU B 980 -5.13 10.03 6.91
C LEU B 980 -4.30 10.59 5.76
N MET B 981 -4.31 9.87 4.64
CA MET B 981 -3.62 10.31 3.43
C MET B 981 -4.48 10.01 2.22
N PRO B 982 -4.20 10.67 1.09
CA PRO B 982 -4.98 10.40 -0.12
C PRO B 982 -4.75 8.97 -0.62
N ASP B 983 -5.82 8.37 -1.13
CA ASP B 983 -5.80 7.00 -1.64
C ASP B 983 -5.54 7.06 -3.14
N LYS B 984 -4.31 6.71 -3.54
CA LYS B 984 -3.92 6.81 -4.95
C LYS B 984 -4.83 5.97 -5.84
N LYS B 985 -5.27 4.79 -5.35
CA LYS B 985 -6.10 3.91 -6.16
C LYS B 985 -7.52 4.46 -6.33
N PHE B 986 -8.04 5.10 -5.29
CA PHE B 986 -9.35 5.74 -5.41
C PHE B 986 -9.33 6.83 -6.50
N THR B 987 -8.28 7.63 -6.52
CA THR B 987 -8.28 8.74 -7.50
C THR B 987 -8.31 8.16 -8.92
N LYS B 988 -7.41 7.22 -9.21
CA LYS B 988 -7.33 6.68 -10.59
C LYS B 988 -8.64 5.99 -10.94
N GLN B 989 -9.16 5.16 -10.03
CA GLN B 989 -10.40 4.41 -10.32
C GLN B 989 -11.58 5.38 -10.48
N TYR B 990 -11.72 6.37 -9.59
CA TYR B 990 -12.88 7.28 -9.67
C TYR B 990 -12.79 8.10 -10.96
N VAL B 991 -11.58 8.57 -11.27
CA VAL B 991 -11.38 9.46 -12.46
C VAL B 991 -11.75 8.69 -13.73
N ALA B 992 -11.38 7.41 -13.79
CA ALA B 992 -11.69 6.58 -14.97
C ALA B 992 -13.20 6.48 -15.14
N ARG B 993 -13.93 6.31 -14.05
CA ARG B 993 -15.40 6.19 -14.13
C ARG B 993 -15.95 7.50 -14.69
N LEU B 994 -15.36 8.63 -14.31
CA LEU B 994 -15.87 9.96 -14.75
C LEU B 994 -15.20 10.36 -16.05
#